data_7UWL
#
_entry.id   7UWL
#
_cell.length_a   1.00
_cell.length_b   1.00
_cell.length_c   1.00
_cell.angle_alpha   90.00
_cell.angle_beta   90.00
_cell.angle_gamma   90.00
#
_symmetry.space_group_name_H-M   'P 1'
#
loop_
_entity.id
_entity.type
_entity.pdbx_description
1 polymer Interleukin-25
2 polymer 'Interleukin-17 receptor B'
3 polymer 'Interleukin-17 receptor A'
4 branched 2-acetamido-2-deoxy-beta-D-glucopyranose-(1-4)-2-acetamido-2-deoxy-beta-D-glucopyranose
5 non-polymer 2-acetamido-2-deoxy-beta-D-glucopyranose
#
loop_
_entity_poly.entity_id
_entity_poly.type
_entity_poly.pdbx_seq_one_letter_code
_entity_poly.pdbx_strand_id
1 'polypeptide(L)'
;DASATHTYSHWPSCCPSKGQDTSEELLRWSTVPVPPLEPARPNRHPESCRASEDGPLNSRAISPWRYELDRDLNRLPQDL
YHARCLCPHCVSLQTGSHMDPRGNSELLYHNQTVFYRRPCHGEKGTHKGYCLERRLYRVSLACVCVRPRVMGAPAALEVL
FQGPGAAGLNDIFEAQKIEWHEHHHHHH
;
A,B
2 'polypeptide(L)'
;REPTVQCGSETGPSPEWMLQHDLIPGDLRDLRVEPVTTSVATGDYSILMNVSWVLRADASIRLLKATKICVTGKSNFQSY
SCVRCNYTEAFQTQTRPSGGKWTFSYIGFPVELNTVYFIGAHNIPNANMNEDGPSMSVNFTSPGCLDHIMKYKKKCVKAG
SLWDPNITACKKNEETVEVNFTTTPLGNRYMALIQHSTIIGFSQVFEPHQKKQTRASVVIPVTGDSEGATVQLTPYFPTC
GSDCIRHKGTVVLCPQTGVPFPLDNNKSKPGAAALEVLFQGPGAAEDQVDPRLIDGKHHHHHHHH
;
C,D
3 'polypeptide(L)'
;LRLLDHRALVCSQPGLNCTVKNSTCLDDSWIHPRNLTPSSPKDLQIQLHFAHTQQGDLFPVAHIEWTLQTDASILYLEGA
ELSVLQLNTNERLCVRFEFLSKLRHHHRRWRFTFSHFVVDPDQEYEVTVHHLPKPIPDGDPNHQSKNFLVPDCEHARMKV
TTPCMSSGSLWDPNITVETLEAHQLRVSFTLWNESTHYQILLTSFPHMENHSCFEHMHHIPAPRPEEFHQRSNVTLTLRN
LKGCCRHQVQIQPFFSSCLNDCLRHSATVSCPEMPDTPEPIPDYMSAALEVLFQGPGAAEDQVDPRLIDGKHHHHHHHH
;
E,F
#
loop_
_chem_comp.id
_chem_comp.type
_chem_comp.name
_chem_comp.formula
NAG D-saccharide, beta linking 2-acetamido-2-deoxy-beta-D-glucopyranose 'C8 H15 N O6'
#
# COMPACT_ATOMS: atom_id res chain seq x y z
N SER A 48 -22.08 -2.69 -9.40
CA SER A 48 -20.76 -3.31 -9.54
C SER A 48 -20.01 -3.28 -8.22
N CYS A 49 -20.42 -2.40 -7.31
CA CYS A 49 -19.79 -2.30 -6.00
C CYS A 49 -20.34 -3.39 -5.10
N ARG A 50 -19.47 -4.30 -4.65
CA ARG A 50 -19.90 -5.41 -3.82
C ARG A 50 -18.75 -5.82 -2.91
N ALA A 51 -19.12 -6.39 -1.76
CA ALA A 51 -18.16 -6.94 -0.81
C ALA A 51 -18.51 -8.38 -0.52
N SER A 52 -17.51 -9.27 -0.60
CA SER A 52 -17.74 -10.69 -0.41
C SER A 52 -17.60 -11.03 1.07
N GLU A 53 -17.57 -12.33 1.37
CA GLU A 53 -17.44 -12.82 2.73
C GLU A 53 -16.15 -13.58 2.99
N ASP A 54 -15.53 -14.14 1.96
CA ASP A 54 -14.30 -14.90 2.12
C ASP A 54 -13.36 -14.58 0.96
N GLY A 55 -12.16 -15.14 1.04
CA GLY A 55 -11.16 -14.90 0.03
C GLY A 55 -10.15 -13.86 0.48
N PRO A 56 -9.33 -13.37 -0.44
CA PRO A 56 -8.33 -12.36 -0.08
C PRO A 56 -8.94 -10.99 0.16
N LEU A 57 -8.09 -9.99 0.43
CA LEU A 57 -8.58 -8.66 0.79
C LEU A 57 -9.24 -7.94 -0.37
N ASN A 58 -8.79 -8.18 -1.60
CA ASN A 58 -9.32 -7.43 -2.73
C ASN A 58 -10.81 -7.66 -2.93
N SER A 59 -11.31 -8.83 -2.53
CA SER A 59 -12.74 -9.11 -2.58
C SER A 59 -13.42 -8.89 -1.24
N ARG A 60 -12.67 -8.43 -0.24
CA ARG A 60 -13.22 -8.25 1.09
C ARG A 60 -12.98 -6.86 1.67
N ALA A 61 -12.31 -5.98 0.94
CA ALA A 61 -12.04 -4.63 1.42
C ALA A 61 -13.20 -3.70 1.09
N ILE A 62 -13.33 -2.65 1.90
CA ILE A 62 -14.39 -1.67 1.69
C ILE A 62 -14.18 -0.93 0.37
N SER A 63 -12.92 -0.69 0.01
CA SER A 63 -12.55 -0.12 -1.28
C SER A 63 -11.87 -1.18 -2.13
N PRO A 64 -12.63 -2.04 -2.81
CA PRO A 64 -12.01 -3.15 -3.53
C PRO A 64 -11.26 -2.69 -4.77
N TRP A 65 -10.23 -3.44 -5.12
CA TRP A 65 -9.43 -3.17 -6.31
C TRP A 65 -9.21 -4.43 -7.12
N ARG A 66 -9.38 -4.31 -8.42
CA ARG A 66 -9.10 -5.39 -9.37
C ARG A 66 -7.67 -5.25 -9.88
N TYR A 67 -7.28 -6.16 -10.75
CA TYR A 67 -5.92 -6.20 -11.27
C TYR A 67 -5.95 -6.17 -12.79
N GLU A 68 -5.28 -5.17 -13.36
CA GLU A 68 -5.12 -5.04 -14.80
C GLU A 68 -3.77 -5.62 -15.23
N LEU A 69 -3.53 -5.61 -16.54
CA LEU A 69 -2.38 -6.28 -17.12
C LEU A 69 -1.53 -5.28 -17.88
N ASP A 70 -0.24 -5.25 -17.57
CA ASP A 70 0.73 -4.38 -18.24
C ASP A 70 1.78 -5.30 -18.87
N ARG A 71 1.62 -5.57 -20.16
CA ARG A 71 2.48 -6.52 -20.86
C ARG A 71 3.59 -5.79 -21.59
N ASP A 72 4.79 -6.35 -21.55
CA ASP A 72 5.95 -5.77 -22.20
C ASP A 72 6.90 -6.92 -22.51
N LEU A 73 7.82 -6.68 -23.44
CA LEU A 73 8.74 -7.73 -23.89
C LEU A 73 10.09 -7.68 -23.18
N ASN A 74 10.49 -6.53 -22.65
CA ASN A 74 11.85 -6.36 -22.12
C ASN A 74 11.81 -5.78 -20.71
N ARG A 75 11.02 -6.40 -19.84
CA ARG A 75 10.85 -5.90 -18.48
C ARG A 75 10.87 -7.06 -17.50
N LEU A 76 11.40 -6.81 -16.30
CA LEU A 76 11.35 -7.76 -15.19
C LEU A 76 10.36 -7.28 -14.15
N PRO A 77 9.23 -7.97 -13.95
CA PRO A 77 8.78 -9.16 -14.67
C PRO A 77 8.15 -8.79 -16.00
N GLN A 78 7.81 -9.78 -16.84
CA GLN A 78 7.12 -9.48 -18.08
C GLN A 78 5.76 -8.85 -17.81
N ASP A 79 5.03 -9.35 -16.82
CA ASP A 79 3.68 -8.91 -16.53
C ASP A 79 3.63 -8.25 -15.16
N LEU A 80 3.10 -7.03 -15.11
CA LEU A 80 2.82 -6.33 -13.88
C LEU A 80 1.33 -6.12 -13.74
N TYR A 81 0.86 -6.09 -12.50
CA TYR A 81 -0.57 -6.03 -12.21
C TYR A 81 -0.88 -4.83 -11.32
N HIS A 82 -1.41 -3.77 -11.93
CA HIS A 82 -1.82 -2.60 -11.17
C HIS A 82 -3.19 -2.80 -10.53
N ALA A 83 -3.66 -1.78 -9.83
CA ALA A 83 -4.94 -1.84 -9.13
C ALA A 83 -5.81 -0.68 -9.57
N ARG A 84 -7.07 -0.97 -9.87
CA ARG A 84 -8.05 0.03 -10.24
C ARG A 84 -9.26 -0.09 -9.32
N CYS A 85 -9.67 1.02 -8.73
CA CYS A 85 -10.76 1.03 -7.77
C CYS A 85 -12.09 0.98 -8.50
N LEU A 86 -12.81 -0.13 -8.37
CA LEU A 86 -14.02 -0.31 -9.16
C LEU A 86 -15.15 0.61 -8.73
N CYS A 87 -15.20 0.97 -7.46
CA CYS A 87 -16.27 1.82 -6.98
C CYS A 87 -15.78 3.24 -6.79
N PRO A 88 -16.54 4.25 -7.21
CA PRO A 88 -16.11 5.63 -6.97
C PRO A 88 -16.20 6.03 -5.51
N HIS A 89 -16.89 5.26 -4.68
CA HIS A 89 -17.03 5.54 -3.27
C HIS A 89 -16.86 4.24 -2.48
N CYS A 90 -16.82 4.39 -1.16
CA CYS A 90 -16.67 3.26 -0.26
C CYS A 90 -18.01 2.59 -0.01
N VAL A 91 -17.98 1.26 0.10
CA VAL A 91 -19.20 0.46 0.23
C VAL A 91 -19.69 0.47 1.68
N SER A 92 -20.91 0.01 1.90
CA SER A 92 -21.53 0.04 3.22
C SER A 92 -21.13 -1.17 4.05
N LEU A 93 -21.03 -0.95 5.36
CA LEU A 93 -20.64 -2.03 6.27
C LEU A 93 -21.79 -2.99 6.54
N GLN A 94 -23.03 -2.49 6.59
CA GLN A 94 -24.14 -3.33 7.02
C GLN A 94 -24.46 -4.44 6.03
N THR A 95 -24.28 -4.19 4.73
CA THR A 95 -24.69 -5.16 3.74
C THR A 95 -23.53 -5.66 2.88
N GLY A 96 -22.70 -4.77 2.35
CA GLY A 96 -21.62 -5.18 1.48
C GLY A 96 -21.95 -5.22 0.01
N SER A 97 -23.19 -4.97 -0.37
CA SER A 97 -23.60 -4.99 -1.77
C SER A 97 -24.07 -3.63 -2.28
N HIS A 98 -24.20 -2.64 -1.41
CA HIS A 98 -24.55 -1.29 -1.81
C HIS A 98 -23.42 -0.31 -1.51
N MET A 99 -23.61 0.91 -1.97
CA MET A 99 -22.62 1.97 -1.92
C MET A 99 -22.96 3.00 -0.83
N ASP A 100 -21.92 3.69 -0.37
CA ASP A 100 -22.05 4.75 0.62
C ASP A 100 -21.31 5.99 0.13
N PRO A 101 -22.02 7.10 -0.10
CA PRO A 101 -21.39 8.28 -0.71
C PRO A 101 -20.57 9.13 0.25
N ARG A 102 -20.55 8.84 1.55
CA ARG A 102 -19.81 9.66 2.50
C ARG A 102 -18.32 9.42 2.44
N GLY A 103 -17.81 8.73 1.41
CA GLY A 103 -16.41 8.42 1.33
C GLY A 103 -15.86 8.71 -0.06
N ASN A 104 -14.53 8.71 -0.13
CA ASN A 104 -13.83 8.87 -1.40
C ASN A 104 -12.77 7.77 -1.50
N SER A 105 -12.41 7.44 -2.73
CA SER A 105 -11.47 6.37 -3.00
C SER A 105 -10.20 6.93 -3.61
N GLU A 106 -9.06 6.47 -3.11
CA GLU A 106 -7.76 6.94 -3.58
C GLU A 106 -6.82 5.75 -3.70
N LEU A 107 -5.84 5.89 -4.59
CA LEU A 107 -4.88 4.83 -4.82
C LEU A 107 -3.65 5.05 -3.95
N LEU A 108 -2.75 4.08 -3.92
CA LEU A 108 -1.44 4.26 -3.32
C LEU A 108 -0.40 3.73 -4.30
N TYR A 109 0.73 4.40 -4.37
CA TYR A 109 1.80 4.06 -5.30
C TYR A 109 3.08 3.78 -4.54
N HIS A 110 4.00 3.05 -5.19
CA HIS A 110 5.33 2.84 -4.66
C HIS A 110 6.26 2.51 -5.82
N ASN A 111 7.53 2.83 -5.64
CA ASN A 111 8.54 2.60 -6.66
C ASN A 111 9.07 1.18 -6.53
N GLN A 112 9.08 0.44 -7.64
CA GLN A 112 9.52 -0.95 -7.66
C GLN A 112 10.66 -1.11 -8.64
N THR A 113 11.68 -1.86 -8.26
CA THR A 113 12.88 -2.01 -9.07
C THR A 113 12.61 -2.97 -10.22
N VAL A 114 12.75 -2.49 -11.45
CA VAL A 114 12.60 -3.30 -12.64
C VAL A 114 13.82 -3.05 -13.53
N PHE A 115 14.00 -3.94 -14.51
CA PHE A 115 15.15 -3.87 -15.41
C PHE A 115 14.68 -3.82 -16.86
N TYR A 116 15.43 -3.09 -17.67
CA TYR A 116 15.13 -2.91 -19.09
C TYR A 116 16.38 -3.23 -19.89
N ARG A 117 16.18 -3.58 -21.17
CA ARG A 117 17.30 -3.77 -22.07
C ARG A 117 17.22 -2.76 -23.21
N ARG A 118 18.37 -2.53 -23.84
CA ARG A 118 18.51 -1.47 -24.83
C ARG A 118 19.80 -1.73 -25.58
N PRO A 119 19.84 -1.52 -26.90
CA PRO A 119 21.07 -1.77 -27.65
C PRO A 119 22.11 -0.66 -27.45
N GLY A 129 24.15 -7.75 -29.68
CA GLY A 129 23.86 -8.07 -28.30
C GLY A 129 22.82 -7.17 -27.68
N TYR A 130 23.08 -6.72 -26.45
CA TYR A 130 22.17 -5.84 -25.72
C TYR A 130 22.90 -5.31 -24.50
N CYS A 131 22.24 -4.39 -23.80
CA CYS A 131 22.74 -3.85 -22.55
C CYS A 131 21.62 -3.82 -21.52
N LEU A 132 21.99 -3.91 -20.25
CA LEU A 132 21.04 -3.97 -19.15
C LEU A 132 21.07 -2.66 -18.39
N GLU A 133 19.89 -2.07 -18.18
CA GLU A 133 19.75 -0.82 -17.46
C GLU A 133 18.74 -1.00 -16.33
N ARG A 134 18.88 -0.18 -15.31
CA ARG A 134 18.02 -0.23 -14.15
C ARG A 134 17.21 1.07 -14.06
N ARG A 135 15.92 0.93 -13.80
CA ARG A 135 15.05 2.09 -13.65
C ARG A 135 13.85 1.67 -12.83
N LEU A 136 13.33 2.61 -12.05
CA LEU A 136 12.17 2.33 -11.22
C LEU A 136 10.89 2.45 -12.05
N TYR A 137 9.80 1.94 -11.49
CA TYR A 137 8.50 2.01 -12.13
C TYR A 137 7.46 2.42 -11.09
N ARG A 138 6.36 2.99 -11.57
CA ARG A 138 5.27 3.43 -10.71
C ARG A 138 4.11 2.45 -10.88
N VAL A 139 3.80 1.71 -9.82
CA VAL A 139 2.76 0.69 -9.85
C VAL A 139 1.82 0.92 -8.69
N SER A 140 0.52 0.86 -8.95
CA SER A 140 -0.47 1.04 -7.91
C SER A 140 -0.64 -0.24 -7.10
N LEU A 141 -0.87 -0.08 -5.79
CA LEU A 141 -0.93 -1.22 -4.88
C LEU A 141 -2.35 -1.46 -4.35
N ALA A 142 -2.96 -0.48 -3.71
CA ALA A 142 -4.25 -0.72 -3.08
C ALA A 142 -5.01 0.59 -2.95
N CYS A 143 -6.34 0.49 -3.05
CA CYS A 143 -7.22 1.62 -2.80
C CYS A 143 -7.62 1.65 -1.33
N VAL A 144 -7.72 2.85 -0.78
CA VAL A 144 -8.08 3.04 0.62
C VAL A 144 -9.23 4.03 0.70
N CYS A 145 -9.97 3.95 1.80
CA CYS A 145 -11.07 4.87 2.05
C CYS A 145 -10.54 6.10 2.76
N VAL A 146 -10.86 7.27 2.23
CA VAL A 146 -10.42 8.54 2.79
C VAL A 146 -11.65 9.42 2.98
N ARG A 147 -11.56 10.34 3.93
CA ARG A 147 -12.68 11.20 4.25
C ARG A 147 -12.73 12.40 3.31
N PRO A 148 -13.91 12.97 3.11
CA PRO A 148 -14.04 14.11 2.20
C PRO A 148 -13.40 15.36 2.77
N ARG A 149 -13.16 16.31 1.87
CA ARG A 149 -12.65 17.64 2.23
C ARG A 149 -13.76 18.64 1.90
N VAL A 150 -14.10 19.46 2.88
CA VAL A 150 -15.22 20.39 2.74
C VAL A 150 -14.73 21.81 2.95
N MET A 151 -15.45 22.76 2.35
CA MET A 151 -15.09 24.17 2.41
C MET A 151 -16.34 24.99 2.71
N GLY A 152 -16.24 25.85 3.71
CA GLY A 152 -17.37 26.68 4.11
C GLY A 152 -17.40 26.98 5.58
N SER B 48 -8.26 7.59 20.82
CA SER B 48 -7.17 7.34 19.88
C SER B 48 -7.73 7.03 18.49
N CYS B 49 -9.04 6.87 18.40
CA CYS B 49 -9.72 6.57 17.14
C CYS B 49 -10.42 7.84 16.68
N ARG B 50 -9.71 8.67 15.91
CA ARG B 50 -10.24 9.94 15.45
C ARG B 50 -9.87 10.15 13.98
N ALA B 51 -10.72 10.89 13.28
CA ALA B 51 -10.49 11.27 11.89
C ALA B 51 -10.58 12.78 11.77
N SER B 52 -9.59 13.38 11.11
CA SER B 52 -9.54 14.83 10.97
C SER B 52 -10.29 15.25 9.70
N GLU B 53 -10.15 16.52 9.33
CA GLU B 53 -10.79 17.07 8.15
C GLU B 53 -9.83 17.38 7.01
N ASP B 54 -8.62 17.85 7.32
CA ASP B 54 -7.63 18.18 6.33
C ASP B 54 -6.32 17.49 6.67
N GLY B 55 -5.26 17.86 5.95
CA GLY B 55 -3.98 17.22 6.11
C GLY B 55 -3.86 16.02 5.18
N PRO B 56 -2.83 15.21 5.38
CA PRO B 56 -2.60 14.05 4.53
C PRO B 56 -3.56 12.90 4.87
N LEU B 57 -3.37 11.78 4.17
CA LEU B 57 -4.29 10.66 4.29
C LEU B 57 -4.27 10.06 5.69
N ASN B 58 -3.09 9.92 6.29
CA ASN B 58 -2.94 9.24 7.56
C ASN B 58 -3.75 9.90 8.66
N SER B 59 -4.07 11.19 8.52
CA SER B 59 -4.94 11.88 9.45
C SER B 59 -6.38 11.95 8.96
N ARG B 60 -6.67 11.34 7.81
CA ARG B 60 -8.00 11.41 7.21
C ARG B 60 -8.56 10.06 6.82
N ALA B 61 -7.75 9.02 6.72
CA ALA B 61 -8.24 7.70 6.33
C ALA B 61 -9.10 7.10 7.44
N ILE B 62 -10.03 6.23 7.04
CA ILE B 62 -10.93 5.59 7.99
C ILE B 62 -10.14 4.67 8.92
N SER B 63 -9.10 4.03 8.39
CA SER B 63 -8.16 3.24 9.18
C SER B 63 -6.84 4.01 9.27
N PRO B 64 -6.68 4.89 10.25
CA PRO B 64 -5.50 5.76 10.27
C PRO B 64 -4.30 5.07 10.88
N TRP B 65 -3.12 5.39 10.34
CA TRP B 65 -1.87 4.80 10.79
C TRP B 65 -0.87 5.88 11.14
N ARG B 66 -0.04 5.60 12.13
CA ARG B 66 1.03 6.47 12.56
C ARG B 66 2.37 5.85 12.18
N TYR B 67 3.44 6.65 12.29
CA TYR B 67 4.75 6.26 11.82
C TYR B 67 5.70 6.11 12.99
N GLU B 68 6.33 4.95 13.11
CA GLU B 68 7.30 4.67 14.14
C GLU B 68 8.72 4.77 13.58
N LEU B 69 9.69 4.70 14.48
CA LEU B 69 11.08 4.96 14.12
C LEU B 69 11.91 3.69 14.21
N ASP B 70 12.61 3.37 13.13
CA ASP B 70 13.59 2.29 13.11
C ASP B 70 14.95 2.90 12.86
N ARG B 71 15.90 2.63 13.76
CA ARG B 71 17.22 3.22 13.69
C ARG B 71 18.27 2.15 13.45
N ASP B 72 19.29 2.50 12.67
CA ASP B 72 20.40 1.60 12.40
C ASP B 72 21.58 2.45 11.95
N LEU B 73 22.76 1.85 11.98
CA LEU B 73 23.98 2.54 11.58
C LEU B 73 24.56 2.06 10.26
N ASN B 74 24.04 0.98 9.70
CA ASN B 74 24.59 0.43 8.45
C ASN B 74 23.46 0.08 7.50
N ARG B 75 22.53 1.01 7.31
CA ARG B 75 21.36 0.81 6.47
C ARG B 75 21.14 2.03 5.58
N LEU B 76 20.71 1.78 4.35
CA LEU B 76 20.29 2.84 3.43
C LEU B 76 18.78 2.74 3.24
N PRO B 77 17.99 3.66 3.76
CA PRO B 77 18.36 4.85 4.54
C PRO B 77 18.63 4.50 6.00
N GLN B 78 19.17 5.46 6.76
CA GLN B 78 19.37 5.25 8.19
C GLN B 78 18.05 5.05 8.91
N ASP B 79 17.05 5.85 8.58
CA ASP B 79 15.76 5.82 9.25
C ASP B 79 14.69 5.27 8.31
N LEU B 80 13.94 4.29 8.78
CA LEU B 80 12.81 3.75 8.04
C LEU B 80 11.58 3.83 8.93
N TYR B 81 10.49 4.35 8.39
CA TYR B 81 9.29 4.64 9.17
C TYR B 81 8.18 3.67 8.80
N HIS B 82 7.89 2.75 9.71
CA HIS B 82 6.83 1.77 9.50
C HIS B 82 5.47 2.37 9.88
N ALA B 83 4.43 1.56 9.73
CA ALA B 83 3.07 1.98 10.02
C ALA B 83 2.49 1.12 11.12
N ARG B 84 1.94 1.76 12.14
CA ARG B 84 1.24 1.06 13.22
C ARG B 84 -0.12 1.72 13.40
N CYS B 85 -1.11 1.27 12.65
CA CYS B 85 -2.43 1.87 12.74
C CYS B 85 -3.08 1.57 14.09
N LEU B 86 -3.78 2.57 14.61
CA LEU B 86 -4.12 2.65 16.03
C LEU B 86 -5.35 1.82 16.40
N CYS B 87 -6.50 2.19 15.89
CA CYS B 87 -7.76 1.64 16.39
C CYS B 87 -7.89 0.17 15.99
N PRO B 88 -8.37 -0.68 16.90
CA PRO B 88 -8.59 -2.08 16.54
C PRO B 88 -9.64 -2.26 15.46
N HIS B 89 -10.53 -1.28 15.27
CA HIS B 89 -11.58 -1.35 14.29
C HIS B 89 -11.67 -0.02 13.55
N CYS B 90 -12.30 -0.06 12.38
CA CYS B 90 -12.40 1.13 11.55
C CYS B 90 -13.35 2.15 12.17
N VAL B 91 -13.10 3.43 11.86
CA VAL B 91 -13.82 4.54 12.48
C VAL B 91 -15.14 4.78 11.75
N SER B 92 -16.04 5.54 12.39
CA SER B 92 -17.34 5.83 11.82
C SER B 92 -17.26 7.00 10.84
N LEU B 93 -18.01 6.89 9.74
CA LEU B 93 -17.98 7.91 8.71
C LEU B 93 -18.79 9.15 9.09
N GLN B 94 -19.84 8.99 9.87
CA GLN B 94 -20.73 10.12 10.14
C GLN B 94 -20.11 11.15 11.05
N THR B 95 -19.14 10.76 11.87
CA THR B 95 -18.56 11.70 12.83
C THR B 95 -17.04 11.79 12.75
N GLY B 96 -16.35 10.66 12.57
CA GLY B 96 -14.90 10.67 12.52
C GLY B 96 -14.21 10.74 13.86
N SER B 97 -14.95 10.72 14.97
CA SER B 97 -14.35 10.79 16.29
C SER B 97 -14.61 9.57 17.15
N HIS B 98 -15.56 8.72 16.78
CA HIS B 98 -15.83 7.48 17.51
C HIS B 98 -15.40 6.27 16.68
N MET B 99 -15.71 5.10 17.22
CA MET B 99 -15.28 3.82 16.67
C MET B 99 -16.47 3.03 16.17
N ASP B 100 -16.24 2.25 15.11
CA ASP B 100 -17.26 1.35 14.57
C ASP B 100 -16.70 -0.07 14.54
N PRO B 101 -17.30 -1.02 15.25
CA PRO B 101 -16.70 -2.34 15.40
C PRO B 101 -16.97 -3.31 14.26
N ARG B 102 -17.81 -2.95 13.29
CA ARG B 102 -18.14 -3.87 12.21
C ARG B 102 -16.97 -4.19 11.31
N GLY B 103 -15.90 -3.40 11.36
CA GLY B 103 -14.76 -3.58 10.48
C GLY B 103 -13.55 -4.14 11.21
N ASN B 104 -12.53 -4.44 10.41
CA ASN B 104 -11.26 -4.94 10.93
C ASN B 104 -10.13 -4.20 10.23
N SER B 105 -8.98 -4.15 10.90
CA SER B 105 -7.81 -3.43 10.41
C SER B 105 -6.69 -4.41 10.12
N GLU B 106 -5.94 -4.15 9.04
CA GLU B 106 -4.89 -5.05 8.61
C GLU B 106 -3.80 -4.29 7.89
N LEU B 107 -2.56 -4.51 8.29
CA LEU B 107 -1.42 -3.89 7.64
C LEU B 107 -1.21 -4.47 6.25
N LEU B 108 -0.55 -3.70 5.40
CA LEU B 108 -0.06 -4.17 4.11
C LEU B 108 1.46 -4.06 4.11
N TYR B 109 2.12 -5.05 3.53
CA TYR B 109 3.57 -5.12 3.50
C TYR B 109 4.07 -5.09 2.06
N HIS B 110 5.29 -4.58 1.89
CA HIS B 110 5.94 -4.58 0.59
C HIS B 110 7.44 -4.64 0.80
N ASN B 111 8.15 -5.20 -0.17
CA ASN B 111 9.59 -5.42 -0.06
C ASN B 111 10.32 -4.21 -0.63
N GLN B 112 11.29 -3.70 0.14
CA GLN B 112 12.06 -2.53 -0.24
C GLN B 112 13.52 -2.90 -0.42
N THR B 113 14.24 -2.08 -1.17
CA THR B 113 15.66 -2.32 -1.41
C THR B 113 16.49 -1.52 -0.41
N VAL B 114 17.30 -2.22 0.37
CA VAL B 114 18.22 -1.60 1.31
C VAL B 114 19.59 -2.25 1.16
N PHE B 115 20.61 -1.53 1.62
CA PHE B 115 21.99 -1.99 1.56
C PHE B 115 22.55 -2.08 2.97
N TYR B 116 23.44 -3.03 3.20
CA TYR B 116 24.02 -3.24 4.52
C TYR B 116 25.53 -3.24 4.44
N ARG B 117 26.16 -3.13 5.60
CA ARG B 117 27.62 -3.18 5.72
C ARG B 117 28.03 -4.45 6.44
N ARG B 118 29.23 -4.91 6.16
CA ARG B 118 29.73 -6.18 6.68
C ARG B 118 31.24 -6.24 6.45
N PRO B 119 32.03 -6.68 7.44
CA PRO B 119 33.48 -6.75 7.24
C PRO B 119 33.90 -8.07 6.62
N GLY B 129 37.56 -2.28 6.67
CA GLY B 129 36.83 -1.80 5.53
C GLY B 129 35.34 -2.06 5.64
N TYR B 130 34.75 -2.52 4.53
CA TYR B 130 33.34 -2.86 4.48
C TYR B 130 33.08 -3.69 3.23
N CYS B 131 31.85 -4.19 3.12
CA CYS B 131 31.44 -4.95 1.95
C CYS B 131 30.06 -4.48 1.51
N LEU B 132 29.80 -4.63 0.21
CA LEU B 132 28.52 -4.23 -0.37
C LEU B 132 27.58 -5.42 -0.40
N GLU B 133 26.52 -5.35 0.40
CA GLU B 133 25.51 -6.40 0.44
C GLU B 133 24.16 -5.80 0.10
N ARG B 134 23.43 -6.46 -0.79
CA ARG B 134 22.12 -6.02 -1.23
C ARG B 134 21.10 -7.08 -0.86
N ARG B 135 20.19 -6.74 0.05
CA ARG B 135 19.08 -7.61 0.38
C ARG B 135 17.88 -6.76 0.75
N LEU B 136 16.70 -7.38 0.70
CA LEU B 136 15.46 -6.66 0.90
C LEU B 136 15.10 -6.60 2.37
N TYR B 137 14.12 -5.76 2.67
CA TYR B 137 13.61 -5.56 4.03
C TYR B 137 12.09 -5.58 3.98
N ARG B 138 11.48 -5.88 5.12
CA ARG B 138 10.04 -5.90 5.25
C ARG B 138 9.58 -4.64 5.99
N VAL B 139 8.79 -3.82 5.33
CA VAL B 139 8.25 -2.60 5.92
C VAL B 139 6.74 -2.60 5.70
N SER B 140 6.06 -1.76 6.47
CA SER B 140 4.61 -1.66 6.41
C SER B 140 4.21 -0.31 5.80
N LEU B 141 3.30 -0.35 4.83
CA LEU B 141 2.91 0.84 4.09
C LEU B 141 1.66 1.50 4.65
N ALA B 142 0.53 0.79 4.66
CA ALA B 142 -0.70 1.36 5.18
C ALA B 142 -1.68 0.24 5.55
N CYS B 143 -2.50 0.50 6.55
CA CYS B 143 -3.59 -0.41 6.86
C CYS B 143 -4.82 -0.06 6.04
N VAL B 144 -5.70 -1.05 5.89
CA VAL B 144 -6.94 -0.92 5.14
C VAL B 144 -8.07 -1.50 5.98
N CYS B 145 -9.29 -1.14 5.62
CA CYS B 145 -10.48 -1.64 6.28
C CYS B 145 -10.96 -2.87 5.53
N VAL B 146 -10.98 -4.01 6.22
CA VAL B 146 -11.41 -5.27 5.63
C VAL B 146 -12.65 -5.76 6.37
N ARG B 147 -13.39 -6.63 5.71
CA ARG B 147 -14.61 -7.18 6.28
C ARG B 147 -14.32 -8.45 7.06
N PRO B 148 -15.17 -8.79 8.03
CA PRO B 148 -14.90 -9.95 8.87
C PRO B 148 -15.20 -11.26 8.16
N ARG B 149 -14.71 -12.35 8.75
CA ARG B 149 -15.02 -13.71 8.36
C ARG B 149 -15.78 -14.37 9.51
N VAL B 150 -16.96 -14.89 9.21
CA VAL B 150 -17.83 -15.45 10.23
C VAL B 150 -18.19 -16.88 9.86
N MET B 151 -18.19 -17.77 10.84
CA MET B 151 -18.34 -19.21 10.63
C MET B 151 -19.60 -19.71 11.29
N GLY B 152 -20.34 -20.56 10.57
CA GLY B 152 -21.53 -21.18 11.13
C GLY B 152 -22.77 -21.03 10.26
N GLU C 2 12.10 -39.54 -28.69
CA GLU C 2 11.13 -39.58 -27.61
C GLU C 2 11.54 -38.65 -26.47
N PRO C 3 10.85 -37.53 -26.33
CA PRO C 3 11.19 -36.57 -25.28
C PRO C 3 10.35 -36.73 -24.01
N THR C 4 10.91 -36.25 -22.88
CA THR C 4 10.21 -36.17 -21.61
C THR C 4 10.50 -34.82 -20.96
N VAL C 5 10.14 -34.65 -19.69
CA VAL C 5 10.26 -33.38 -18.99
C VAL C 5 11.23 -33.54 -17.84
N GLN C 6 12.05 -32.52 -17.61
CA GLN C 6 13.07 -32.51 -16.56
C GLN C 6 13.08 -31.15 -15.89
N CYS C 7 12.34 -31.04 -14.78
CA CYS C 7 12.17 -29.70 -14.16
C CYS C 7 13.10 -29.44 -12.97
N GLY C 8 13.64 -28.23 -12.90
CA GLY C 8 14.51 -27.76 -11.84
C GLY C 8 13.99 -26.46 -11.25
N SER C 9 14.85 -25.44 -11.14
CA SER C 9 14.43 -24.17 -10.58
C SER C 9 15.43 -23.08 -10.92
N GLU C 10 14.91 -21.89 -11.26
CA GLU C 10 15.75 -20.72 -11.51
C GLU C 10 14.91 -19.46 -11.61
N THR C 11 15.32 -18.39 -10.92
CA THR C 11 14.66 -17.09 -10.98
C THR C 11 15.68 -16.02 -11.35
N GLY C 12 15.37 -15.22 -12.37
CA GLY C 12 16.26 -14.18 -12.81
C GLY C 12 16.35 -14.06 -14.31
N PRO C 13 17.50 -13.61 -14.81
CA PRO C 13 17.66 -13.41 -16.26
C PRO C 13 18.07 -14.71 -16.96
N SER C 14 17.36 -15.05 -18.02
CA SER C 14 17.70 -16.21 -18.84
C SER C 14 18.85 -15.86 -19.78
N PRO C 15 19.87 -16.72 -19.85
CA PRO C 15 21.06 -16.36 -20.65
C PRO C 15 20.79 -16.17 -22.13
N GLU C 16 19.70 -16.74 -22.65
CA GLU C 16 19.41 -16.63 -24.06
C GLU C 16 18.59 -15.40 -24.42
N TRP C 17 18.15 -14.63 -23.42
CA TRP C 17 17.36 -13.43 -23.70
C TRP C 17 18.24 -12.35 -24.34
N MET C 18 19.40 -12.09 -23.74
CA MET C 18 20.27 -11.05 -24.28
C MET C 18 20.74 -11.38 -25.69
N LEU C 19 21.12 -12.63 -25.92
CA LEU C 19 21.55 -13.03 -27.26
C LEU C 19 20.39 -13.02 -28.22
N GLN C 20 20.67 -12.62 -29.47
CA GLN C 20 19.67 -12.57 -30.51
C GLN C 20 19.58 -13.91 -31.23
N HIS C 21 18.38 -14.23 -31.70
CA HIS C 21 18.14 -15.47 -32.43
C HIS C 21 17.43 -15.16 -33.73
N ASP C 22 17.90 -15.80 -34.82
CA ASP C 22 17.31 -15.54 -36.12
C ASP C 22 16.03 -16.33 -36.35
N LEU C 23 16.01 -17.58 -35.87
CA LEU C 23 14.79 -18.43 -35.98
C LEU C 23 14.18 -18.58 -34.58
N ILE C 24 12.86 -18.46 -34.46
CA ILE C 24 12.18 -18.56 -33.18
C ILE C 24 11.12 -19.64 -33.29
N PRO C 25 10.73 -20.24 -32.16
CA PRO C 25 9.67 -21.25 -32.19
C PRO C 25 8.30 -20.60 -32.18
N GLY C 26 7.27 -21.42 -32.07
CA GLY C 26 5.91 -20.94 -32.03
C GLY C 26 5.56 -20.44 -30.65
N ASP C 27 4.47 -20.92 -30.09
CA ASP C 27 4.01 -20.47 -28.78
C ASP C 27 3.52 -21.69 -28.01
N LEU C 28 2.83 -21.44 -26.90
CA LEU C 28 2.09 -22.48 -26.19
C LEU C 28 0.68 -22.50 -26.77
N ARG C 29 0.35 -23.57 -27.49
CA ARG C 29 -0.98 -23.66 -28.10
C ARG C 29 -2.07 -23.68 -27.04
N ASP C 30 -1.87 -24.43 -25.96
CA ASP C 30 -2.88 -24.51 -24.92
C ASP C 30 -2.18 -24.65 -23.57
N LEU C 31 -2.90 -24.26 -22.52
CA LEU C 31 -2.35 -24.25 -21.17
C LEU C 31 -3.49 -24.31 -20.17
N ARG C 32 -3.41 -25.25 -19.23
CA ARG C 32 -4.39 -25.39 -18.17
C ARG C 32 -3.67 -25.60 -16.85
N VAL C 33 -4.27 -25.14 -15.76
CA VAL C 33 -3.73 -25.35 -14.43
C VAL C 33 -4.86 -25.78 -13.49
N GLU C 34 -4.50 -26.54 -12.46
CA GLU C 34 -5.46 -27.07 -11.51
C GLU C 34 -4.73 -27.47 -10.24
N PRO C 35 -5.40 -27.41 -9.09
CA PRO C 35 -4.74 -27.82 -7.84
C PRO C 35 -4.97 -29.28 -7.50
N VAL C 36 -3.92 -29.97 -7.06
CA VAL C 36 -4.00 -31.36 -6.63
C VAL C 36 -3.38 -31.46 -5.25
N THR C 37 -4.01 -32.21 -4.36
CA THR C 37 -3.59 -32.28 -2.97
C THR C 37 -2.97 -33.63 -2.67
N THR C 38 -1.81 -33.62 -2.00
CA THR C 38 -1.16 -34.81 -1.49
C THR C 38 -1.19 -34.77 0.03
N SER C 39 -1.60 -35.89 0.64
CA SER C 39 -1.78 -35.94 2.07
C SER C 39 -1.26 -37.27 2.59
N VAL C 40 -1.29 -37.41 3.91
CA VAL C 40 -0.82 -38.62 4.58
C VAL C 40 -1.74 -39.79 4.27
N TYR C 45 0.30 -30.74 6.39
CA TYR C 45 -0.55 -30.76 5.22
C TYR C 45 0.01 -29.82 4.15
N SER C 46 -0.26 -30.14 2.88
CA SER C 46 0.25 -29.31 1.79
C SER C 46 -0.64 -29.49 0.58
N ILE C 47 -0.68 -28.45 -0.26
CA ILE C 47 -1.37 -28.51 -1.54
C ILE C 47 -0.39 -28.03 -2.60
N LEU C 48 -0.37 -28.73 -3.73
CA LEU C 48 0.56 -28.43 -4.81
C LEU C 48 -0.22 -28.12 -6.09
N MET C 49 0.49 -27.58 -7.07
CA MET C 49 -0.12 -27.12 -8.31
C MET C 49 0.17 -28.12 -9.43
N ASN C 50 -0.87 -28.42 -10.22
CA ASN C 50 -0.75 -29.26 -11.41
C ASN C 50 -1.06 -28.39 -12.63
N VAL C 51 -0.05 -28.16 -13.46
CA VAL C 51 -0.17 -27.35 -14.67
C VAL C 51 0.15 -28.23 -15.88
N SER C 52 -0.74 -28.23 -16.85
CA SER C 52 -0.58 -29.04 -18.05
C SER C 52 -0.65 -28.14 -19.28
N TRP C 53 0.22 -28.40 -20.25
CA TRP C 53 0.26 -27.60 -21.46
C TRP C 53 0.32 -28.48 -22.70
N VAL C 54 -0.25 -27.97 -23.79
CA VAL C 54 -0.27 -28.64 -25.09
C VAL C 54 0.66 -27.86 -26.03
N LEU C 55 1.56 -28.59 -26.68
CA LEU C 55 2.65 -27.99 -27.44
C LEU C 55 2.14 -27.54 -28.81
N ARG C 56 2.99 -26.84 -29.56
CA ARG C 56 2.66 -26.32 -30.88
C ARG C 56 2.49 -27.48 -31.87
N ALA C 57 1.71 -27.22 -32.93
CA ALA C 57 1.30 -28.27 -33.84
C ALA C 57 1.74 -27.98 -35.27
N ASP C 58 2.17 -29.03 -35.95
CA ASP C 58 2.39 -29.09 -37.40
C ASP C 58 3.61 -28.32 -37.87
N ALA C 59 4.20 -27.51 -37.02
CA ALA C 59 5.32 -26.66 -37.41
C ALA C 59 5.85 -25.98 -36.16
N SER C 60 6.82 -25.08 -36.36
CA SER C 60 7.38 -24.20 -35.33
C SER C 60 8.00 -24.97 -34.17
N ILE C 61 8.20 -26.28 -34.31
CA ILE C 61 8.73 -27.12 -33.24
C ILE C 61 10.04 -27.79 -33.64
N ARG C 62 10.36 -27.81 -34.94
CA ARG C 62 11.63 -28.36 -35.41
C ARG C 62 12.83 -27.83 -34.61
N LEU C 63 12.70 -26.66 -34.00
CA LEU C 63 13.68 -26.17 -33.06
C LEU C 63 12.96 -25.68 -31.80
N LEU C 64 13.40 -26.16 -30.64
CA LEU C 64 12.83 -25.79 -29.35
C LEU C 64 13.72 -26.34 -28.25
N LYS C 65 13.83 -25.60 -27.15
CA LYS C 65 14.69 -26.00 -26.04
C LYS C 65 13.91 -26.28 -24.76
N ALA C 66 13.11 -25.34 -24.25
CA ALA C 66 12.48 -25.52 -22.95
C ALA C 66 11.27 -24.59 -22.84
N THR C 67 10.76 -24.47 -21.62
CA THR C 67 9.67 -23.56 -21.31
C THR C 67 9.82 -23.07 -19.87
N LYS C 68 9.35 -21.85 -19.62
CA LYS C 68 9.41 -21.24 -18.30
C LYS C 68 8.00 -20.91 -17.82
N ILE C 69 7.76 -21.07 -16.53
CA ILE C 69 6.45 -20.79 -15.93
C ILE C 69 6.70 -20.03 -14.63
N CYS C 70 6.38 -18.74 -14.62
CA CYS C 70 6.40 -17.96 -13.39
C CYS C 70 5.03 -17.49 -12.95
N VAL C 71 4.85 -17.43 -11.63
CA VAL C 71 3.56 -17.23 -11.00
C VAL C 71 3.70 -16.17 -9.91
N THR C 72 2.75 -15.25 -9.85
CA THR C 72 2.75 -14.15 -8.90
C THR C 72 1.51 -14.22 -8.02
N GLY C 73 1.71 -14.15 -6.72
CA GLY C 73 0.62 -14.14 -5.75
C GLY C 73 0.55 -12.80 -5.04
N LYS C 74 -0.67 -12.29 -4.87
CA LYS C 74 -0.85 -10.93 -4.37
C LYS C 74 -2.01 -10.90 -3.37
N SER C 75 -1.68 -11.07 -2.09
CA SER C 75 -2.65 -10.91 -1.02
C SER C 75 -1.87 -10.66 0.27
N ASN C 76 -1.95 -9.44 0.80
CA ASN C 76 -1.25 -9.03 2.01
C ASN C 76 0.26 -9.14 1.89
N PHE C 77 0.78 -9.33 0.68
CA PHE C 77 2.20 -9.59 0.46
C PHE C 77 2.52 -9.31 -1.00
N GLN C 78 3.72 -9.69 -1.41
CA GLN C 78 4.10 -9.81 -2.80
C GLN C 78 4.95 -11.07 -2.93
N SER C 79 4.71 -11.85 -3.98
CA SER C 79 5.47 -13.08 -4.18
C SER C 79 5.78 -13.27 -5.65
N TYR C 80 6.98 -13.78 -5.95
CA TYR C 80 7.39 -14.03 -7.31
C TYR C 80 8.57 -14.99 -7.27
N SER C 81 8.38 -16.19 -7.83
CA SER C 81 9.47 -17.14 -8.02
C SER C 81 9.03 -18.13 -9.08
N CYS C 82 9.98 -18.57 -9.90
CA CYS C 82 9.54 -19.59 -10.88
C CYS C 82 10.61 -20.63 -11.19
N VAL C 83 10.20 -21.67 -11.92
CA VAL C 83 11.03 -22.80 -12.29
C VAL C 83 10.99 -22.93 -13.81
N ARG C 84 12.16 -23.05 -14.41
CA ARG C 84 12.32 -23.34 -15.83
C ARG C 84 12.72 -24.80 -15.98
N CYS C 85 12.07 -25.45 -16.97
CA CYS C 85 12.33 -26.87 -17.27
C CYS C 85 12.81 -27.03 -18.71
N ASN C 86 13.64 -28.04 -18.98
CA ASN C 86 14.16 -28.38 -20.29
C ASN C 86 13.42 -29.57 -20.88
N TYR C 87 13.71 -29.87 -22.13
CA TYR C 87 13.20 -31.06 -22.81
C TYR C 87 14.39 -31.91 -23.23
N THR C 88 14.39 -33.18 -22.83
CA THR C 88 15.60 -33.98 -22.93
C THR C 88 16.00 -34.23 -24.38
N GLU C 89 15.05 -34.56 -25.25
CA GLU C 89 15.35 -34.89 -26.62
C GLU C 89 14.52 -34.02 -27.56
N ALA C 90 15.07 -33.80 -28.75
CA ALA C 90 14.39 -32.98 -29.75
C ALA C 90 13.15 -33.70 -30.27
N PHE C 91 12.37 -32.97 -31.05
CA PHE C 91 11.11 -33.47 -31.60
C PHE C 91 11.30 -33.76 -33.09
N GLN C 92 10.91 -34.96 -33.52
CA GLN C 92 10.92 -35.29 -34.93
C GLN C 92 9.57 -35.08 -35.59
N THR C 93 8.49 -35.37 -34.87
CA THR C 93 7.15 -35.36 -35.41
C THR C 93 6.33 -34.22 -34.82
N GLN C 94 5.15 -34.03 -35.37
CA GLN C 94 4.26 -32.95 -34.98
C GLN C 94 3.11 -33.41 -34.10
N THR C 95 2.90 -34.71 -33.97
CA THR C 95 1.93 -35.26 -33.04
C THR C 95 2.44 -36.62 -32.59
N ARG C 96 2.01 -37.03 -31.40
CA ARG C 96 2.54 -38.25 -30.81
C ARG C 96 2.28 -39.43 -31.74
N PRO C 97 3.30 -40.23 -32.05
CA PRO C 97 3.07 -41.40 -32.92
C PRO C 97 2.05 -42.37 -32.36
N SER C 98 2.01 -42.53 -31.04
CA SER C 98 0.99 -43.37 -30.42
C SER C 98 -0.41 -42.83 -30.68
N GLY C 99 -0.57 -41.52 -30.60
CA GLY C 99 -1.84 -40.86 -30.86
C GLY C 99 -2.11 -39.79 -29.83
N GLY C 100 -2.86 -38.76 -30.24
CA GLY C 100 -3.22 -37.68 -29.35
C GLY C 100 -2.18 -36.57 -29.34
N LYS C 101 -2.62 -35.41 -28.86
CA LYS C 101 -1.76 -34.24 -28.79
C LYS C 101 -0.78 -34.35 -27.62
N TRP C 102 0.29 -33.57 -27.71
CA TRP C 102 1.32 -33.58 -26.68
C TRP C 102 0.79 -32.97 -25.38
N THR C 103 1.22 -33.55 -24.26
CA THR C 103 0.74 -33.09 -22.95
C THR C 103 1.79 -33.42 -21.90
N PHE C 104 2.32 -32.38 -21.27
CA PHE C 104 3.27 -32.51 -20.16
C PHE C 104 2.69 -31.83 -18.92
N SER C 105 3.30 -32.11 -17.77
CA SER C 105 2.84 -31.53 -16.51
C SER C 105 3.99 -31.50 -15.52
N TYR C 106 3.85 -30.67 -14.49
CA TYR C 106 4.83 -30.58 -13.41
C TYR C 106 4.12 -30.19 -12.12
N ILE C 107 4.59 -30.75 -11.01
CA ILE C 107 3.95 -30.60 -9.70
C ILE C 107 4.89 -29.83 -8.80
N GLY C 108 4.37 -28.79 -8.17
CA GLY C 108 5.18 -27.96 -7.29
C GLY C 108 4.48 -26.65 -6.99
N PHE C 109 5.29 -25.65 -6.62
CA PHE C 109 4.82 -24.30 -6.34
C PHE C 109 3.82 -24.30 -5.19
N PRO C 110 4.26 -24.48 -3.94
CA PRO C 110 3.33 -24.58 -2.81
C PRO C 110 2.40 -23.38 -2.71
N VAL C 111 1.24 -23.56 -2.10
CA VAL C 111 0.18 -22.56 -2.11
C VAL C 111 -0.10 -22.13 -0.67
N GLU C 112 -0.31 -20.84 -0.49
CA GLU C 112 -0.73 -20.29 0.78
C GLU C 112 -2.25 -20.21 0.82
N LEU C 113 -2.81 -19.51 1.79
CA LEU C 113 -4.25 -19.39 1.93
C LEU C 113 -4.69 -17.96 1.62
N ASN C 114 -5.79 -17.83 0.89
CA ASN C 114 -6.40 -16.55 0.56
C ASN C 114 -5.48 -15.68 -0.30
N THR C 115 -4.79 -16.30 -1.27
CA THR C 115 -3.91 -15.58 -2.18
C THR C 115 -4.27 -15.92 -3.62
N VAL C 116 -4.41 -14.88 -4.45
CA VAL C 116 -4.70 -15.06 -5.87
C VAL C 116 -3.38 -15.23 -6.62
N TYR C 117 -3.37 -16.19 -7.55
CA TYR C 117 -2.17 -16.54 -8.30
C TYR C 117 -2.39 -16.23 -9.78
N PHE C 118 -1.37 -15.68 -10.42
CA PHE C 118 -1.39 -15.41 -11.85
C PHE C 118 -0.24 -16.17 -12.51
N ILE C 119 -0.58 -17.02 -13.46
CA ILE C 119 0.37 -17.96 -14.06
C ILE C 119 0.59 -17.59 -15.52
N GLY C 120 1.84 -17.51 -15.92
CA GLY C 120 2.18 -17.20 -17.30
C GLY C 120 3.39 -17.99 -17.74
N ALA C 121 3.54 -18.11 -19.05
CA ALA C 121 4.59 -18.94 -19.62
C ALA C 121 4.93 -18.46 -21.02
N HIS C 122 6.10 -18.89 -21.50
CA HIS C 122 6.49 -18.65 -22.88
C HIS C 122 7.53 -19.67 -23.27
N ASN C 123 7.76 -19.78 -24.57
CA ASN C 123 8.70 -20.77 -25.10
C ASN C 123 10.10 -20.17 -25.25
N ILE C 124 11.08 -21.04 -25.39
CA ILE C 124 12.50 -20.66 -25.39
C ILE C 124 13.16 -21.18 -26.67
N PRO C 125 14.00 -20.39 -27.34
CA PRO C 125 14.38 -19.00 -27.06
C PRO C 125 13.26 -18.01 -27.32
N ASN C 126 13.34 -16.81 -26.76
CA ASN C 126 12.24 -15.86 -26.81
C ASN C 126 12.33 -14.97 -28.05
N ALA C 127 11.24 -14.22 -28.28
CA ALA C 127 11.12 -13.40 -29.46
C ALA C 127 12.00 -12.16 -29.36
N ASN C 128 12.62 -11.79 -30.48
CA ASN C 128 13.44 -10.60 -30.53
C ASN C 128 12.58 -9.34 -30.43
N MET C 129 13.23 -8.18 -30.37
CA MET C 129 12.51 -6.93 -30.24
C MET C 129 11.69 -6.67 -31.49
N ASN C 130 10.62 -5.89 -31.32
CA ASN C 130 9.71 -5.52 -32.40
C ASN C 130 9.08 -6.76 -33.04
N GLU C 131 8.41 -7.55 -32.19
CA GLU C 131 7.69 -8.74 -32.63
C GLU C 131 6.44 -8.89 -31.76
N ASP C 132 5.61 -9.86 -32.13
CA ASP C 132 4.33 -10.05 -31.46
C ASP C 132 4.52 -10.60 -30.06
N GLY C 133 3.55 -10.34 -29.20
CA GLY C 133 3.56 -10.83 -27.84
C GLY C 133 3.36 -12.34 -27.78
N PRO C 134 4.41 -13.05 -27.39
CA PRO C 134 4.39 -14.51 -27.51
C PRO C 134 3.84 -15.23 -26.29
N SER C 135 3.11 -14.54 -25.42
CA SER C 135 2.70 -15.13 -24.16
C SER C 135 1.22 -15.46 -24.15
N MET C 136 0.85 -16.33 -23.19
CA MET C 136 -0.53 -16.65 -22.85
C MET C 136 -0.57 -16.95 -21.36
N SER C 137 -1.65 -16.53 -20.69
CA SER C 137 -1.71 -16.61 -19.24
C SER C 137 -3.09 -17.04 -18.77
N VAL C 138 -3.13 -17.62 -17.57
CA VAL C 138 -4.36 -18.06 -16.93
C VAL C 138 -4.30 -17.67 -15.46
N ASN C 139 -5.46 -17.63 -14.83
CA ASN C 139 -5.54 -17.20 -13.45
C ASN C 139 -6.35 -18.21 -12.64
N PHE C 140 -6.12 -18.23 -11.32
CA PHE C 140 -6.70 -19.25 -10.45
C PHE C 140 -6.64 -18.77 -9.00
N THR C 141 -7.72 -18.99 -8.24
CA THR C 141 -7.84 -18.53 -6.87
C THR C 141 -7.90 -19.72 -5.93
N SER C 142 -7.14 -19.65 -4.84
CA SER C 142 -7.07 -20.70 -3.83
C SER C 142 -8.27 -20.64 -2.89
N PRO C 143 -8.66 -21.77 -2.30
CA PRO C 143 -9.73 -21.76 -1.30
C PRO C 143 -9.28 -21.14 0.00
N GLY C 144 -10.27 -20.78 0.83
CA GLY C 144 -10.03 -20.15 2.10
C GLY C 144 -10.01 -21.13 3.25
N CYS C 145 -10.22 -20.60 4.46
CA CYS C 145 -10.16 -21.41 5.68
C CYS C 145 -11.54 -21.82 6.18
N LEU C 146 -12.60 -21.19 5.69
CA LEU C 146 -13.95 -21.53 6.12
C LEU C 146 -14.44 -22.86 5.56
N ASP C 147 -13.77 -23.41 4.56
CA ASP C 147 -14.26 -24.63 3.92
C ASP C 147 -14.04 -25.84 4.82
N HIS C 148 -14.85 -26.87 4.58
CA HIS C 148 -14.82 -28.07 5.43
C HIS C 148 -13.53 -28.86 5.28
N ILE C 149 -12.99 -28.94 4.07
CA ILE C 149 -11.79 -29.74 3.86
C ILE C 149 -10.60 -29.13 4.57
N MET C 150 -10.51 -27.80 4.60
CA MET C 150 -9.32 -27.10 5.08
C MET C 150 -9.50 -26.55 6.50
N LYS C 151 -10.18 -27.28 7.38
CA LYS C 151 -10.32 -26.85 8.77
C LYS C 151 -9.21 -27.37 9.67
N TYR C 152 -8.33 -28.25 9.19
CA TYR C 152 -7.44 -28.99 10.06
C TYR C 152 -5.98 -28.56 9.93
N LYS C 153 -5.69 -27.52 9.17
CA LYS C 153 -4.33 -27.01 9.11
C LYS C 153 -3.96 -26.38 10.45
N LYS C 154 -2.66 -26.39 10.76
CA LYS C 154 -2.20 -25.91 12.06
C LYS C 154 -2.54 -24.44 12.25
N LYS C 155 -2.34 -23.61 11.22
CA LYS C 155 -2.56 -22.18 11.36
C LYS C 155 -4.02 -21.87 11.65
N CYS C 156 -4.93 -22.52 10.93
CA CYS C 156 -6.35 -22.23 11.12
C CYS C 156 -6.84 -22.69 12.49
N VAL C 157 -6.44 -23.90 12.92
CA VAL C 157 -6.83 -24.39 14.23
C VAL C 157 -6.27 -23.49 15.32
N LYS C 158 -5.02 -23.05 15.17
CA LYS C 158 -4.45 -22.11 16.12
C LYS C 158 -5.24 -20.82 16.14
N ALA C 159 -5.72 -20.37 14.98
CA ALA C 159 -6.67 -19.27 14.92
C ALA C 159 -8.06 -19.68 15.34
N GLY C 160 -8.31 -20.97 15.54
CA GLY C 160 -9.54 -21.45 16.09
C GLY C 160 -10.54 -22.04 15.13
N SER C 161 -10.09 -22.60 14.00
CA SER C 161 -11.03 -23.24 13.10
C SER C 161 -11.66 -24.47 13.74
N LEU C 162 -10.86 -25.26 14.44
CA LEU C 162 -11.35 -26.45 15.10
C LEU C 162 -12.25 -26.13 16.28
N TRP C 163 -12.02 -25.00 16.94
CA TRP C 163 -12.72 -24.70 18.18
C TRP C 163 -14.23 -24.72 17.98
N ASP C 164 -14.92 -25.16 19.02
CA ASP C 164 -16.37 -25.18 19.04
C ASP C 164 -16.88 -24.26 20.14
N PRO C 165 -16.74 -22.95 20.00
CA PRO C 165 -17.38 -22.06 20.98
C PRO C 165 -18.89 -22.13 20.82
N ASN C 166 -19.53 -22.73 21.80
CA ASN C 166 -20.97 -22.93 21.85
C ASN C 166 -21.61 -21.82 22.67
N ILE C 167 -22.54 -21.10 22.05
CA ILE C 167 -23.11 -19.90 22.64
C ILE C 167 -24.61 -20.09 22.86
N THR C 168 -25.07 -19.67 24.03
CA THR C 168 -26.51 -19.62 24.33
C THR C 168 -26.77 -18.29 25.03
N ALA C 169 -27.31 -17.32 24.30
CA ALA C 169 -27.58 -15.99 24.82
C ALA C 169 -29.09 -15.76 24.82
N CYS C 170 -29.63 -15.42 25.99
CA CYS C 170 -31.06 -15.19 26.14
C CYS C 170 -31.29 -13.83 26.78
N LYS C 171 -32.41 -13.21 26.43
CA LYS C 171 -32.76 -11.88 26.90
C LYS C 171 -33.06 -11.93 28.39
N LYS C 172 -32.12 -11.45 29.21
CA LYS C 172 -32.29 -11.49 30.66
C LYS C 172 -33.48 -10.66 31.10
N ASN C 173 -33.54 -9.40 30.68
CA ASN C 173 -34.65 -8.53 31.00
C ASN C 173 -34.79 -7.51 29.87
N GLU C 174 -35.54 -6.43 30.14
CA GLU C 174 -35.80 -5.43 29.11
C GLU C 174 -34.52 -4.75 28.64
N GLU C 175 -33.62 -4.44 29.57
CA GLU C 175 -32.45 -3.63 29.27
C GLU C 175 -31.13 -4.40 29.30
N THR C 176 -31.12 -5.64 29.79
CA THR C 176 -29.90 -6.44 29.82
C THR C 176 -30.19 -7.83 29.27
N VAL C 177 -29.15 -8.43 28.68
CA VAL C 177 -29.23 -9.75 28.06
C VAL C 177 -28.11 -10.62 28.61
N GLU C 178 -28.39 -11.90 28.81
CA GLU C 178 -27.41 -12.83 29.36
C GLU C 178 -26.85 -13.73 28.26
N VAL C 179 -25.54 -13.86 28.22
CA VAL C 179 -24.84 -14.64 27.21
C VAL C 179 -24.05 -15.74 27.90
N ASN C 180 -24.20 -16.98 27.44
CA ASN C 180 -23.43 -18.11 27.93
C ASN C 180 -22.57 -18.66 26.81
N PHE C 181 -21.28 -18.86 27.09
CA PHE C 181 -20.37 -19.38 26.10
C PHE C 181 -19.23 -20.11 26.81
N THR C 182 -18.80 -21.21 26.22
CA THR C 182 -17.79 -22.09 26.80
C THR C 182 -16.40 -21.58 26.44
N THR C 183 -15.55 -21.43 27.45
CA THR C 183 -14.23 -20.84 27.26
C THR C 183 -13.24 -21.86 26.72
N THR C 184 -12.00 -21.42 26.53
CA THR C 184 -10.94 -22.23 25.98
C THR C 184 -9.64 -21.89 26.69
N PRO C 185 -8.70 -22.83 26.74
CA PRO C 185 -7.37 -22.49 27.23
C PRO C 185 -6.57 -21.65 26.25
N LEU C 186 -7.05 -21.50 25.01
CA LEU C 186 -6.31 -20.75 24.01
C LEU C 186 -6.37 -19.25 24.27
N GLY C 187 -7.53 -18.75 24.69
CA GLY C 187 -7.73 -17.32 24.86
C GLY C 187 -8.34 -17.00 26.20
N ASN C 188 -8.36 -15.71 26.51
CA ASN C 188 -8.88 -15.22 27.78
C ASN C 188 -9.82 -14.01 27.65
N ARG C 189 -9.77 -13.26 26.56
CA ARG C 189 -10.57 -12.06 26.40
C ARG C 189 -11.42 -12.15 25.14
N TYR C 190 -12.67 -11.70 25.23
CA TYR C 190 -13.59 -11.73 24.11
C TYR C 190 -14.33 -10.41 24.02
N MET C 191 -14.82 -10.10 22.82
CA MET C 191 -15.66 -8.93 22.61
C MET C 191 -17.13 -9.37 22.68
N ALA C 192 -18.01 -8.47 22.24
CA ALA C 192 -19.42 -8.81 22.07
C ALA C 192 -20.05 -7.77 21.16
N LEU C 193 -20.84 -8.24 20.21
CA LEU C 193 -21.56 -7.38 19.28
C LEU C 193 -23.00 -7.84 19.19
N ILE C 194 -23.93 -6.89 19.14
CA ILE C 194 -25.34 -7.19 19.00
C ILE C 194 -25.89 -6.26 17.92
N GLN C 195 -26.34 -6.83 16.81
CA GLN C 195 -26.76 -6.06 15.64
C GLN C 195 -28.17 -6.47 15.27
N HIS C 196 -29.09 -5.50 15.28
CA HIS C 196 -30.41 -5.66 14.67
C HIS C 196 -30.59 -4.68 13.52
N SER C 197 -30.44 -3.40 13.76
CA SER C 197 -30.31 -2.38 12.74
C SER C 197 -29.06 -1.52 12.96
N THR C 198 -28.74 -1.22 14.20
CA THR C 198 -27.47 -0.58 14.59
C THR C 198 -26.98 -1.30 15.84
N ILE C 199 -25.97 -0.74 16.50
CA ILE C 199 -25.54 -1.27 17.78
C ILE C 199 -26.61 -0.98 18.82
N ILE C 200 -27.10 -2.05 19.47
CA ILE C 200 -27.99 -1.89 20.61
C ILE C 200 -27.31 -2.21 21.92
N GLY C 201 -26.16 -2.87 21.90
CA GLY C 201 -25.41 -3.16 23.10
C GLY C 201 -23.95 -3.36 22.76
N PHE C 202 -23.11 -3.34 23.80
CA PHE C 202 -21.68 -3.46 23.61
C PHE C 202 -21.05 -3.73 24.97
N SER C 203 -19.91 -4.44 24.96
CA SER C 203 -19.22 -4.77 26.20
C SER C 203 -17.81 -5.26 25.88
N GLN C 204 -17.05 -5.52 26.92
CA GLN C 204 -15.73 -6.14 26.83
C GLN C 204 -15.48 -6.91 28.12
N VAL C 205 -15.06 -8.18 27.99
CA VAL C 205 -14.98 -9.09 29.12
C VAL C 205 -13.57 -9.67 29.20
N PHE C 206 -13.20 -10.11 30.40
CA PHE C 206 -11.93 -10.78 30.65
C PHE C 206 -12.15 -11.82 31.73
N GLU C 207 -12.02 -13.10 31.36
CA GLU C 207 -12.15 -14.23 32.27
C GLU C 207 -11.05 -15.26 31.98
N PRO C 208 -10.49 -15.88 33.01
CA PRO C 208 -9.48 -16.91 32.80
C PRO C 208 -10.10 -18.25 32.40
N HIS C 209 -9.24 -19.25 32.24
CA HIS C 209 -9.69 -20.57 31.83
C HIS C 209 -10.48 -21.25 32.95
N GLN C 210 -11.53 -21.98 32.56
CA GLN C 210 -12.40 -22.68 33.51
C GLN C 210 -12.16 -24.18 33.41
N LYS C 211 -11.26 -24.70 34.23
CA LYS C 211 -11.28 -26.13 34.52
C LYS C 211 -12.57 -26.49 35.23
N LYS C 212 -13.15 -25.53 35.93
CA LYS C 212 -14.50 -25.62 36.48
C LYS C 212 -15.52 -25.65 35.35
N GLN C 213 -16.79 -25.76 35.73
CA GLN C 213 -17.88 -25.77 34.76
C GLN C 213 -17.92 -24.45 33.99
N THR C 214 -18.04 -24.56 32.67
CA THR C 214 -17.70 -23.46 31.77
C THR C 214 -18.89 -22.59 31.36
N ARG C 215 -20.09 -22.84 31.88
CA ARG C 215 -21.24 -22.03 31.49
C ARG C 215 -21.05 -20.59 31.95
N ALA C 216 -21.13 -19.66 30.99
CA ALA C 216 -20.75 -18.28 31.24
C ALA C 216 -21.87 -17.55 31.98
N SER C 217 -21.53 -16.37 32.50
CA SER C 217 -22.47 -15.53 33.23
C SER C 217 -22.31 -14.06 32.89
N VAL C 218 -22.17 -13.74 31.60
CA VAL C 218 -21.93 -12.37 31.15
C VAL C 218 -23.26 -11.68 30.89
N VAL C 219 -23.39 -10.46 31.41
CA VAL C 219 -24.59 -9.65 31.28
C VAL C 219 -24.23 -8.37 30.54
N ILE C 220 -25.01 -8.05 29.52
CA ILE C 220 -24.72 -6.90 28.64
C ILE C 220 -25.94 -5.99 28.56
N PRO C 221 -25.80 -4.69 28.76
CA PRO C 221 -26.94 -3.78 28.62
C PRO C 221 -27.32 -3.61 27.16
N VAL C 222 -28.62 -3.51 26.90
CA VAL C 222 -29.15 -3.37 25.55
C VAL C 222 -30.20 -2.27 25.54
N THR C 223 -30.23 -1.50 24.47
CA THR C 223 -31.16 -0.40 24.30
C THR C 223 -32.34 -0.86 23.45
N GLY C 224 -33.55 -0.69 23.97
CA GLY C 224 -34.75 -1.08 23.25
C GLY C 224 -34.99 -2.58 23.31
N ASP C 225 -35.97 -3.01 22.53
CA ASP C 225 -36.31 -4.43 22.46
C ASP C 225 -35.21 -5.18 21.70
N SER C 226 -34.58 -6.13 22.37
CA SER C 226 -33.49 -6.89 21.78
C SER C 226 -33.96 -8.21 21.16
N GLU C 227 -35.26 -8.47 21.17
CA GLU C 227 -35.77 -9.72 20.62
C GLU C 227 -35.49 -9.80 19.12
N GLY C 228 -35.08 -10.97 18.67
CA GLY C 228 -34.84 -11.18 17.26
C GLY C 228 -33.59 -10.52 16.72
N ALA C 229 -32.61 -10.25 17.57
CA ALA C 229 -31.38 -9.62 17.14
C ALA C 229 -30.37 -10.70 16.73
N THR C 230 -29.14 -10.29 16.45
CA THR C 230 -28.06 -11.22 16.10
C THR C 230 -26.93 -11.05 17.10
N VAL C 231 -26.40 -12.17 17.58
CA VAL C 231 -25.30 -12.18 18.52
C VAL C 231 -24.04 -12.60 17.78
N GLN C 232 -23.03 -11.75 17.78
CA GLN C 232 -21.76 -11.99 17.12
C GLN C 232 -20.66 -11.98 18.16
N LEU C 233 -19.81 -12.99 18.14
CA LEU C 233 -18.76 -13.15 19.13
C LEU C 233 -17.41 -13.12 18.43
N THR C 234 -16.45 -12.40 19.02
CA THR C 234 -15.14 -12.22 18.43
C THR C 234 -14.09 -12.60 19.45
N PRO C 235 -13.21 -13.56 19.15
CA PRO C 235 -12.16 -13.92 20.11
C PRO C 235 -10.85 -13.21 19.85
N TYR C 236 -10.15 -12.85 20.92
CA TYR C 236 -8.85 -12.16 20.83
C TYR C 236 -7.71 -13.15 20.85
N PHE C 237 -7.76 -14.12 19.96
CA PHE C 237 -6.67 -15.10 19.89
C PHE C 237 -5.41 -14.40 19.42
N PRO C 238 -4.28 -14.57 20.11
CA PRO C 238 -3.08 -13.80 19.78
C PRO C 238 -2.52 -14.07 18.39
N THR C 239 -2.61 -15.31 17.90
CA THR C 239 -1.89 -15.67 16.69
C THR C 239 -2.53 -15.10 15.43
N CYS C 240 -3.83 -14.80 15.46
CA CYS C 240 -4.50 -14.19 14.31
C CYS C 240 -4.54 -12.67 14.41
N GLY C 241 -3.88 -12.09 15.40
CA GLY C 241 -3.93 -10.64 15.57
C GLY C 241 -5.34 -10.17 15.82
N SER C 242 -5.76 -9.15 15.09
CA SER C 242 -7.13 -8.65 15.19
C SER C 242 -8.07 -9.30 14.19
N ASP C 243 -7.54 -10.05 13.22
CA ASP C 243 -8.37 -10.69 12.20
C ASP C 243 -8.61 -12.17 12.54
N CYS C 244 -9.43 -12.38 13.57
CA CYS C 244 -9.77 -13.71 14.03
C CYS C 244 -11.21 -14.05 13.65
N ILE C 245 -11.43 -15.33 13.33
CA ILE C 245 -12.72 -15.75 12.80
C ILE C 245 -13.80 -15.54 13.85
N ARG C 246 -15.01 -15.27 13.38
CA ARG C 246 -16.16 -14.98 14.23
C ARG C 246 -17.22 -16.07 14.07
N HIS C 247 -18.08 -16.18 15.09
CA HIS C 247 -19.11 -17.21 15.13
C HIS C 247 -20.45 -16.57 15.46
N LYS C 248 -21.50 -17.17 14.97
CA LYS C 248 -22.81 -16.53 15.14
C LYS C 248 -23.47 -16.97 16.43
N GLY C 249 -24.44 -16.19 16.86
CA GLY C 249 -25.23 -16.53 18.03
C GLY C 249 -26.60 -15.93 17.82
N THR C 250 -27.56 -16.42 18.59
CA THR C 250 -28.94 -15.99 18.43
C THR C 250 -29.54 -15.62 19.78
N VAL C 251 -30.54 -14.75 19.74
CA VAL C 251 -31.25 -14.30 20.93
C VAL C 251 -32.47 -15.19 21.12
N VAL C 252 -32.60 -15.77 22.32
CA VAL C 252 -33.76 -16.56 22.68
C VAL C 252 -34.43 -15.90 23.90
N LEU C 253 -35.62 -16.39 24.22
CA LEU C 253 -36.43 -15.82 25.29
C LEU C 253 -36.29 -16.65 26.55
N CYS C 254 -36.01 -15.99 27.67
CA CYS C 254 -35.86 -16.65 28.96
C CYS C 254 -37.08 -16.36 29.83
N PRO C 255 -37.91 -17.36 30.15
CA PRO C 255 -39.09 -17.20 31.02
C PRO C 255 -38.76 -16.53 32.35
N GLU D 2 35.93 33.48 10.03
CA GLU D 2 34.48 33.59 9.91
C GLU D 2 33.94 32.54 8.95
N PRO D 3 33.72 31.33 9.44
CA PRO D 3 33.34 30.22 8.56
C PRO D 3 32.01 30.44 7.88
N THR D 4 31.90 29.91 6.67
CA THR D 4 30.68 29.95 5.88
C THR D 4 30.38 28.54 5.40
N VAL D 5 29.14 28.32 4.97
CA VAL D 5 28.67 27.01 4.55
C VAL D 5 28.33 27.06 3.07
N GLN D 6 28.94 26.18 2.30
CA GLN D 6 28.70 26.03 0.87
C GLN D 6 27.97 24.72 0.63
N CYS D 7 26.79 24.82 0.00
CA CYS D 7 25.95 23.61 -0.10
C CYS D 7 25.76 23.14 -1.54
N GLY D 8 25.78 21.83 -1.76
CA GLY D 8 25.50 21.21 -3.04
C GLY D 8 24.75 19.91 -2.82
N SER D 9 24.31 19.32 -3.94
CA SER D 9 23.40 18.18 -3.89
C SER D 9 24.14 16.87 -4.12
N GLU D 10 23.75 15.83 -3.38
CA GLU D 10 24.33 14.50 -3.54
C GLU D 10 23.48 13.48 -2.80
N THR D 11 23.07 12.42 -3.50
CA THR D 11 22.29 11.33 -2.91
C THR D 11 23.00 10.01 -3.18
N GLY D 12 23.18 9.21 -2.12
CA GLY D 12 23.81 7.92 -2.25
C GLY D 12 24.81 7.62 -1.15
N PRO D 13 25.81 6.80 -1.46
CA PRO D 13 26.79 6.41 -0.43
C PRO D 13 27.87 7.47 -0.26
N SER D 14 28.10 7.87 0.98
CA SER D 14 29.18 8.79 1.30
C SER D 14 30.51 8.05 1.31
N PRO D 15 31.53 8.59 0.65
CA PRO D 15 32.81 7.87 0.56
C PRO D 15 33.48 7.64 1.90
N GLU D 16 33.16 8.41 2.93
CA GLU D 16 33.77 8.22 4.24
C GLU D 16 33.21 7.02 4.98
N TRP D 17 32.04 6.51 4.57
CA TRP D 17 31.43 5.38 5.25
C TRP D 17 32.28 4.12 5.12
N MET D 18 32.81 3.86 3.93
CA MET D 18 33.62 2.67 3.72
C MET D 18 34.91 2.72 4.53
N LEU D 19 35.58 3.87 4.54
CA LEU D 19 36.86 3.96 5.22
C LEU D 19 36.67 3.99 6.74
N GLN D 20 37.75 3.68 7.44
CA GLN D 20 37.77 3.69 8.90
C GLN D 20 38.40 4.98 9.41
N HIS D 21 37.76 5.57 10.42
CA HIS D 21 38.23 6.82 11.01
C HIS D 21 38.60 6.58 12.45
N ASP D 22 39.79 7.03 12.84
CA ASP D 22 40.24 6.85 14.23
C ASP D 22 39.45 7.74 15.19
N LEU D 23 39.30 9.01 14.85
CA LEU D 23 38.65 9.98 15.71
C LEU D 23 37.39 10.50 15.03
N ILE D 24 36.35 10.73 15.82
CA ILE D 24 35.07 11.19 15.30
C ILE D 24 34.67 12.46 16.04
N PRO D 25 33.86 13.33 15.45
CA PRO D 25 33.39 14.52 16.14
C PRO D 25 32.20 14.22 17.02
N GLY D 26 31.66 15.26 17.63
CA GLY D 26 30.44 15.15 18.39
C GLY D 26 29.24 15.02 17.47
N ASP D 27 28.10 15.53 17.92
CA ASP D 27 26.87 15.51 17.14
C ASP D 27 26.32 16.92 17.04
N LEU D 28 25.20 17.06 16.34
CA LEU D 28 24.51 18.33 16.28
C LEU D 28 23.80 18.60 17.60
N ARG D 29 24.13 19.74 18.21
CA ARG D 29 23.54 20.07 19.50
C ARG D 29 22.05 20.43 19.36
N ASP D 30 21.72 21.28 18.39
CA ASP D 30 20.36 21.76 18.24
C ASP D 30 19.99 21.74 16.77
N LEU D 31 18.69 21.64 16.51
CA LEU D 31 18.17 21.56 15.14
C LEU D 31 16.77 22.14 15.11
N ARG D 32 16.52 23.03 14.15
CA ARG D 32 15.21 23.58 13.91
C ARG D 32 14.93 23.62 12.42
N VAL D 33 13.66 23.46 12.05
CA VAL D 33 13.21 23.49 10.66
C VAL D 33 11.99 24.40 10.58
N GLU D 34 12.01 25.33 9.63
CA GLU D 34 10.89 26.22 9.43
C GLU D 34 10.65 26.45 7.94
N PRO D 35 9.42 26.78 7.55
CA PRO D 35 9.14 27.10 6.15
C PRO D 35 9.22 28.59 5.85
N VAL D 36 9.60 28.91 4.62
CA VAL D 36 9.62 30.27 4.14
C VAL D 36 8.90 30.33 2.80
N THR D 37 8.41 31.52 2.46
CA THR D 37 7.69 31.76 1.22
C THR D 37 8.39 32.84 0.42
N THR D 38 8.62 32.57 -0.86
CA THR D 38 9.27 33.52 -1.75
C THR D 38 8.25 34.40 -2.45
N SER D 39 8.55 35.70 -2.52
CA SER D 39 7.66 36.63 -3.18
C SER D 39 7.55 36.34 -4.67
N VAL D 40 6.34 36.47 -5.20
CA VAL D 40 6.10 36.22 -6.62
C VAL D 40 6.59 37.40 -7.45
N TYR D 45 5.81 31.43 -7.57
CA TYR D 45 5.23 31.12 -6.27
C TYR D 45 5.67 29.73 -5.82
N SER D 46 6.51 29.67 -4.79
CA SER D 46 7.07 28.42 -4.33
C SER D 46 7.19 28.44 -2.81
N ILE D 47 7.32 27.25 -2.23
CA ILE D 47 7.53 27.08 -0.80
C ILE D 47 8.84 26.33 -0.60
N LEU D 48 9.74 26.90 0.20
CA LEU D 48 11.01 26.28 0.55
C LEU D 48 11.13 26.24 2.07
N MET D 49 11.90 25.28 2.57
CA MET D 49 12.06 25.11 4.01
C MET D 49 13.39 25.69 4.46
N ASN D 50 13.35 26.46 5.54
CA ASN D 50 14.54 27.07 6.12
C ASN D 50 14.96 26.24 7.34
N VAL D 51 16.15 25.65 7.27
CA VAL D 51 16.71 24.85 8.35
C VAL D 51 17.74 25.69 9.09
N SER D 52 18.02 25.29 10.33
CA SER D 52 19.08 25.91 11.11
C SER D 52 19.60 24.92 12.12
N TRP D 53 20.91 24.94 12.35
CA TRP D 53 21.52 24.04 13.31
C TRP D 53 22.58 24.77 14.13
N VAL D 54 22.77 24.30 15.36
CA VAL D 54 23.75 24.85 16.28
C VAL D 54 24.82 23.77 16.50
N LEU D 55 26.06 24.09 16.18
CA LEU D 55 27.16 23.15 16.23
C LEU D 55 27.61 22.95 17.68
N ARG D 56 28.31 21.84 17.91
CA ARG D 56 28.63 21.42 19.28
C ARG D 56 29.62 22.40 19.93
N ALA D 57 29.66 22.36 21.26
CA ALA D 57 30.36 23.36 22.04
C ALA D 57 31.54 22.75 22.81
N ASP D 58 32.58 23.57 22.95
CA ASP D 58 33.68 23.37 23.89
C ASP D 58 34.65 22.27 23.49
N ALA D 59 34.32 21.47 22.49
CA ALA D 59 35.15 20.33 22.12
C ALA D 59 34.60 19.61 20.90
N SER D 60 35.34 18.62 20.40
CA SER D 60 34.93 17.71 19.34
C SER D 60 34.72 18.41 18.01
N ILE D 61 35.13 19.68 17.88
CA ILE D 61 35.07 20.41 16.62
C ILE D 61 36.46 20.70 16.08
N ARG D 62 37.50 20.30 16.81
CA ARG D 62 38.86 20.50 16.31
C ARG D 62 39.07 19.83 14.96
N LEU D 63 38.36 18.74 14.69
CA LEU D 63 38.39 18.10 13.38
C LEU D 63 36.96 17.82 12.94
N LEU D 64 36.60 18.29 11.74
CA LEU D 64 35.26 18.14 11.19
C LEU D 64 35.27 18.61 9.74
N LYS D 65 34.37 18.06 8.93
CA LYS D 65 34.32 18.39 7.51
C LYS D 65 32.99 19.02 7.07
N ALA D 66 31.86 18.38 7.34
CA ALA D 66 30.59 18.85 6.79
C ALA D 66 29.43 18.29 7.62
N THR D 67 28.21 18.49 7.12
CA THR D 67 27.00 18.07 7.81
C THR D 67 25.95 17.70 6.78
N LYS D 68 25.53 16.43 6.77
CA LYS D 68 24.53 15.98 5.81
C LYS D 68 23.13 16.08 6.39
N ILE D 69 22.18 16.42 5.53
CA ILE D 69 20.76 16.47 5.88
C ILE D 69 19.99 15.69 4.84
N CYS D 70 19.11 14.80 5.28
CA CYS D 70 18.15 14.18 4.39
C CYS D 70 16.74 14.11 4.95
N VAL D 71 15.78 14.16 4.03
CA VAL D 71 14.38 14.41 4.31
C VAL D 71 13.53 13.38 3.58
N THR D 72 12.55 12.81 4.28
CA THR D 72 11.66 11.81 3.71
C THR D 72 10.23 12.29 3.84
N GLY D 73 9.51 12.34 2.71
CA GLY D 73 8.12 12.73 2.70
C GLY D 73 7.22 11.59 2.28
N LYS D 74 6.05 11.46 2.91
CA LYS D 74 5.21 10.28 2.69
C LYS D 74 3.75 10.67 2.74
N SER D 75 3.12 10.79 1.56
CA SER D 75 1.67 10.94 1.46
C SER D 75 1.19 10.56 0.07
N ASN D 76 0.52 9.41 -0.04
CA ASN D 76 -0.01 8.89 -1.30
C ASN D 76 1.13 8.59 -2.27
N PHE D 77 2.36 8.84 -1.81
CA PHE D 77 3.59 8.74 -2.57
C PHE D 77 4.75 8.45 -1.63
N GLN D 78 5.90 8.09 -2.17
CA GLN D 78 7.12 8.03 -1.38
C GLN D 78 8.10 9.08 -1.92
N SER D 79 9.02 9.53 -1.07
CA SER D 79 10.00 10.52 -1.49
C SER D 79 11.25 10.39 -0.64
N TYR D 80 12.40 10.58 -1.28
CA TYR D 80 13.69 10.56 -0.59
C TYR D 80 14.71 11.22 -1.51
N SER D 81 15.26 12.35 -1.08
CA SER D 81 16.35 13.01 -1.80
C SER D 81 16.99 13.99 -0.83
N CYS D 82 18.32 14.10 -0.90
CA CYS D 82 18.96 14.96 0.12
C CYS D 82 20.30 15.50 -0.36
N VAL D 83 20.75 16.56 0.30
CA VAL D 83 22.01 17.23 -0.03
C VAL D 83 22.94 17.21 1.16
N ARG D 84 24.17 16.75 0.93
CA ARG D 84 25.29 16.93 1.83
C ARG D 84 25.93 18.26 1.48
N CYS D 85 26.06 19.11 2.53
CA CYS D 85 26.57 20.51 2.41
C CYS D 85 27.85 20.69 3.20
N ASN D 86 28.81 21.44 2.66
CA ASN D 86 30.13 21.45 3.26
C ASN D 86 30.33 22.63 4.20
N TYR D 87 31.50 22.65 4.85
CA TYR D 87 32.04 23.82 5.53
C TYR D 87 33.38 24.18 4.90
N THR D 88 33.69 25.47 4.88
CA THR D 88 34.87 25.96 4.17
C THR D 88 36.07 26.16 5.10
N GLU D 89 35.93 26.99 6.12
CA GLU D 89 37.04 27.28 7.00
C GLU D 89 37.24 26.17 8.02
N ALA D 90 38.47 26.06 8.52
CA ALA D 90 38.76 25.23 9.67
C ALA D 90 38.31 25.95 10.94
N PHE D 91 37.93 25.16 11.94
CA PHE D 91 37.40 25.70 13.19
C PHE D 91 38.52 25.76 14.22
N GLN D 92 38.76 26.95 14.78
CA GLN D 92 39.81 27.13 15.76
C GLN D 92 39.30 27.33 17.18
N THR D 93 38.03 27.70 17.34
CA THR D 93 37.47 28.02 18.64
C THR D 93 36.09 27.40 18.78
N GLN D 94 35.51 27.57 19.97
CA GLN D 94 34.29 26.86 20.32
C GLN D 94 33.03 27.67 20.04
N THR D 95 33.00 28.94 20.45
CA THR D 95 31.92 29.85 20.14
C THR D 95 32.41 30.91 19.17
N ARG D 96 31.55 31.86 18.85
CA ARG D 96 31.95 32.94 17.97
C ARG D 96 32.99 33.82 18.63
N PRO D 97 34.08 34.16 17.94
CA PRO D 97 34.95 35.22 18.46
C PRO D 97 34.20 36.52 18.67
N SER D 98 33.28 36.85 17.77
CA SER D 98 32.43 38.02 17.96
C SER D 98 31.45 37.82 19.11
N GLY D 99 31.10 36.57 19.42
CA GLY D 99 30.20 36.29 20.52
C GLY D 99 28.97 35.52 20.10
N GLY D 100 28.43 34.72 21.02
CA GLY D 100 27.25 33.92 20.76
C GLY D 100 27.57 32.58 20.16
N LYS D 101 26.52 31.76 20.02
CA LYS D 101 26.66 30.42 19.47
C LYS D 101 26.62 30.46 17.95
N TRP D 102 26.76 29.28 17.35
CA TRP D 102 26.86 29.14 15.90
C TRP D 102 25.48 28.90 15.30
N THR D 103 25.12 29.70 14.30
CA THR D 103 23.81 29.64 13.67
C THR D 103 24.00 29.61 12.17
N PHE D 104 23.74 28.46 11.56
CA PHE D 104 23.85 28.26 10.12
C PHE D 104 22.47 28.01 9.53
N SER D 105 22.40 27.89 8.21
CA SER D 105 21.13 27.69 7.53
C SER D 105 21.38 27.37 6.07
N TYR D 106 20.35 26.82 5.42
CA TYR D 106 20.36 26.56 3.98
C TYR D 106 18.92 26.51 3.49
N ILE D 107 18.68 27.10 2.32
CA ILE D 107 17.33 27.24 1.79
C ILE D 107 17.19 26.31 0.59
N GLY D 108 16.14 25.50 0.58
CA GLY D 108 15.93 24.57 -0.50
C GLY D 108 14.94 23.49 -0.10
N PHE D 109 15.08 22.33 -0.74
CA PHE D 109 14.24 21.16 -0.49
C PHE D 109 12.77 21.48 -0.74
N PRO D 110 12.36 21.58 -2.02
CA PRO D 110 10.99 22.01 -2.35
C PRO D 110 9.90 21.31 -1.56
N VAL D 111 8.74 21.97 -1.43
CA VAL D 111 7.68 21.51 -0.55
C VAL D 111 6.43 21.25 -1.38
N GLU D 112 5.83 20.08 -1.21
CA GLU D 112 4.59 19.72 -1.86
C GLU D 112 3.42 19.98 -0.91
N LEU D 113 2.25 19.51 -1.28
CA LEU D 113 1.03 19.75 -0.52
C LEU D 113 0.58 18.48 0.18
N ASN D 114 0.21 18.60 1.45
CA ASN D 114 -0.37 17.51 2.24
C ASN D 114 0.61 16.34 2.41
N THR D 115 1.89 16.66 2.58
CA THR D 115 2.91 15.63 2.78
C THR D 115 3.64 15.88 4.10
N VAL D 116 3.71 14.85 4.94
CA VAL D 116 4.47 14.92 6.18
C VAL D 116 5.94 14.73 5.87
N TYR D 117 6.79 15.50 6.54
CA TYR D 117 8.22 15.53 6.27
C TYR D 117 8.99 15.15 7.51
N PHE D 118 10.03 14.34 7.34
CA PHE D 118 10.89 13.92 8.44
C PHE D 118 12.33 14.27 8.11
N ILE D 119 12.95 15.08 8.96
CA ILE D 119 14.26 15.66 8.71
C ILE D 119 15.26 15.03 9.65
N GLY D 120 16.38 14.55 9.11
CA GLY D 120 17.43 13.98 9.91
C GLY D 120 18.78 14.46 9.43
N ALA D 121 19.77 14.35 10.31
CA ALA D 121 21.10 14.83 9.99
C ALA D 121 22.12 14.18 10.90
N HIS D 122 23.39 14.22 10.48
CA HIS D 122 24.48 13.79 11.34
C HIS D 122 25.77 14.44 10.86
N ASN D 123 26.78 14.39 11.71
CA ASN D 123 28.06 15.03 11.44
C ASN D 123 28.99 14.11 10.65
N ILE D 124 30.05 14.69 10.10
CA ILE D 124 30.96 13.99 9.21
C ILE D 124 32.37 14.03 9.78
N PRO D 125 33.13 12.91 9.75
CA PRO D 125 32.74 11.58 9.29
C PRO D 125 31.82 10.89 10.30
N ASN D 126 31.22 9.77 9.94
CA ASN D 126 30.21 9.14 10.76
C ASN D 126 30.80 8.11 11.73
N ALA D 127 29.98 7.70 12.69
CA ALA D 127 30.42 6.78 13.72
C ALA D 127 30.67 5.39 13.13
N ASN D 128 31.72 4.73 13.61
CA ASN D 128 32.05 3.40 13.14
C ASN D 128 31.07 2.38 13.71
N MET D 129 31.22 1.13 13.28
CA MET D 129 30.36 0.06 13.76
C MET D 129 30.55 -0.15 15.26
N ASN D 130 29.48 -0.55 15.93
CA ASN D 130 29.46 -0.77 17.37
C ASN D 130 29.80 0.51 18.12
N GLU D 131 28.96 1.52 17.92
CA GLU D 131 29.05 2.77 18.65
C GLU D 131 27.65 3.31 18.89
N ASP D 132 27.56 4.45 19.56
CA ASP D 132 26.27 5.01 19.93
C ASP D 132 25.60 5.67 18.73
N GLY D 133 24.26 5.69 18.77
CA GLY D 133 23.48 6.37 17.76
C GLY D 133 23.54 7.88 17.93
N PRO D 134 24.18 8.55 16.98
CA PRO D 134 24.53 9.96 17.19
C PRO D 134 23.43 10.94 16.81
N SER D 135 22.56 10.58 15.89
CA SER D 135 21.74 11.57 15.21
C SER D 135 20.60 12.05 16.09
N MET D 136 19.96 13.14 15.65
CA MET D 136 18.70 13.62 16.19
C MET D 136 17.84 14.11 15.04
N SER D 137 16.52 14.00 15.21
CA SER D 137 15.60 14.28 14.12
C SER D 137 14.42 15.10 14.63
N VAL D 138 13.78 15.82 13.69
CA VAL D 138 12.61 16.63 13.97
C VAL D 138 11.60 16.41 12.83
N ASN D 139 10.34 16.66 13.12
CA ASN D 139 9.27 16.46 12.14
C ASN D 139 8.57 17.78 11.83
N PHE D 140 7.91 17.83 10.68
CA PHE D 140 7.28 19.04 10.18
C PHE D 140 6.18 18.66 9.21
N THR D 141 5.13 19.48 9.18
CA THR D 141 3.96 19.24 8.34
C THR D 141 3.61 20.51 7.59
N SER D 142 3.11 20.35 6.34
CA SER D 142 2.75 21.42 5.43
C SER D 142 1.24 21.66 5.44
N PRO D 143 0.80 22.88 5.14
CA PRO D 143 -0.64 23.16 5.09
C PRO D 143 -1.28 22.57 3.85
N GLY D 144 -2.60 22.55 3.85
CA GLY D 144 -3.38 22.06 2.73
C GLY D 144 -3.83 23.18 1.81
N CYS D 145 -4.97 22.95 1.15
CA CYS D 145 -5.53 23.93 0.23
C CYS D 145 -6.81 24.55 0.77
N LEU D 146 -6.99 24.56 2.09
CA LEU D 146 -8.16 25.16 2.71
C LEU D 146 -7.83 26.45 3.45
N ASP D 147 -6.58 26.91 3.42
CA ASP D 147 -6.18 28.10 4.13
C ASP D 147 -6.18 29.30 3.20
N HIS D 148 -6.41 30.49 3.78
CA HIS D 148 -6.55 31.70 2.98
C HIS D 148 -5.25 32.04 2.26
N ILE D 149 -4.11 31.89 2.92
CA ILE D 149 -2.84 32.28 2.35
C ILE D 149 -2.39 31.35 1.23
N MET D 150 -3.06 30.23 1.03
CA MET D 150 -2.58 29.24 0.08
C MET D 150 -3.72 28.75 -0.83
N LYS D 151 -4.44 29.68 -1.45
CA LYS D 151 -5.50 29.31 -2.37
C LYS D 151 -5.15 29.44 -3.85
N TYR D 152 -3.90 29.76 -4.18
CA TYR D 152 -3.62 30.30 -5.52
C TYR D 152 -2.53 29.56 -6.31
N LYS D 153 -2.18 28.32 -5.97
CA LYS D 153 -1.40 27.54 -6.93
C LYS D 153 -2.20 27.26 -8.18
N LYS D 154 -1.50 27.18 -9.31
CA LYS D 154 -2.11 26.70 -10.54
C LYS D 154 -2.60 25.27 -10.36
N LYS D 155 -1.97 24.50 -9.47
CA LYS D 155 -2.37 23.11 -9.25
C LYS D 155 -3.75 23.03 -8.63
N CYS D 156 -3.98 23.78 -7.56
CA CYS D 156 -5.23 23.67 -6.82
C CYS D 156 -6.35 24.53 -7.40
N VAL D 157 -6.03 25.50 -8.26
CA VAL D 157 -7.07 26.29 -8.91
C VAL D 157 -7.90 25.41 -9.83
N LYS D 158 -7.25 24.52 -10.56
CA LYS D 158 -7.97 23.60 -11.44
C LYS D 158 -8.92 22.72 -10.65
N ALA D 159 -8.56 22.35 -9.42
CA ALA D 159 -9.47 21.63 -8.55
C ALA D 159 -10.60 22.52 -8.05
N GLY D 160 -10.53 23.82 -8.28
CA GLY D 160 -11.61 24.71 -7.93
C GLY D 160 -11.44 25.40 -6.60
N SER D 161 -10.21 25.69 -6.22
CA SER D 161 -9.97 26.38 -4.96
C SER D 161 -10.56 27.78 -4.98
N LEU D 162 -10.39 28.49 -6.08
CA LEU D 162 -10.87 29.86 -6.19
C LEU D 162 -12.29 29.96 -6.72
N TRP D 163 -12.94 28.83 -6.96
CA TRP D 163 -14.29 28.86 -7.48
C TRP D 163 -15.24 29.52 -6.49
N ASP D 164 -16.27 30.14 -7.02
CA ASP D 164 -17.32 30.71 -6.20
C ASP D 164 -18.64 30.02 -6.51
N PRO D 165 -18.78 28.73 -6.19
CA PRO D 165 -20.08 28.09 -6.43
C PRO D 165 -21.11 28.57 -5.41
N ASN D 166 -21.98 29.44 -5.88
CA ASN D 166 -23.11 29.97 -5.13
C ASN D 166 -24.30 29.03 -5.28
N ILE D 167 -24.89 28.68 -4.13
CA ILE D 167 -25.91 27.65 -4.12
C ILE D 167 -27.12 28.13 -3.34
N THR D 168 -28.30 27.67 -3.75
CA THR D 168 -29.55 28.00 -3.08
C THR D 168 -30.48 26.80 -3.19
N ALA D 169 -30.75 26.14 -2.07
CA ALA D 169 -31.61 24.95 -2.06
C ALA D 169 -32.76 25.20 -1.09
N CYS D 170 -33.98 25.12 -1.59
CA CYS D 170 -35.17 25.30 -0.78
C CYS D 170 -36.14 24.16 -1.00
N LYS D 171 -36.97 23.91 0.02
CA LYS D 171 -37.87 22.76 0.03
C LYS D 171 -39.09 23.07 -0.82
N LYS D 172 -39.18 22.46 -2.00
CA LYS D 172 -40.31 22.70 -2.89
C LYS D 172 -41.62 22.21 -2.25
N ASN D 173 -41.65 20.97 -1.81
CA ASN D 173 -42.84 20.39 -1.21
C ASN D 173 -42.39 19.34 -0.19
N GLU D 174 -43.34 18.50 0.23
CA GLU D 174 -43.03 17.51 1.26
C GLU D 174 -41.96 16.53 0.79
N GLU D 175 -42.02 16.11 -0.47
CA GLU D 175 -41.13 15.08 -0.99
C GLU D 175 -40.09 15.62 -1.96
N THR D 176 -40.11 16.91 -2.29
CA THR D 176 -39.21 17.47 -3.27
C THR D 176 -38.53 18.72 -2.75
N VAL D 177 -37.23 18.83 -3.00
CA VAL D 177 -36.44 20.01 -2.65
C VAL D 177 -35.69 20.45 -3.89
N GLU D 178 -35.73 21.74 -4.20
CA GLU D 178 -35.10 22.27 -5.40
C GLU D 178 -33.78 22.96 -5.06
N VAL D 179 -32.78 22.74 -5.90
CA VAL D 179 -31.44 23.28 -5.69
C VAL D 179 -31.11 24.22 -6.85
N ASN D 180 -30.69 25.44 -6.50
CA ASN D 180 -30.26 26.44 -7.46
C ASN D 180 -28.77 26.69 -7.27
N PHE D 181 -28.01 26.66 -8.36
CA PHE D 181 -26.58 26.91 -8.26
C PHE D 181 -26.03 27.36 -9.60
N THR D 182 -24.86 27.99 -9.57
CA THR D 182 -24.22 28.53 -10.76
C THR D 182 -23.22 27.53 -11.32
N THR D 183 -23.23 27.37 -12.65
CA THR D 183 -22.36 26.42 -13.31
C THR D 183 -21.01 27.06 -13.65
N THR D 184 -20.13 26.25 -14.21
CA THR D 184 -18.78 26.66 -14.57
C THR D 184 -18.39 26.02 -15.89
N PRO D 185 -17.53 26.68 -16.67
CA PRO D 185 -16.99 26.02 -17.87
C PRO D 185 -16.07 24.86 -17.57
N LEU D 186 -15.56 24.74 -16.34
CA LEU D 186 -14.67 23.64 -16.00
C LEU D 186 -15.42 22.34 -15.79
N GLY D 187 -16.64 22.40 -15.28
CA GLY D 187 -17.37 21.19 -14.94
C GLY D 187 -18.56 20.90 -15.84
N ASN D 188 -18.98 19.64 -15.88
CA ASN D 188 -20.13 19.24 -16.67
C ASN D 188 -21.09 18.38 -15.87
N ARG D 189 -20.58 17.67 -14.87
CA ARG D 189 -21.37 16.72 -14.09
C ARG D 189 -21.10 16.90 -12.61
N TYR D 190 -22.16 16.85 -11.80
CA TYR D 190 -22.06 17.02 -10.35
C TYR D 190 -22.91 15.98 -9.64
N MET D 191 -22.62 15.77 -8.36
CA MET D 191 -23.42 14.94 -7.48
C MET D 191 -24.46 15.79 -6.76
N ALA D 192 -25.12 15.19 -5.77
CA ALA D 192 -25.95 15.90 -4.82
C ALA D 192 -26.18 15.00 -3.62
N LEU D 193 -25.71 15.43 -2.46
CA LEU D 193 -25.85 14.66 -1.22
C LEU D 193 -26.62 15.47 -0.19
N ILE D 194 -27.55 14.80 0.48
CA ILE D 194 -28.35 15.42 1.53
C ILE D 194 -28.22 14.55 2.76
N GLN D 195 -27.75 15.13 3.87
CA GLN D 195 -27.43 14.40 5.08
C GLN D 195 -28.04 15.11 6.28
N HIS D 196 -29.04 14.47 6.91
CA HIS D 196 -29.56 14.91 8.20
C HIS D 196 -29.29 13.87 9.28
N SER D 197 -29.77 12.65 9.10
CA SER D 197 -29.35 11.49 9.88
C SER D 197 -28.73 10.42 8.99
N THR D 198 -29.39 10.09 7.90
CA THR D 198 -28.86 9.23 6.85
C THR D 198 -29.21 9.87 5.52
N ILE D 199 -29.03 9.12 4.42
CA ILE D 199 -29.45 9.62 3.13
C ILE D 199 -30.96 9.77 3.12
N ILE D 200 -31.44 10.98 2.86
CA ILE D 200 -32.85 11.20 2.63
C ILE D 200 -33.16 11.43 1.16
N GLY D 201 -32.17 11.78 0.35
CA GLY D 201 -32.36 11.96 -1.08
C GLY D 201 -31.04 11.76 -1.79
N PHE D 202 -31.12 11.71 -3.12
CA PHE D 202 -29.95 11.45 -3.94
C PHE D 202 -30.30 11.74 -5.39
N SER D 203 -29.28 12.05 -6.18
CA SER D 203 -29.47 12.33 -7.60
C SER D 203 -28.11 12.35 -8.29
N GLN D 204 -28.16 12.49 -9.61
CA GLN D 204 -26.98 12.68 -10.44
C GLN D 204 -27.39 13.45 -11.68
N VAL D 205 -26.67 14.52 -12.00
CA VAL D 205 -27.09 15.48 -13.02
C VAL D 205 -25.97 15.64 -14.04
N PHE D 206 -26.35 16.12 -15.24
CA PHE D 206 -25.40 16.39 -16.31
C PHE D 206 -25.94 17.60 -17.10
N GLU D 207 -25.21 18.71 -17.03
CA GLU D 207 -25.54 19.92 -17.77
C GLU D 207 -24.26 20.63 -18.20
N PRO D 208 -24.20 21.12 -19.44
CA PRO D 208 -22.98 21.80 -19.90
C PRO D 208 -22.90 23.25 -19.44
N HIS D 209 -21.89 23.98 -19.91
CA HIS D 209 -21.72 25.37 -19.53
C HIS D 209 -22.86 26.21 -20.09
N GLN D 210 -23.31 27.18 -19.30
CA GLN D 210 -24.42 28.06 -19.67
C GLN D 210 -23.90 29.49 -19.83
N LYS D 211 -23.60 29.86 -21.07
CA LYS D 211 -23.32 31.26 -21.36
C LYS D 211 -24.57 32.12 -21.21
N LYS D 212 -25.74 31.51 -21.10
CA LYS D 212 -26.97 32.20 -20.76
C LYS D 212 -27.02 32.44 -19.25
N GLN D 213 -28.19 32.84 -18.75
CA GLN D 213 -28.37 32.97 -17.32
C GLN D 213 -28.12 31.64 -16.63
N THR D 214 -27.46 31.68 -15.48
CA THR D 214 -26.87 30.49 -14.86
C THR D 214 -27.59 30.08 -13.57
N ARG D 215 -28.88 30.35 -13.46
CA ARG D 215 -29.63 29.89 -12.30
C ARG D 215 -30.20 28.50 -12.56
N ALA D 216 -29.86 27.56 -11.68
CA ALA D 216 -30.09 26.14 -11.93
C ALA D 216 -31.51 25.73 -11.57
N SER D 217 -31.86 24.51 -11.98
CA SER D 217 -33.14 23.89 -11.72
C SER D 217 -32.91 22.38 -11.63
N VAL D 218 -32.72 21.89 -10.41
CA VAL D 218 -32.50 20.47 -10.14
C VAL D 218 -33.55 19.99 -9.16
N VAL D 219 -34.18 18.85 -9.48
CA VAL D 219 -35.25 18.27 -8.69
C VAL D 219 -34.72 17.00 -8.05
N ILE D 220 -34.80 16.94 -6.72
CA ILE D 220 -34.31 15.78 -5.97
C ILE D 220 -35.40 15.29 -5.03
N PRO D 221 -35.77 14.01 -5.09
CA PRO D 221 -36.77 13.50 -4.15
C PRO D 221 -36.17 13.26 -2.78
N VAL D 222 -36.97 13.56 -1.75
CA VAL D 222 -36.53 13.40 -0.38
C VAL D 222 -37.54 12.57 0.37
N THR D 223 -37.07 11.91 1.43
CA THR D 223 -37.89 11.04 2.27
C THR D 223 -38.08 11.71 3.62
N GLY D 224 -39.34 11.85 4.04
CA GLY D 224 -39.65 12.48 5.30
C GLY D 224 -39.47 13.98 5.26
N ASP D 225 -39.50 14.58 6.45
CA ASP D 225 -39.30 16.02 6.57
C ASP D 225 -37.84 16.36 6.32
N SER D 226 -37.58 17.13 5.27
CA SER D 226 -36.23 17.48 4.88
C SER D 226 -35.76 18.80 5.48
N GLU D 227 -36.60 19.46 6.28
CA GLU D 227 -36.23 20.74 6.86
C GLU D 227 -35.06 20.58 7.83
N GLY D 228 -34.10 21.50 7.75
CA GLY D 228 -32.98 21.50 8.65
C GLY D 228 -31.84 20.59 8.28
N ALA D 229 -31.86 19.98 7.10
CA ALA D 229 -30.80 19.09 6.69
C ALA D 229 -29.60 19.88 6.18
N THR D 230 -28.55 19.17 5.78
CA THR D 230 -27.36 19.76 5.21
C THR D 230 -27.21 19.30 3.78
N VAL D 231 -26.87 20.23 2.89
CA VAL D 231 -26.73 19.95 1.47
C VAL D 231 -25.27 20.08 1.09
N GLN D 232 -24.68 19.01 0.59
CA GLN D 232 -23.31 18.98 0.12
C GLN D 232 -23.30 18.75 -1.38
N LEU D 233 -22.39 19.42 -2.08
CA LEU D 233 -22.23 19.27 -3.52
C LEU D 233 -20.82 18.81 -3.83
N THR D 234 -20.68 17.94 -4.81
CA THR D 234 -19.39 17.39 -5.20
C THR D 234 -19.21 17.46 -6.71
N PRO D 235 -18.29 18.27 -7.20
CA PRO D 235 -18.07 18.36 -8.65
C PRO D 235 -17.00 17.40 -9.15
N TYR D 236 -17.21 16.95 -10.39
CA TYR D 236 -16.30 16.01 -11.04
C TYR D 236 -15.25 16.74 -11.86
N PHE D 237 -14.56 17.67 -11.25
CA PHE D 237 -13.49 18.36 -11.97
C PHE D 237 -12.42 17.34 -12.34
N PRO D 238 -12.06 17.22 -13.62
CA PRO D 238 -11.19 16.11 -14.03
C PRO D 238 -9.82 16.09 -13.36
N THR D 239 -9.25 17.25 -13.05
CA THR D 239 -7.90 17.30 -12.52
C THR D 239 -7.79 16.61 -11.15
N CYS D 240 -8.71 16.87 -10.25
CA CYS D 240 -8.75 16.25 -8.93
C CYS D 240 -9.30 14.83 -8.87
N GLY D 241 -9.77 14.29 -9.98
CA GLY D 241 -10.27 12.94 -9.94
C GLY D 241 -11.46 12.83 -9.01
N SER D 242 -11.37 11.92 -8.05
CA SER D 242 -12.43 11.73 -7.07
C SER D 242 -12.22 12.54 -5.79
N ASP D 243 -11.11 13.26 -5.67
CA ASP D 243 -10.79 14.02 -4.47
C ASP D 243 -11.07 15.51 -4.61
N CYS D 244 -12.11 15.87 -5.35
CA CYS D 244 -12.43 17.26 -5.58
C CYS D 244 -13.07 17.85 -4.35
N ILE D 245 -12.73 19.09 -4.02
CA ILE D 245 -13.22 19.71 -2.78
C ILE D 245 -14.73 19.89 -2.86
N ARG D 246 -15.39 19.71 -1.72
CA ARG D 246 -16.83 19.89 -1.61
C ARG D 246 -17.16 21.22 -0.96
N HIS D 247 -18.32 21.77 -1.28
CA HIS D 247 -18.77 23.04 -0.75
C HIS D 247 -20.12 22.84 -0.05
N LYS D 248 -20.22 23.35 1.18
CA LYS D 248 -21.39 23.08 2.00
C LYS D 248 -22.56 23.94 1.58
N GLY D 249 -23.74 23.60 2.09
CA GLY D 249 -24.94 24.35 1.81
C GLY D 249 -25.98 24.06 2.86
N THR D 250 -27.08 24.79 2.78
CA THR D 250 -28.16 24.68 3.76
C THR D 250 -29.49 24.73 3.03
N VAL D 251 -30.50 24.10 3.64
CA VAL D 251 -31.84 24.05 3.07
C VAL D 251 -32.69 25.14 3.73
N VAL D 252 -33.40 25.90 2.90
CA VAL D 252 -34.31 26.93 3.40
C VAL D 252 -35.73 26.57 2.96
N LEU D 253 -36.70 27.42 3.32
CA LEU D 253 -38.10 27.18 3.01
C LEU D 253 -38.57 28.17 1.96
N CYS D 254 -39.05 27.67 0.83
CA CYS D 254 -39.62 28.51 -0.21
C CYS D 254 -41.10 28.70 0.05
N PRO D 255 -41.58 29.92 0.29
CA PRO D 255 -42.99 30.12 0.62
C PRO D 255 -43.85 30.34 -0.61
N GLN D 256 -45.00 29.67 -0.62
CA GLN D 256 -45.97 29.87 -1.69
C GLN D 256 -46.57 31.27 -1.63
N THR D 257 -46.79 31.79 -0.42
CA THR D 257 -47.39 33.11 -0.21
C THR D 257 -48.73 33.25 -0.93
N LEU E 1 -15.03 -10.91 -62.34
CA LEU E 1 -14.92 -12.36 -62.33
C LEU E 1 -13.85 -12.81 -63.31
N ARG E 2 -14.08 -12.55 -64.59
CA ARG E 2 -13.13 -12.93 -65.63
C ARG E 2 -11.84 -12.15 -65.49
N LEU E 3 -10.71 -12.83 -65.75
CA LEU E 3 -9.41 -12.18 -65.67
C LEU E 3 -9.32 -11.06 -66.69
N LEU E 4 -8.61 -9.99 -66.31
CA LEU E 4 -8.61 -8.77 -67.11
C LEU E 4 -7.57 -8.81 -68.22
N ASP E 5 -6.29 -8.92 -67.86
CA ASP E 5 -5.18 -8.76 -68.79
C ASP E 5 -4.42 -10.07 -68.93
N HIS E 6 -4.11 -10.43 -70.16
CA HIS E 6 -3.33 -11.64 -70.45
C HIS E 6 -1.83 -11.38 -70.50
N ARG E 7 -1.40 -10.16 -70.18
CA ARG E 7 0.03 -9.86 -70.13
C ARG E 7 0.67 -10.64 -68.99
N ALA E 8 1.93 -11.02 -69.19
CA ALA E 8 2.68 -11.77 -68.19
C ALA E 8 2.59 -11.10 -66.83
N LEU E 9 1.97 -11.80 -65.88
CA LEU E 9 1.72 -11.23 -64.57
C LEU E 9 3.03 -11.05 -63.80
N VAL E 10 3.06 -9.99 -63.00
CA VAL E 10 4.25 -9.63 -62.22
C VAL E 10 3.92 -9.81 -60.75
N CYS E 11 4.66 -10.72 -60.10
CA CYS E 11 4.59 -10.90 -58.65
C CYS E 11 5.96 -10.74 -58.02
N SER E 12 6.95 -10.24 -58.77
CA SER E 12 8.33 -10.23 -58.31
C SER E 12 8.49 -9.36 -57.07
N GLN E 13 9.14 -9.91 -56.07
CA GLN E 13 9.48 -9.22 -54.84
C GLN E 13 10.93 -9.55 -54.51
N PRO E 14 11.63 -8.68 -53.76
CA PRO E 14 13.10 -8.78 -53.67
C PRO E 14 13.61 -10.18 -53.35
N GLY E 15 14.34 -10.76 -54.29
CA GLY E 15 14.90 -12.09 -54.11
C GLY E 15 13.88 -13.20 -54.23
N LEU E 16 13.28 -13.36 -55.40
CA LEU E 16 12.29 -14.41 -55.63
C LEU E 16 12.08 -14.57 -57.13
N ASN E 17 11.75 -15.79 -57.54
CA ASN E 17 11.35 -16.10 -58.92
C ASN E 17 9.94 -16.70 -58.85
N CYS E 18 8.94 -15.83 -58.86
CA CYS E 18 7.56 -16.22 -58.65
C CYS E 18 6.79 -16.28 -59.96
N THR E 19 5.86 -17.23 -60.06
CA THR E 19 4.97 -17.37 -61.20
C THR E 19 3.53 -17.45 -60.73
N VAL E 20 2.62 -16.94 -61.55
CA VAL E 20 1.18 -16.94 -61.28
C VAL E 20 0.48 -17.72 -62.38
N LYS E 21 -0.47 -18.56 -62.00
CA LYS E 21 -1.10 -19.46 -62.94
C LYS E 21 -2.55 -19.71 -62.52
N ASN E 22 -3.43 -19.85 -63.50
CA ASN E 22 -4.82 -20.22 -63.26
C ASN E 22 -4.98 -21.70 -63.57
N SER E 23 -4.59 -22.53 -62.61
CA SER E 23 -4.62 -23.98 -62.76
C SER E 23 -6.01 -24.50 -62.40
N THR E 24 -6.13 -25.83 -62.27
CA THR E 24 -7.39 -26.43 -61.88
C THR E 24 -7.81 -25.98 -60.49
N CYS E 25 -9.12 -25.78 -60.32
CA CYS E 25 -9.62 -25.24 -59.06
C CYS E 25 -9.79 -26.32 -58.00
N LEU E 26 -10.65 -27.30 -58.28
CA LEU E 26 -11.01 -28.33 -57.31
C LEU E 26 -11.60 -27.72 -56.04
N ASP E 27 -12.26 -26.59 -56.17
CA ASP E 27 -12.87 -25.84 -55.06
C ASP E 27 -11.76 -25.56 -54.05
N ASP E 28 -11.95 -25.85 -52.76
CA ASP E 28 -10.93 -25.63 -51.74
C ASP E 28 -10.51 -26.90 -51.04
N SER E 29 -11.00 -28.06 -51.46
CA SER E 29 -10.73 -29.33 -50.80
C SER E 29 -9.93 -30.24 -51.74
N TRP E 30 -8.81 -30.76 -51.23
CA TRP E 30 -7.99 -31.70 -51.98
C TRP E 30 -7.14 -32.48 -50.99
N ILE E 31 -6.72 -33.67 -51.41
CA ILE E 31 -5.93 -34.57 -50.58
C ILE E 31 -4.59 -34.80 -51.24
N HIS E 32 -3.52 -34.31 -50.59
CA HIS E 32 -2.15 -34.55 -51.02
C HIS E 32 -1.21 -34.25 -49.86
N PRO E 33 -1.27 -35.00 -48.77
CA PRO E 33 -0.52 -34.65 -47.57
C PRO E 33 0.96 -35.00 -47.71
N ARG E 34 1.71 -34.62 -46.68
CA ARG E 34 3.14 -34.92 -46.61
C ARG E 34 3.59 -34.77 -45.17
N ASN E 35 4.92 -34.80 -44.96
CA ASN E 35 5.48 -34.90 -43.62
C ASN E 35 5.20 -33.64 -42.79
N LEU E 36 5.66 -32.49 -43.26
CA LEU E 36 5.59 -31.26 -42.51
C LEU E 36 4.64 -30.29 -43.18
N THR E 37 3.72 -29.71 -42.40
CA THR E 37 2.74 -28.73 -42.93
C THR E 37 3.06 -27.35 -42.38
N PRO E 38 3.52 -26.39 -43.20
CA PRO E 38 3.94 -25.09 -42.70
C PRO E 38 2.83 -24.30 -42.01
N SER E 39 3.16 -23.15 -41.46
CA SER E 39 2.23 -22.39 -40.63
C SER E 39 1.24 -21.59 -41.47
N SER E 40 0.28 -20.97 -40.79
CA SER E 40 -0.76 -20.18 -41.43
C SER E 40 -0.28 -18.76 -41.70
N PRO E 41 -0.84 -18.09 -42.72
CA PRO E 41 -0.50 -16.69 -42.96
C PRO E 41 -1.05 -15.76 -41.89
N LYS E 42 -0.85 -14.45 -42.05
CA LYS E 42 -1.27 -13.48 -41.06
C LYS E 42 -1.72 -12.20 -41.74
N ASP E 43 -2.78 -11.59 -41.20
CA ASP E 43 -3.24 -10.26 -41.60
C ASP E 43 -3.50 -10.17 -43.10
N LEU E 44 -4.52 -10.90 -43.53
CA LEU E 44 -4.99 -10.85 -44.91
C LEU E 44 -6.11 -9.82 -45.03
N GLN E 45 -5.99 -8.92 -46.00
CA GLN E 45 -6.97 -7.87 -46.20
C GLN E 45 -7.16 -7.63 -47.69
N ILE E 46 -8.33 -7.08 -48.03
CA ILE E 46 -8.70 -6.75 -49.40
C ILE E 46 -9.13 -5.29 -49.45
N GLN E 47 -8.68 -4.57 -50.46
CA GLN E 47 -9.01 -3.16 -50.62
C GLN E 47 -9.66 -2.91 -51.97
N LEU E 48 -10.42 -1.83 -52.05
CA LEU E 48 -11.09 -1.46 -53.30
C LEU E 48 -10.13 -0.67 -54.18
N HIS E 49 -10.15 -0.96 -55.47
CA HIS E 49 -9.26 -0.31 -56.42
C HIS E 49 -10.03 -0.04 -57.71
N PHE E 50 -9.67 1.04 -58.39
CA PHE E 50 -10.27 1.44 -59.65
C PHE E 50 -9.20 1.57 -60.72
N ALA E 51 -9.48 1.02 -61.90
CA ALA E 51 -8.53 1.07 -63.00
C ALA E 51 -9.28 0.95 -64.32
N HIS E 52 -8.76 1.62 -65.35
CA HIS E 52 -9.33 1.57 -66.69
C HIS E 52 -8.66 0.46 -67.50
N THR E 53 -9.03 0.39 -68.77
CA THR E 53 -8.45 -0.57 -69.71
C THR E 53 -7.68 0.19 -70.79
N GLN E 54 -7.18 -0.57 -71.78
CA GLN E 54 -6.51 0.07 -72.92
C GLN E 54 -7.46 0.99 -73.67
N GLN E 55 -8.71 0.54 -73.84
CA GLN E 55 -9.75 1.42 -74.38
C GLN E 55 -10.16 2.51 -73.38
N GLY E 56 -9.74 2.40 -72.13
CA GLY E 56 -10.11 3.35 -71.11
C GLY E 56 -11.32 2.98 -70.30
N ASP E 57 -11.78 1.74 -70.38
CA ASP E 57 -12.98 1.30 -69.69
C ASP E 57 -12.66 1.06 -68.22
N LEU E 58 -13.11 1.95 -67.35
CA LEU E 58 -12.78 1.89 -65.93
C LEU E 58 -13.59 0.78 -65.26
N PHE E 59 -12.89 -0.22 -64.75
CA PHE E 59 -13.53 -1.34 -64.08
C PHE E 59 -13.17 -1.37 -62.61
N PRO E 60 -14.07 -1.84 -61.75
CA PRO E 60 -13.74 -1.98 -60.32
C PRO E 60 -13.01 -3.28 -60.06
N VAL E 61 -11.94 -3.18 -59.26
CA VAL E 61 -11.12 -4.33 -58.90
C VAL E 61 -10.83 -4.30 -57.41
N ALA E 62 -10.36 -5.43 -56.89
CA ALA E 62 -10.11 -5.61 -55.46
C ALA E 62 -8.61 -5.71 -55.21
N HIS E 63 -8.16 -5.12 -54.11
CA HIS E 63 -6.74 -5.12 -53.72
C HIS E 63 -6.55 -6.12 -52.59
N ILE E 64 -6.33 -7.38 -52.95
CA ILE E 64 -6.08 -8.43 -51.97
C ILE E 64 -4.61 -8.42 -51.60
N GLU E 65 -4.34 -8.45 -50.30
CA GLU E 65 -2.98 -8.39 -49.77
C GLU E 65 -2.94 -9.09 -48.42
N TRP E 66 -1.78 -9.64 -48.08
CA TRP E 66 -1.66 -10.37 -46.82
C TRP E 66 -0.21 -10.38 -46.38
N THR E 67 -0.01 -10.68 -45.10
CA THR E 67 1.31 -10.73 -44.48
C THR E 67 1.69 -12.17 -44.15
N LEU E 68 2.81 -12.32 -43.47
CA LEU E 68 3.35 -13.61 -43.07
C LEU E 68 3.36 -13.73 -41.54
N GLN E 69 3.75 -14.91 -41.07
CA GLN E 69 3.99 -15.16 -39.67
C GLN E 69 5.47 -15.48 -39.47
N THR E 70 5.98 -15.13 -38.30
CA THR E 70 7.40 -15.31 -38.01
C THR E 70 7.57 -16.60 -37.20
N ASP E 71 8.28 -17.56 -37.79
CA ASP E 71 8.63 -18.82 -37.16
C ASP E 71 9.55 -19.56 -38.13
N ALA E 72 10.08 -20.69 -37.65
CA ALA E 72 10.93 -21.52 -38.50
C ALA E 72 10.18 -22.16 -39.66
N SER E 73 8.84 -22.15 -39.61
CA SER E 73 8.05 -22.76 -40.66
C SER E 73 8.28 -22.12 -42.02
N ILE E 74 8.82 -20.89 -42.04
CA ILE E 74 9.11 -20.24 -43.31
C ILE E 74 10.15 -21.02 -44.09
N LEU E 75 10.97 -21.81 -43.39
CA LEU E 75 11.97 -22.62 -44.09
C LEU E 75 11.30 -23.67 -44.98
N TYR E 76 10.21 -24.27 -44.52
CA TYR E 76 9.56 -25.38 -45.21
C TYR E 76 8.38 -24.95 -46.09
N LEU E 77 8.24 -23.65 -46.36
CA LEU E 77 7.19 -23.19 -47.25
C LEU E 77 7.46 -23.65 -48.68
N GLU E 78 6.40 -23.98 -49.41
CA GLU E 78 6.58 -24.39 -50.79
C GLU E 78 5.65 -23.68 -51.77
N GLY E 79 4.46 -23.30 -51.34
CA GLY E 79 3.51 -22.77 -52.29
C GLY E 79 2.32 -22.11 -51.64
N ALA E 80 1.44 -21.56 -52.49
CA ALA E 80 0.23 -20.89 -52.04
C ALA E 80 -0.81 -20.97 -53.15
N GLU E 81 -2.05 -20.66 -52.79
CA GLU E 81 -3.16 -20.78 -53.73
C GLU E 81 -4.26 -19.82 -53.32
N LEU E 82 -4.84 -19.14 -54.31
CA LEU E 82 -5.87 -18.14 -54.07
C LEU E 82 -7.18 -18.57 -54.71
N SER E 83 -8.28 -18.38 -53.98
CA SER E 83 -9.60 -18.79 -54.44
C SER E 83 -10.59 -17.66 -54.21
N VAL E 84 -11.55 -17.54 -55.13
CA VAL E 84 -12.63 -16.58 -55.02
C VAL E 84 -13.95 -17.33 -55.18
N LEU E 85 -14.87 -17.10 -54.25
CA LEU E 85 -16.14 -17.81 -54.23
C LEU E 85 -17.30 -16.81 -54.23
N GLN E 86 -18.35 -17.15 -54.96
CA GLN E 86 -19.54 -16.32 -55.08
C GLN E 86 -20.69 -16.97 -54.32
N LEU E 87 -21.37 -16.19 -53.48
CA LEU E 87 -22.49 -16.71 -52.72
C LEU E 87 -23.74 -16.83 -53.57
N ASN E 88 -23.96 -15.89 -54.49
CA ASN E 88 -25.21 -15.85 -55.24
C ASN E 88 -25.20 -16.73 -56.48
N THR E 89 -24.08 -16.74 -57.22
CA THR E 89 -24.00 -17.53 -58.44
C THR E 89 -23.23 -18.83 -58.27
N ASN E 90 -22.58 -19.03 -57.12
CA ASN E 90 -21.88 -20.26 -56.78
C ASN E 90 -20.74 -20.60 -57.75
N GLU E 91 -20.35 -19.65 -58.60
CA GLU E 91 -19.23 -19.88 -59.50
C GLU E 91 -17.96 -19.42 -58.79
N ARG E 92 -16.95 -20.30 -58.73
CA ARG E 92 -15.70 -20.06 -58.02
C ARG E 92 -14.50 -20.27 -58.94
N LEU E 93 -13.59 -19.30 -58.93
CA LEU E 93 -12.34 -19.37 -59.69
C LEU E 93 -11.19 -19.61 -58.71
N CYS E 94 -10.01 -19.85 -59.28
CA CYS E 94 -8.85 -20.20 -58.48
C CYS E 94 -7.59 -19.60 -59.10
N VAL E 95 -6.62 -19.30 -58.23
CA VAL E 95 -5.33 -18.77 -58.63
C VAL E 95 -4.26 -19.65 -58.02
N ARG E 96 -3.26 -20.03 -58.82
CA ARG E 96 -2.15 -20.84 -58.34
C ARG E 96 -0.90 -20.00 -58.20
N PHE E 97 -0.05 -20.39 -57.25
CA PHE E 97 1.20 -19.70 -56.96
C PHE E 97 2.28 -20.73 -56.71
N GLU E 98 3.48 -20.25 -56.40
CA GLU E 98 4.62 -21.10 -56.08
C GLU E 98 5.76 -20.21 -55.61
N PHE E 99 6.87 -20.86 -55.24
CA PHE E 99 8.11 -20.15 -54.92
C PHE E 99 9.26 -20.98 -55.46
N LEU E 100 9.77 -20.59 -56.63
CA LEU E 100 10.84 -21.35 -57.28
C LEU E 100 12.12 -21.41 -56.45
N SER E 101 12.31 -20.48 -55.53
CA SER E 101 13.49 -20.43 -54.71
C SER E 101 13.09 -20.47 -53.24
N LYS E 102 13.94 -21.08 -52.43
CA LYS E 102 13.70 -21.20 -51.01
C LYS E 102 13.98 -19.88 -50.31
N LEU E 103 13.24 -19.60 -49.24
CA LEU E 103 13.33 -18.33 -48.55
C LEU E 103 13.92 -18.50 -47.16
N ARG E 104 14.79 -17.55 -46.78
CA ARG E 104 15.29 -17.43 -45.42
C ARG E 104 14.74 -16.14 -44.83
N HIS E 105 14.41 -16.17 -43.54
CA HIS E 105 14.01 -14.96 -42.84
C HIS E 105 15.23 -14.06 -42.71
N HIS E 106 15.33 -13.07 -43.59
CA HIS E 106 16.54 -12.25 -43.67
C HIS E 106 16.27 -10.83 -43.20
N HIS E 107 15.32 -10.16 -43.84
CA HIS E 107 14.83 -8.89 -43.32
C HIS E 107 13.43 -9.09 -42.75
N ARG E 108 13.17 -8.44 -41.62
CA ARG E 108 11.99 -8.75 -40.82
C ARG E 108 10.74 -8.12 -41.42
N ARG E 109 10.45 -8.51 -42.66
CA ARG E 109 9.22 -8.14 -43.34
C ARG E 109 9.08 -8.94 -44.62
N TRP E 110 7.83 -9.25 -44.98
CA TRP E 110 7.56 -9.91 -46.25
C TRP E 110 6.10 -9.68 -46.59
N ARG E 111 5.85 -9.18 -47.80
CA ARG E 111 4.53 -8.71 -48.20
C ARG E 111 4.09 -9.38 -49.50
N PHE E 112 2.79 -9.67 -49.59
CA PHE E 112 2.17 -10.18 -50.81
C PHE E 112 0.90 -9.38 -51.10
N THR E 113 0.60 -9.20 -52.38
CA THR E 113 -0.59 -8.47 -52.79
C THR E 113 -0.94 -8.80 -54.24
N PHE E 114 -2.19 -8.53 -54.61
CA PHE E 114 -2.64 -8.73 -55.98
C PHE E 114 -3.95 -8.00 -56.22
N SER E 115 -4.11 -7.45 -57.42
CA SER E 115 -5.28 -6.65 -57.79
C SER E 115 -5.72 -6.91 -59.23
N HIS E 116 -5.74 -8.17 -59.66
CA HIS E 116 -5.97 -8.46 -61.07
C HIS E 116 -7.29 -9.22 -61.20
N PHE E 117 -8.34 -8.76 -60.53
CA PHE E 117 -9.63 -9.42 -60.64
C PHE E 117 -10.74 -8.39 -60.50
N VAL E 118 -11.67 -8.41 -61.46
CA VAL E 118 -12.79 -7.48 -61.51
C VAL E 118 -13.97 -8.07 -60.75
N VAL E 119 -14.61 -7.25 -59.93
CA VAL E 119 -15.68 -7.70 -59.07
C VAL E 119 -16.99 -7.12 -59.57
N ASP E 120 -18.09 -7.80 -59.22
CA ASP E 120 -19.37 -7.25 -59.62
C ASP E 120 -20.01 -6.48 -58.48
N PRO E 121 -20.68 -5.36 -58.78
CA PRO E 121 -21.27 -4.56 -57.72
C PRO E 121 -22.39 -5.30 -57.00
N ASP E 122 -22.59 -4.95 -55.72
CA ASP E 122 -23.66 -5.48 -54.89
C ASP E 122 -23.59 -7.00 -54.76
N GLN E 123 -22.38 -7.56 -54.74
CA GLN E 123 -22.18 -8.99 -54.57
C GLN E 123 -21.19 -9.25 -53.44
N GLU E 124 -21.49 -10.26 -52.63
CA GLU E 124 -20.56 -10.69 -51.61
C GLU E 124 -19.46 -11.52 -52.23
N TYR E 125 -18.22 -11.30 -51.78
CA TYR E 125 -17.05 -11.96 -52.33
C TYR E 125 -16.29 -12.66 -51.22
N GLU E 126 -15.94 -13.93 -51.46
CA GLU E 126 -15.19 -14.73 -50.50
C GLU E 126 -13.83 -15.06 -51.09
N VAL E 127 -12.78 -14.75 -50.35
CA VAL E 127 -11.40 -14.99 -50.78
C VAL E 127 -10.69 -15.77 -49.68
N THR E 128 -10.06 -16.87 -50.06
CA THR E 128 -9.36 -17.73 -49.13
C THR E 128 -7.93 -17.95 -49.61
N VAL E 129 -7.00 -18.03 -48.66
CA VAL E 129 -5.58 -18.18 -48.96
C VAL E 129 -5.10 -19.47 -48.31
N HIS E 130 -4.45 -20.31 -49.10
CA HIS E 130 -3.96 -21.61 -48.64
C HIS E 130 -2.46 -21.68 -48.88
N HIS E 131 -1.82 -22.59 -48.16
CA HIS E 131 -0.37 -22.76 -48.24
C HIS E 131 -0.04 -24.22 -48.48
N LEU E 132 0.95 -24.45 -49.34
CA LEU E 132 1.32 -25.80 -49.69
C LEU E 132 2.64 -26.20 -49.01
N PRO E 133 2.81 -27.46 -48.62
CA PRO E 133 1.88 -28.60 -48.77
C PRO E 133 0.62 -28.47 -47.93
N LYS E 134 -0.43 -29.17 -48.32
CA LYS E 134 -1.68 -29.12 -47.58
C LYS E 134 -1.55 -29.89 -46.27
N PRO E 135 -2.43 -29.63 -45.30
CA PRO E 135 -2.29 -30.28 -43.98
C PRO E 135 -2.35 -31.79 -44.07
N ILE E 136 -1.57 -32.44 -43.21
CA ILE E 136 -1.65 -33.88 -43.00
C ILE E 136 -3.01 -34.16 -42.37
N PRO E 137 -3.59 -35.34 -42.53
CA PRO E 137 -4.89 -35.61 -41.90
C PRO E 137 -4.80 -35.43 -40.39
N ASP E 138 -5.87 -34.87 -39.83
CA ASP E 138 -5.94 -34.51 -38.41
C ASP E 138 -4.81 -33.55 -38.04
N GLY E 139 -4.85 -32.37 -38.66
CA GLY E 139 -3.84 -31.35 -38.42
C GLY E 139 -4.47 -29.98 -38.27
N ASP E 140 -3.66 -29.04 -37.79
CA ASP E 140 -4.14 -27.69 -37.55
C ASP E 140 -4.36 -26.96 -38.87
N PRO E 141 -5.40 -26.13 -38.96
CA PRO E 141 -5.70 -25.45 -40.23
C PRO E 141 -4.63 -24.43 -40.60
N ASN E 142 -4.56 -24.15 -41.91
CA ASN E 142 -3.60 -23.18 -42.42
C ASN E 142 -4.23 -22.25 -43.45
N HIS E 143 -5.53 -21.96 -43.32
CA HIS E 143 -6.21 -21.10 -44.27
C HIS E 143 -7.17 -20.17 -43.55
N GLN E 144 -7.22 -18.92 -43.99
CA GLN E 144 -8.15 -17.93 -43.44
C GLN E 144 -8.82 -17.16 -44.57
N SER E 145 -10.00 -16.64 -44.29
CA SER E 145 -10.81 -15.98 -45.29
C SER E 145 -11.71 -14.95 -44.63
N LYS E 146 -12.19 -14.00 -45.42
CA LYS E 146 -13.08 -12.96 -44.95
C LYS E 146 -14.08 -12.58 -46.03
N ASN E 147 -14.94 -11.62 -45.71
CA ASN E 147 -16.02 -11.19 -46.58
C ASN E 147 -15.62 -9.90 -47.32
N PHE E 148 -16.55 -9.41 -48.14
CA PHE E 148 -16.30 -8.23 -48.96
C PHE E 148 -17.65 -7.67 -49.38
N LEU E 149 -17.94 -6.44 -48.94
CA LEU E 149 -19.18 -5.76 -49.27
C LEU E 149 -18.91 -4.74 -50.37
N VAL E 150 -19.70 -4.82 -51.45
CA VAL E 150 -19.56 -3.94 -52.59
C VAL E 150 -20.83 -3.12 -52.72
N PRO E 151 -20.74 -1.79 -52.74
CA PRO E 151 -21.96 -0.96 -52.85
C PRO E 151 -22.55 -0.98 -54.24
N ASP E 152 -23.60 -0.17 -54.44
CA ASP E 152 -24.25 -0.05 -55.73
C ASP E 152 -23.69 1.14 -56.50
N CYS E 153 -24.00 1.18 -57.81
CA CYS E 153 -23.44 2.21 -58.67
C CYS E 153 -23.92 3.61 -58.29
N GLU E 154 -25.04 3.73 -57.57
CA GLU E 154 -25.53 5.05 -57.19
C GLU E 154 -24.53 5.80 -56.31
N HIS E 155 -23.61 5.11 -55.67
CA HIS E 155 -22.53 5.78 -54.94
C HIS E 155 -21.62 6.50 -55.93
N ALA E 156 -21.04 7.62 -55.46
CA ALA E 156 -20.31 8.52 -56.36
C ALA E 156 -19.12 7.82 -56.99
N ARG E 157 -18.32 7.10 -56.19
CA ARG E 157 -17.17 6.41 -56.76
C ARG E 157 -17.62 5.26 -57.66
N MET E 158 -18.59 4.46 -57.20
CA MET E 158 -19.12 3.39 -58.04
C MET E 158 -19.82 3.92 -59.27
N LYS E 159 -20.21 5.20 -59.26
CA LYS E 159 -20.92 5.77 -60.40
C LYS E 159 -20.06 5.79 -61.65
N VAL E 160 -18.82 6.23 -61.53
CA VAL E 160 -17.99 6.55 -62.69
C VAL E 160 -17.43 5.29 -63.33
N THR E 161 -17.79 4.12 -62.80
CA THR E 161 -17.30 2.87 -63.36
C THR E 161 -17.88 2.64 -64.75
N THR E 162 -17.03 2.15 -65.67
CA THR E 162 -17.50 1.84 -67.02
C THR E 162 -18.60 0.79 -67.06
N PRO E 163 -18.52 -0.35 -66.34
CA PRO E 163 -19.58 -1.37 -66.49
C PRO E 163 -20.94 -0.88 -66.06
N CYS E 164 -21.01 0.19 -65.28
CA CYS E 164 -22.29 0.69 -64.80
C CYS E 164 -23.20 1.11 -65.95
N MET E 165 -22.70 1.96 -66.85
CA MET E 165 -23.56 2.63 -67.83
C MET E 165 -24.39 1.66 -68.65
N SER E 166 -23.92 0.42 -68.81
CA SER E 166 -24.81 -0.60 -69.35
C SER E 166 -25.89 -0.83 -68.30
N SER E 167 -27.07 -0.23 -68.50
CA SER E 167 -28.10 -0.16 -67.47
C SER E 167 -27.56 0.44 -66.19
N GLY E 168 -27.20 1.73 -66.23
CA GLY E 168 -26.50 2.38 -65.14
C GLY E 168 -27.33 3.41 -64.39
N SER E 169 -26.63 4.17 -63.54
CA SER E 169 -27.26 5.17 -62.69
C SER E 169 -26.86 6.60 -63.06
N LEU E 170 -25.77 6.79 -63.79
CA LEU E 170 -25.42 8.13 -64.27
C LEU E 170 -26.48 8.70 -65.21
N TRP E 171 -27.23 7.83 -65.87
CA TRP E 171 -28.31 8.29 -66.74
C TRP E 171 -29.46 8.79 -65.88
N ASP E 172 -29.49 10.10 -65.63
CA ASP E 172 -30.55 10.70 -64.84
C ASP E 172 -31.62 11.24 -65.77
N PRO E 173 -32.79 10.64 -65.85
CA PRO E 173 -33.87 11.18 -66.68
C PRO E 173 -34.51 12.37 -65.97
N ASN E 174 -34.40 13.54 -66.57
CA ASN E 174 -35.02 14.74 -66.02
C ASN E 174 -36.53 14.55 -66.09
N ILE E 175 -37.16 14.37 -64.94
CA ILE E 175 -38.59 14.07 -64.88
C ILE E 175 -39.36 15.38 -64.76
N THR E 176 -40.20 15.66 -65.74
CA THR E 176 -41.03 16.86 -65.76
C THR E 176 -42.49 16.42 -65.75
N VAL E 177 -43.13 16.50 -64.58
CA VAL E 177 -44.54 16.14 -64.41
C VAL E 177 -45.31 17.44 -64.24
N GLU E 178 -46.16 17.76 -65.21
CA GLU E 178 -46.94 18.98 -65.21
C GLU E 178 -48.40 18.66 -64.93
N THR E 179 -49.03 19.52 -64.11
CA THR E 179 -50.44 19.32 -63.79
C THR E 179 -51.30 19.39 -65.05
N LEU E 180 -51.00 20.33 -65.93
CA LEU E 180 -51.63 20.46 -67.26
C LEU E 180 -53.14 20.62 -67.03
N GLU E 181 -53.99 20.07 -67.89
CA GLU E 181 -55.42 20.15 -67.74
C GLU E 181 -55.89 19.22 -66.63
N ALA E 182 -57.14 19.41 -66.23
CA ALA E 182 -57.73 18.55 -65.22
C ALA E 182 -57.86 17.13 -65.75
N HIS E 183 -57.56 16.15 -64.88
CA HIS E 183 -57.63 14.73 -65.19
C HIS E 183 -56.70 14.34 -66.33
N GLN E 184 -55.65 15.13 -66.57
CA GLN E 184 -54.66 14.83 -67.59
C GLN E 184 -53.28 15.24 -67.08
N LEU E 185 -52.30 14.35 -67.26
CA LEU E 185 -50.92 14.62 -66.86
C LEU E 185 -49.99 14.36 -68.03
N ARG E 186 -49.02 15.25 -68.21
CA ARG E 186 -48.01 15.13 -69.25
C ARG E 186 -46.65 14.93 -68.61
N VAL E 187 -45.96 13.87 -69.00
CA VAL E 187 -44.66 13.52 -68.43
C VAL E 187 -43.64 13.49 -69.56
N SER E 188 -42.50 14.16 -69.33
CA SER E 188 -41.40 14.20 -70.29
C SER E 188 -40.10 13.86 -69.57
N PHE E 189 -39.26 13.10 -70.25
CA PHE E 189 -38.00 12.68 -69.66
C PHE E 189 -37.06 12.23 -70.77
N THR E 190 -35.75 12.32 -70.50
CA THR E 190 -34.75 11.87 -71.46
C THR E 190 -34.42 10.40 -71.24
N LEU E 191 -34.05 9.73 -72.32
CA LEU E 191 -33.71 8.31 -72.31
C LEU E 191 -32.27 8.12 -72.75
N TRP E 192 -31.77 6.89 -72.63
CA TRP E 192 -30.36 6.61 -72.78
C TRP E 192 -30.05 6.00 -74.15
N ASN E 193 -28.82 5.53 -74.31
CA ASN E 193 -28.22 5.17 -75.58
C ASN E 193 -28.56 3.75 -76.05
N GLU E 194 -29.59 3.12 -75.48
CA GLU E 194 -29.89 1.73 -75.78
C GLU E 194 -31.23 1.62 -76.48
N SER E 195 -31.28 0.74 -77.48
CA SER E 195 -32.49 0.51 -78.27
C SER E 195 -33.34 -0.59 -77.64
N THR E 196 -33.75 -0.35 -76.40
CA THR E 196 -34.61 -1.27 -75.67
C THR E 196 -35.82 -0.52 -75.14
N HIS E 197 -36.95 -1.22 -75.08
CA HIS E 197 -38.22 -0.59 -74.74
C HIS E 197 -38.24 -0.16 -73.28
N TYR E 198 -39.08 0.84 -73.00
CA TYR E 198 -39.32 1.35 -71.66
C TYR E 198 -40.77 1.13 -71.28
N GLN E 199 -41.12 1.50 -70.04
CA GLN E 199 -42.49 1.34 -69.59
C GLN E 199 -42.76 2.40 -68.51
N ILE E 200 -43.99 2.91 -68.51
CA ILE E 200 -44.42 3.89 -67.53
C ILE E 200 -45.60 3.30 -66.76
N LEU E 201 -45.49 3.30 -65.43
CA LEU E 201 -46.57 2.84 -64.55
C LEU E 201 -47.11 4.04 -63.79
N LEU E 202 -48.32 4.47 -64.16
CA LEU E 202 -48.98 5.61 -63.52
C LEU E 202 -50.03 5.07 -62.55
N THR E 203 -49.79 5.24 -61.25
CA THR E 203 -50.69 4.77 -60.22
C THR E 203 -51.16 5.95 -59.38
N SER E 204 -52.46 6.02 -59.14
CA SER E 204 -53.07 7.10 -58.36
C SER E 204 -53.58 6.55 -57.04
N PHE E 205 -53.18 7.18 -55.95
CA PHE E 205 -53.61 6.79 -54.61
C PHE E 205 -54.38 7.91 -53.94
N PRO E 206 -55.36 7.60 -53.09
CA PRO E 206 -55.97 8.64 -52.26
C PRO E 206 -54.97 9.17 -51.26
N HIS E 207 -55.18 10.43 -50.85
CA HIS E 207 -54.30 11.05 -49.87
C HIS E 207 -54.40 10.30 -48.55
N MET E 208 -53.25 10.14 -47.89
CA MET E 208 -53.13 9.37 -46.65
C MET E 208 -53.64 7.93 -46.80
N GLU E 209 -53.37 7.30 -47.93
CA GLU E 209 -53.77 5.92 -48.14
C GLU E 209 -52.89 5.31 -49.23
N ASN E 210 -52.59 4.02 -49.07
CA ASN E 210 -51.74 3.29 -50.01
C ASN E 210 -52.53 2.53 -51.06
N HIS E 211 -53.85 2.47 -50.97
CA HIS E 211 -54.65 1.83 -52.00
C HIS E 211 -54.64 2.66 -53.28
N SER E 212 -54.98 2.02 -54.39
CA SER E 212 -54.92 2.65 -55.71
C SER E 212 -56.31 2.72 -56.34
N CYS E 213 -56.74 3.93 -56.69
CA CYS E 213 -58.00 4.08 -57.44
C CYS E 213 -57.83 3.68 -58.90
N PHE E 214 -56.73 4.08 -59.53
CA PHE E 214 -56.56 3.93 -60.97
C PHE E 214 -55.09 3.74 -61.28
N GLU E 215 -54.77 2.64 -61.97
CA GLU E 215 -53.40 2.32 -62.34
C GLU E 215 -53.35 2.07 -63.85
N HIS E 216 -52.41 2.71 -64.53
CA HIS E 216 -52.28 2.63 -65.98
C HIS E 216 -50.84 2.32 -66.35
N MET E 217 -50.65 1.59 -67.45
CA MET E 217 -49.34 1.23 -67.95
C MET E 217 -49.21 1.76 -69.37
N HIS E 218 -48.04 2.32 -69.68
CA HIS E 218 -47.73 2.82 -71.02
C HIS E 218 -46.45 2.17 -71.51
N HIS E 219 -46.51 1.59 -72.70
CA HIS E 219 -45.35 0.95 -73.31
C HIS E 219 -44.68 1.89 -74.30
N ILE E 220 -43.37 2.04 -74.15
CA ILE E 220 -42.55 2.89 -75.02
C ILE E 220 -41.78 1.97 -75.96
N PRO E 221 -41.97 2.06 -77.27
CA PRO E 221 -41.33 1.11 -78.19
C PRO E 221 -39.81 1.23 -78.18
N ALA E 222 -39.18 0.33 -78.93
CA ALA E 222 -37.73 0.29 -78.99
C ALA E 222 -37.19 1.56 -79.65
N PRO E 223 -36.30 2.29 -78.98
CA PRO E 223 -35.80 3.55 -79.56
C PRO E 223 -34.91 3.29 -80.76
N ARG E 224 -34.90 4.26 -81.67
CA ARG E 224 -33.99 4.26 -82.79
C ARG E 224 -32.69 4.98 -82.42
N PRO E 225 -31.58 4.67 -83.10
CA PRO E 225 -30.31 5.34 -82.75
C PRO E 225 -30.37 6.86 -82.86
N GLU E 226 -31.15 7.39 -83.81
CA GLU E 226 -31.25 8.84 -83.95
C GLU E 226 -31.99 9.49 -82.79
N GLU E 227 -32.79 8.74 -82.04
CA GLU E 227 -33.57 9.29 -80.93
C GLU E 227 -32.83 9.23 -79.60
N PHE E 228 -31.56 8.80 -79.60
CA PHE E 228 -30.81 8.69 -78.36
C PHE E 228 -30.55 10.07 -77.75
N HIS E 229 -30.63 10.14 -76.42
CA HIS E 229 -30.40 11.37 -75.67
C HIS E 229 -31.38 12.47 -76.04
N GLN E 230 -32.63 12.10 -76.31
CA GLN E 230 -33.69 13.06 -76.63
C GLN E 230 -34.89 12.81 -75.74
N ARG E 231 -35.45 13.88 -75.18
CA ARG E 231 -36.58 13.74 -74.26
C ARG E 231 -37.78 13.13 -74.96
N SER E 232 -38.39 12.13 -74.31
CA SER E 232 -39.60 11.49 -74.79
C SER E 232 -40.81 12.03 -74.03
N ASN E 233 -41.88 12.29 -74.76
CA ASN E 233 -43.06 12.93 -74.19
C ASN E 233 -44.26 12.00 -74.27
N VAL E 234 -44.91 11.78 -73.13
CA VAL E 234 -46.09 10.95 -73.03
C VAL E 234 -47.15 11.71 -72.23
N THR E 235 -48.37 11.76 -72.75
CA THR E 235 -49.50 12.38 -72.07
C THR E 235 -50.53 11.31 -71.74
N LEU E 236 -51.04 11.34 -70.51
CA LEU E 236 -51.99 10.34 -70.03
C LEU E 236 -53.17 11.03 -69.37
N THR E 237 -54.36 10.49 -69.61
CA THR E 237 -55.59 11.00 -69.02
C THR E 237 -55.81 10.32 -67.67
N LEU E 238 -56.03 11.12 -66.63
CA LEU E 238 -56.21 10.61 -65.28
C LEU E 238 -57.67 10.29 -65.00
N ARG E 239 -57.89 9.60 -63.88
CA ARG E 239 -59.24 9.26 -63.47
C ARG E 239 -59.98 10.48 -62.97
N ASN E 240 -61.26 10.59 -63.33
CA ASN E 240 -62.11 11.70 -62.90
C ASN E 240 -62.72 11.35 -61.54
N LEU E 241 -61.90 11.50 -60.50
CA LEU E 241 -62.32 11.19 -59.14
C LEU E 241 -61.79 12.25 -58.18
N LYS E 242 -62.50 12.43 -57.08
CA LYS E 242 -62.14 13.41 -56.06
C LYS E 242 -61.53 12.69 -54.86
N GLY E 243 -60.41 13.21 -54.38
CA GLY E 243 -59.69 12.64 -53.26
C GLY E 243 -58.53 11.74 -53.65
N CYS E 244 -58.49 11.27 -54.89
CA CYS E 244 -57.37 10.48 -55.39
C CYS E 244 -56.36 11.37 -56.11
N CYS E 245 -55.89 12.38 -55.38
CA CYS E 245 -54.98 13.38 -55.94
C CYS E 245 -53.53 12.93 -55.98
N ARG E 246 -53.14 11.98 -55.12
CA ARG E 246 -51.76 11.51 -55.09
C ARG E 246 -51.51 10.55 -56.24
N HIS E 247 -50.52 10.85 -57.08
CA HIS E 247 -50.20 10.05 -58.24
C HIS E 247 -48.73 9.64 -58.18
N GLN E 248 -48.47 8.36 -58.42
CA GLN E 248 -47.11 7.83 -58.50
C GLN E 248 -46.83 7.37 -59.92
N VAL E 249 -45.77 7.91 -60.52
CA VAL E 249 -45.36 7.57 -61.87
C VAL E 249 -43.91 7.10 -61.83
N GLN E 250 -43.63 5.97 -62.48
CA GLN E 250 -42.30 5.40 -62.48
C GLN E 250 -41.91 4.94 -63.86
N ILE E 251 -40.61 4.94 -64.13
CA ILE E 251 -40.04 4.55 -65.41
C ILE E 251 -39.15 3.34 -65.19
N GLN E 252 -39.26 2.34 -66.05
CA GLN E 252 -38.45 1.13 -65.96
C GLN E 252 -37.83 0.80 -67.31
N PRO E 253 -36.50 0.89 -67.43
CA PRO E 253 -35.83 0.44 -68.65
C PRO E 253 -35.73 -1.08 -68.69
N PHE E 254 -35.47 -1.58 -69.89
CA PHE E 254 -35.30 -3.01 -70.14
C PHE E 254 -34.01 -3.26 -70.90
N PHE E 255 -32.93 -2.67 -70.41
CA PHE E 255 -31.63 -2.76 -71.07
C PHE E 255 -31.13 -4.20 -71.10
N SER E 256 -30.02 -4.40 -71.82
CA SER E 256 -29.47 -5.74 -71.97
C SER E 256 -29.07 -6.34 -70.64
N SER E 257 -28.47 -5.55 -69.76
CA SER E 257 -28.13 -6.00 -68.41
C SER E 257 -29.30 -5.74 -67.47
N CYS E 258 -29.36 -6.55 -66.41
CA CYS E 258 -30.43 -6.51 -65.39
C CYS E 258 -31.82 -6.43 -66.01
N LEU E 259 -32.00 -7.01 -67.20
CA LEU E 259 -33.29 -6.95 -67.87
C LEU E 259 -34.39 -7.51 -66.96
N ASN E 260 -35.50 -6.75 -66.86
CA ASN E 260 -36.62 -7.00 -65.97
C ASN E 260 -36.26 -6.75 -64.50
N ASP E 261 -35.01 -6.41 -64.20
CA ASP E 261 -34.56 -6.25 -62.82
C ASP E 261 -33.88 -4.92 -62.53
N CYS E 262 -33.74 -4.04 -63.52
CA CYS E 262 -33.06 -2.77 -63.29
C CYS E 262 -33.91 -1.84 -62.44
N LEU E 263 -33.26 -0.82 -61.88
CA LEU E 263 -33.91 0.09 -60.94
C LEU E 263 -34.95 0.96 -61.64
N ARG E 264 -35.99 1.31 -60.90
CA ARG E 264 -37.05 2.19 -61.37
C ARG E 264 -36.99 3.53 -60.65
N HIS E 265 -37.27 4.60 -61.39
CA HIS E 265 -37.29 5.96 -60.86
C HIS E 265 -38.75 6.38 -60.71
N SER E 266 -39.18 6.61 -59.47
CA SER E 266 -40.56 6.95 -59.17
C SER E 266 -40.66 8.40 -58.74
N ALA E 267 -41.62 9.13 -59.31
CA ALA E 267 -41.88 10.51 -58.98
C ALA E 267 -43.29 10.63 -58.40
N THR E 268 -43.42 11.39 -57.32
CA THR E 268 -44.68 11.53 -56.61
C THR E 268 -45.22 12.95 -56.77
N VAL E 269 -46.50 13.05 -57.16
CA VAL E 269 -47.18 14.33 -57.30
C VAL E 269 -48.34 14.32 -56.31
N SER E 270 -48.37 15.31 -55.42
CA SER E 270 -49.37 15.42 -54.38
C SER E 270 -50.07 16.76 -54.46
N CYS E 271 -51.37 16.77 -54.18
CA CYS E 271 -52.16 18.00 -54.20
C CYS E 271 -52.88 18.22 -52.87
N LEU F 1 32.49 8.19 55.63
CA LEU F 1 32.81 9.59 55.41
C LEU F 1 34.31 9.77 55.48
N ARG F 2 34.98 8.79 56.08
CA ARG F 2 36.42 8.80 56.25
C ARG F 2 37.03 7.74 55.35
N LEU F 3 38.19 8.04 54.78
CA LEU F 3 38.88 7.03 54.00
C LEU F 3 39.21 5.84 54.90
N LEU F 4 39.14 4.64 54.32
CA LEU F 4 39.26 3.44 55.13
C LEU F 4 40.61 3.38 55.84
N ASP F 5 41.70 3.57 55.10
CA ASP F 5 43.04 3.56 55.67
C ASP F 5 44.02 4.14 54.65
N HIS F 6 45.21 4.50 55.15
CA HIS F 6 46.26 5.11 54.34
C HIS F 6 47.20 4.03 53.81
N ARG F 7 46.99 3.63 52.55
CA ARG F 7 47.92 2.78 51.85
C ARG F 7 47.97 3.28 50.41
N ALA F 8 49.15 3.18 49.78
CA ALA F 8 49.35 3.57 48.39
C ALA F 8 48.20 3.07 47.53
N LEU F 9 47.42 4.01 47.03
CA LEU F 9 46.15 3.66 46.40
C LEU F 9 46.38 3.23 44.96
N VAL F 10 45.65 2.20 44.54
CA VAL F 10 45.80 1.59 43.23
C VAL F 10 44.69 2.10 42.32
N CYS F 11 45.08 2.73 41.21
CA CYS F 11 44.15 3.16 40.19
C CYS F 11 44.62 2.79 38.80
N SER F 12 45.73 2.05 38.69
CA SER F 12 46.39 1.86 37.41
C SER F 12 45.54 1.04 36.45
N GLN F 13 45.56 1.44 35.19
CA GLN F 13 44.94 0.74 34.08
C GLN F 13 45.97 0.64 32.97
N PRO F 14 45.83 -0.33 32.07
CA PRO F 14 46.88 -0.56 31.06
C PRO F 14 47.22 0.69 30.28
N GLY F 15 48.51 0.95 30.13
CA GLY F 15 48.97 2.14 29.44
C GLY F 15 48.60 3.44 30.13
N LEU F 16 48.73 3.51 31.45
CA LEU F 16 48.36 4.71 32.18
C LEU F 16 49.09 4.72 33.51
N ASN F 17 49.60 5.90 33.89
CA ASN F 17 50.17 6.13 35.21
C ASN F 17 49.27 7.12 35.94
N CYS F 18 48.81 6.74 37.13
CA CYS F 18 47.80 7.50 37.85
C CYS F 18 48.23 7.73 39.29
N THR F 19 47.79 8.87 39.84
CA THR F 19 48.04 9.22 41.23
C THR F 19 46.73 9.66 41.88
N VAL F 20 46.63 9.43 43.18
CA VAL F 20 45.46 9.80 43.97
C VAL F 20 45.91 10.77 45.06
N LYS F 21 44.99 11.62 45.50
CA LYS F 21 45.34 12.66 46.44
C LYS F 21 44.08 13.30 47.01
N ASN F 22 44.16 13.68 48.28
CA ASN F 22 43.14 14.46 48.95
C ASN F 22 43.72 15.84 49.27
N SER F 23 43.01 16.89 48.88
CA SER F 23 43.51 18.25 49.07
C SER F 23 42.33 19.21 49.09
N THR F 24 42.62 20.50 48.97
CA THR F 24 41.60 21.53 49.07
C THR F 24 40.55 21.38 47.97
N CYS F 25 39.31 21.73 48.30
CA CYS F 25 38.18 21.54 47.41
C CYS F 25 37.15 22.63 47.70
N LEU F 26 35.90 22.39 47.32
CA LEU F 26 34.71 23.22 47.46
C LEU F 26 34.58 24.27 46.35
N ASP F 27 35.52 24.35 45.42
CA ASP F 27 35.41 25.22 44.25
C ASP F 27 35.12 26.66 44.63
N ASP F 28 35.81 27.14 45.66
CA ASP F 28 35.68 28.54 46.08
C ASP F 28 36.49 29.40 45.12
N SER F 29 35.82 30.21 44.32
CA SER F 29 36.43 30.98 43.24
C SER F 29 37.23 30.06 42.33
N TRP F 30 36.53 29.06 41.78
CA TRP F 30 37.13 28.05 40.91
C TRP F 30 37.11 28.46 39.45
N ILE F 31 37.11 29.76 39.17
CA ILE F 31 37.09 30.25 37.79
C ILE F 31 38.50 30.11 37.22
N HIS F 32 38.76 28.96 36.61
CA HIS F 32 40.02 28.70 35.93
C HIS F 32 39.73 28.24 34.51
N PRO F 33 39.43 29.17 33.61
CA PRO F 33 39.13 28.82 32.23
C PRO F 33 40.35 28.83 31.33
N ARG F 34 40.44 27.80 30.49
CA ARG F 34 41.50 27.65 29.48
C ARG F 34 40.82 27.55 28.11
N ASN F 35 41.62 27.28 27.08
CA ASN F 35 41.14 27.48 25.71
C ASN F 35 40.16 26.38 25.28
N LEU F 36 40.60 25.13 25.24
CA LEU F 36 39.77 24.06 24.69
C LEU F 36 39.68 22.93 25.72
N THR F 37 38.55 22.94 26.46
CA THR F 37 38.36 21.99 27.61
C THR F 37 37.57 20.74 27.21
N PRO F 38 38.12 19.54 27.43
CA PRO F 38 37.49 18.30 26.95
C PRO F 38 36.05 18.06 27.33
N SER F 39 35.45 17.02 26.75
CA SER F 39 34.03 16.83 26.96
C SER F 39 33.75 16.29 28.36
N SER F 40 32.49 15.90 28.60
CA SER F 40 31.92 15.37 29.82
C SER F 40 32.04 13.85 29.86
N PRO F 41 32.09 13.26 31.05
CA PRO F 41 32.11 11.79 31.17
C PRO F 41 30.81 11.14 30.73
N LYS F 42 30.72 9.82 30.87
CA LYS F 42 29.55 9.08 30.40
C LYS F 42 29.36 7.83 31.25
N ASP F 43 28.09 7.57 31.61
CA ASP F 43 27.68 6.34 32.29
C ASP F 43 28.41 6.17 33.62
N LEU F 44 28.10 7.07 34.53
CA LEU F 44 28.62 7.02 35.90
C LEU F 44 27.61 6.36 36.81
N GLN F 45 28.05 5.38 37.58
CA GLN F 45 27.18 4.65 38.49
C GLN F 45 27.94 4.32 39.77
N ILE F 46 27.20 4.17 40.86
CA ILE F 46 27.74 3.85 42.17
C ILE F 46 27.09 2.58 42.68
N GLN F 47 27.89 1.65 43.17
CA GLN F 47 27.41 0.39 43.71
C GLN F 47 27.73 0.29 45.20
N LEU F 48 27.15 -0.73 45.83
CA LEU F 48 27.30 -0.94 47.27
C LEU F 48 28.25 -2.10 47.50
N HIS F 49 29.11 -1.97 48.50
CA HIS F 49 30.09 -3.00 48.80
C HIS F 49 30.31 -3.05 50.31
N PHE F 50 30.66 -4.23 50.80
CA PHE F 50 31.01 -4.43 52.20
C PHE F 50 32.44 -4.91 52.31
N ALA F 51 33.24 -4.23 53.12
CA ALA F 51 34.65 -4.55 53.29
C ALA F 51 34.92 -4.91 54.75
N HIS F 52 35.67 -5.98 54.95
CA HIS F 52 36.03 -6.43 56.28
C HIS F 52 37.19 -5.58 56.82
N THR F 53 37.53 -5.81 58.08
CA THR F 53 38.63 -5.10 58.73
C THR F 53 39.48 -6.09 59.50
N GLN F 54 40.74 -5.72 59.75
CA GLN F 54 41.66 -6.61 60.42
C GLN F 54 41.15 -7.02 61.80
N GLN F 55 40.64 -6.06 62.57
CA GLN F 55 40.09 -6.37 63.88
C GLN F 55 38.66 -6.88 63.80
N GLY F 56 38.02 -6.78 62.64
CA GLY F 56 36.67 -7.28 62.45
C GLY F 56 35.61 -6.23 62.22
N ASP F 57 35.99 -4.95 62.05
CA ASP F 57 35.02 -3.87 61.87
C ASP F 57 34.57 -3.87 60.41
N LEU F 58 33.66 -4.78 60.09
CA LEU F 58 33.08 -4.83 58.76
C LEU F 58 32.39 -3.51 58.46
N PHE F 59 32.71 -2.94 57.29
CA PHE F 59 32.19 -1.64 56.92
C PHE F 59 31.47 -1.69 55.57
N PRO F 60 30.37 -0.95 55.42
CA PRO F 60 29.76 -0.79 54.11
C PRO F 60 30.34 0.40 53.35
N VAL F 61 30.67 0.16 52.08
CA VAL F 61 31.29 1.17 51.24
C VAL F 61 30.54 1.26 49.91
N ALA F 62 30.72 2.39 49.24
CA ALA F 62 30.08 2.67 47.97
C ALA F 62 31.08 2.48 46.83
N HIS F 63 30.69 1.71 45.82
CA HIS F 63 31.54 1.42 44.68
C HIS F 63 31.16 2.33 43.53
N ILE F 64 32.00 3.31 43.24
CA ILE F 64 31.76 4.30 42.20
C ILE F 64 32.55 3.92 40.96
N GLU F 65 31.88 3.87 39.81
CA GLU F 65 32.51 3.59 38.53
C GLU F 65 31.91 4.50 37.46
N TRP F 66 32.69 4.74 36.41
CA TRP F 66 32.19 5.56 35.31
C TRP F 66 32.99 5.27 34.06
N THR F 67 32.42 5.65 32.92
CA THR F 67 32.99 5.39 31.60
C THR F 67 33.31 6.72 30.91
N LEU F 68 33.69 6.62 29.64
CA LEU F 68 34.12 7.76 28.84
C LEU F 68 33.43 7.75 27.49
N GLN F 69 33.27 8.93 26.91
CA GLN F 69 32.78 9.05 25.54
C GLN F 69 33.91 8.71 24.57
N THR F 70 33.64 8.86 23.27
CA THR F 70 34.62 8.47 22.25
C THR F 70 34.85 9.60 21.26
N ASP F 71 34.81 10.84 21.71
CA ASP F 71 35.09 11.97 20.84
C ASP F 71 36.60 12.23 20.81
N ALA F 72 37.00 13.21 20.00
CA ALA F 72 38.41 13.60 19.92
C ALA F 72 38.88 14.33 21.17
N SER F 73 37.96 14.67 22.08
CA SER F 73 38.33 15.39 23.29
C SER F 73 39.26 14.60 24.19
N ILE F 74 39.39 13.30 23.96
CA ILE F 74 40.24 12.48 24.81
C ILE F 74 41.70 12.88 24.68
N LEU F 75 42.06 13.58 23.61
CA LEU F 75 43.45 14.02 23.45
C LEU F 75 43.82 15.06 24.51
N TYR F 76 42.93 15.99 24.81
CA TYR F 76 43.23 17.13 25.66
C TYR F 76 42.83 16.92 27.12
N LEU F 77 42.42 15.71 27.50
CA LEU F 77 42.11 15.42 28.89
C LEU F 77 43.35 15.61 29.76
N GLU F 78 43.15 16.19 30.94
CA GLU F 78 44.32 16.28 31.82
C GLU F 78 44.03 15.80 33.23
N GLY F 79 42.80 15.90 33.72
CA GLY F 79 42.58 15.62 35.13
C GLY F 79 41.13 15.31 35.46
N ALA F 80 40.91 14.97 36.72
CA ALA F 80 39.60 14.62 37.23
C ALA F 80 39.56 14.86 38.73
N GLU F 81 38.36 14.86 39.29
CA GLU F 81 38.19 15.15 40.71
C GLU F 81 36.87 14.55 41.18
N LEU F 82 36.88 13.97 42.37
CA LEU F 82 35.70 13.32 42.94
C LEU F 82 35.29 14.02 44.20
N SER F 83 33.98 14.16 44.40
CA SER F 83 33.43 14.84 45.56
C SER F 83 32.28 14.04 46.14
N VAL F 84 32.21 13.98 47.47
CA VAL F 84 31.11 13.35 48.19
C VAL F 84 30.54 14.37 49.17
N LEU F 85 29.23 14.63 49.04
CA LEU F 85 28.57 15.69 49.79
C LEU F 85 27.42 15.12 50.61
N GLN F 86 27.32 15.57 51.85
CA GLN F 86 26.24 15.17 52.75
C GLN F 86 25.16 16.24 52.77
N LEU F 87 23.92 15.80 52.94
CA LEU F 87 22.78 16.71 52.94
C LEU F 87 22.44 17.23 54.34
N ASN F 88 22.20 16.32 55.28
CA ASN F 88 21.78 16.73 56.61
C ASN F 88 22.89 17.44 57.37
N THR F 89 24.09 16.88 57.37
CA THR F 89 25.20 17.44 58.13
C THR F 89 26.08 18.36 57.30
N ASN F 90 25.95 18.35 55.97
CA ASN F 90 26.66 19.26 55.07
C ASN F 90 28.17 19.05 55.11
N GLU F 91 28.65 18.06 55.88
CA GLU F 91 30.06 17.74 55.87
C GLU F 91 30.42 17.09 54.55
N ARG F 92 31.55 17.50 53.97
CA ARG F 92 31.85 17.16 52.58
C ARG F 92 33.35 17.08 52.40
N LEU F 93 33.78 16.16 51.54
CA LEU F 93 35.19 15.87 51.31
C LEU F 93 35.41 15.58 49.84
N CYS F 94 36.64 15.83 49.38
CA CYS F 94 37.02 15.63 47.99
C CYS F 94 38.31 14.84 47.88
N VAL F 95 38.47 14.20 46.72
CA VAL F 95 39.69 13.49 46.36
C VAL F 95 40.03 13.84 44.93
N ARG F 96 41.30 14.10 44.67
CA ARG F 96 41.76 14.53 43.36
C ARG F 96 42.39 13.39 42.58
N PHE F 97 42.56 13.62 41.28
CA PHE F 97 43.12 12.65 40.33
C PHE F 97 44.03 13.37 39.36
N GLU F 98 44.62 12.61 38.45
CA GLU F 98 45.54 13.12 37.44
C GLU F 98 45.90 12.00 36.49
N PHE F 99 46.16 12.35 35.23
CA PHE F 99 46.70 11.43 34.23
C PHE F 99 48.05 11.96 33.78
N LEU F 100 49.12 11.26 34.16
CA LEU F 100 50.46 11.79 33.96
C LEU F 100 50.80 11.93 32.48
N SER F 101 50.41 10.96 31.67
CA SER F 101 50.75 10.94 30.25
C SER F 101 49.50 11.09 29.40
N LYS F 102 49.71 11.46 28.14
CA LYS F 102 48.60 11.65 27.21
C LYS F 102 48.10 10.30 26.73
N LEU F 103 46.79 10.10 26.79
CA LEU F 103 46.17 8.85 26.40
C LEU F 103 45.64 8.95 24.98
N ARG F 104 45.97 7.96 24.16
CA ARG F 104 45.50 7.89 22.77
C ARG F 104 44.47 6.78 22.66
N HIS F 105 43.34 7.09 22.04
CA HIS F 105 42.26 6.12 21.90
C HIS F 105 42.70 5.03 20.95
N HIS F 106 43.10 3.89 21.51
CA HIS F 106 43.51 2.72 20.73
C HIS F 106 42.39 1.70 20.60
N HIS F 107 41.80 1.29 21.71
CA HIS F 107 40.62 0.45 21.74
C HIS F 107 39.49 1.21 22.43
N ARG F 108 38.27 0.72 22.25
CA ARG F 108 37.08 1.55 22.39
C ARG F 108 36.54 1.67 23.81
N ARG F 109 37.11 0.98 24.79
CA ARG F 109 36.52 0.95 26.13
C ARG F 109 37.48 1.51 27.16
N TRP F 110 36.96 2.35 28.07
CA TRP F 110 37.72 2.82 29.22
C TRP F 110 36.79 2.95 30.41
N ARG F 111 37.25 2.50 31.57
CA ARG F 111 36.48 2.58 32.81
C ARG F 111 37.35 3.09 33.94
N PHE F 112 36.73 3.77 34.89
CA PHE F 112 37.37 4.21 36.12
C PHE F 112 36.51 3.78 37.30
N THR F 113 37.11 3.14 38.30
CA THR F 113 36.39 2.58 39.43
C THR F 113 37.05 2.99 40.74
N PHE F 114 36.25 3.09 41.79
CA PHE F 114 36.77 3.40 43.13
C PHE F 114 35.76 3.15 44.23
N SER F 115 36.16 2.43 45.29
CA SER F 115 35.27 2.18 46.42
C SER F 115 36.03 2.21 47.75
N HIS F 116 36.94 3.15 47.94
CA HIS F 116 37.73 3.21 49.17
C HIS F 116 37.21 4.26 50.15
N PHE F 117 35.90 4.48 50.18
CA PHE F 117 35.27 5.41 51.11
C PHE F 117 34.09 4.73 51.78
N VAL F 118 33.95 4.93 53.10
CA VAL F 118 32.87 4.34 53.86
C VAL F 118 31.71 5.32 53.93
N VAL F 119 30.52 4.83 53.68
CA VAL F 119 29.31 5.64 53.74
C VAL F 119 28.61 5.37 55.06
N ASP F 120 27.81 6.34 55.52
CA ASP F 120 27.09 6.07 56.75
C ASP F 120 25.70 5.49 56.46
N PRO F 121 25.20 4.59 57.28
CA PRO F 121 23.92 3.95 56.96
C PRO F 121 22.76 4.94 56.97
N ASP F 122 21.79 4.67 56.09
CA ASP F 122 20.55 5.45 56.01
C ASP F 122 20.82 6.94 55.81
N GLN F 123 21.80 7.25 54.95
CA GLN F 123 22.14 8.62 54.64
C GLN F 123 22.12 8.82 53.13
N GLU F 124 21.92 10.07 52.71
CA GLU F 124 21.92 10.42 51.30
C GLU F 124 23.29 10.95 50.91
N TYR F 125 23.83 10.37 49.84
CA TYR F 125 25.20 10.73 49.39
C TYR F 125 25.18 11.23 47.95
N GLU F 126 25.88 12.33 47.72
CA GLU F 126 25.98 12.91 46.39
C GLU F 126 27.42 12.79 45.91
N VAL F 127 27.59 12.27 44.70
CA VAL F 127 28.90 12.07 44.10
C VAL F 127 28.93 12.86 42.80
N THR F 128 29.98 13.67 42.64
CA THR F 128 30.15 14.50 41.46
C THR F 128 31.51 14.23 40.82
N VAL F 129 31.53 14.19 39.49
CA VAL F 129 32.73 13.91 38.73
C VAL F 129 33.00 15.10 37.82
N HIS F 130 34.22 15.64 37.90
CA HIS F 130 34.61 16.80 37.12
C HIS F 130 35.84 16.46 36.29
N HIS F 131 35.99 17.16 35.18
CA HIS F 131 37.13 16.98 34.30
C HIS F 131 37.89 18.28 34.16
N LEU F 132 39.21 18.16 34.00
CA LEU F 132 40.04 19.35 33.88
C LEU F 132 40.56 19.47 32.45
N PRO F 133 40.65 20.71 31.89
CA PRO F 133 40.49 22.01 32.55
C PRO F 133 39.03 22.27 32.90
N LYS F 134 38.76 23.23 33.78
CA LYS F 134 37.40 23.62 34.07
C LYS F 134 36.83 24.42 32.91
N PRO F 135 35.50 24.45 32.78
CA PRO F 135 34.89 25.13 31.63
C PRO F 135 35.15 26.62 31.62
N ILE F 136 35.15 27.20 30.42
CA ILE F 136 35.22 28.64 30.24
C ILE F 136 33.90 29.25 30.71
N PRO F 137 33.85 30.54 31.05
CA PRO F 137 32.57 31.16 31.36
C PRO F 137 31.63 31.08 30.16
N ASP F 138 30.36 30.84 30.44
CA ASP F 138 29.34 30.65 29.41
C ASP F 138 29.73 29.51 28.47
N GLY F 139 29.86 28.31 29.04
CA GLY F 139 30.26 27.15 28.29
C GLY F 139 29.43 25.93 28.66
N ASP F 140 29.62 24.87 27.88
CA ASP F 140 28.86 23.64 28.10
C ASP F 140 29.37 22.93 29.34
N PRO F 141 28.48 22.55 30.27
CA PRO F 141 28.94 21.90 31.50
C PRO F 141 29.56 20.55 31.23
N ASN F 142 30.48 20.15 32.12
CA ASN F 142 31.20 18.88 32.00
C ASN F 142 31.24 18.15 33.33
N HIS F 143 30.09 18.08 34.02
CA HIS F 143 30.03 17.39 35.29
C HIS F 143 28.65 16.74 35.45
N GLN F 144 28.65 15.52 36.01
CA GLN F 144 27.43 14.77 36.26
C GLN F 144 27.45 14.22 37.67
N SER F 145 26.25 14.02 38.23
CA SER F 145 26.11 13.59 39.60
C SER F 145 24.93 12.64 39.72
N LYS F 146 24.79 12.06 40.91
CA LYS F 146 23.68 11.15 41.17
C LYS F 146 23.45 11.05 42.67
N ASN F 147 22.27 10.54 43.05
CA ASN F 147 21.88 10.31 44.42
C ASN F 147 21.95 8.82 44.75
N PHE F 148 22.35 8.53 45.98
CA PHE F 148 22.57 7.17 46.43
C PHE F 148 21.85 6.96 47.76
N LEU F 149 21.07 5.89 47.85
CA LEU F 149 20.28 5.57 49.03
C LEU F 149 20.90 4.38 49.77
N VAL F 150 21.02 4.51 51.08
CA VAL F 150 21.62 3.49 51.93
C VAL F 150 20.51 2.86 52.77
N PRO F 151 20.37 1.54 52.78
CA PRO F 151 19.38 0.91 53.65
C PRO F 151 19.75 1.07 55.12
N ASP F 152 18.75 0.87 55.97
CA ASP F 152 18.91 1.01 57.40
C ASP F 152 19.44 -0.31 58.00
N CYS F 153 19.44 -0.40 59.33
CA CYS F 153 20.07 -1.53 60.00
C CYS F 153 19.34 -2.84 59.75
N GLU F 154 18.01 -2.79 59.64
CA GLU F 154 17.24 -4.02 59.57
C GLU F 154 17.40 -4.77 58.26
N HIS F 155 18.15 -4.23 57.30
CA HIS F 155 18.41 -4.96 56.07
C HIS F 155 19.27 -6.18 56.36
N ALA F 156 19.12 -7.20 55.51
CA ALA F 156 19.79 -8.48 55.76
C ALA F 156 21.30 -8.32 55.75
N ARG F 157 21.85 -7.71 54.70
CA ARG F 157 23.29 -7.50 54.65
C ARG F 157 23.73 -6.36 55.56
N MET F 158 22.90 -5.33 55.69
CA MET F 158 23.19 -4.23 56.61
C MET F 158 23.07 -4.64 58.07
N LYS F 159 22.51 -5.81 58.35
CA LYS F 159 22.42 -6.29 59.73
C LYS F 159 23.81 -6.52 60.31
N VAL F 160 24.67 -7.22 59.55
CA VAL F 160 25.96 -7.66 60.10
C VAL F 160 27.02 -6.58 60.11
N THR F 161 26.73 -5.39 59.59
CA THR F 161 27.72 -4.32 59.59
C THR F 161 28.05 -3.91 61.03
N THR F 162 29.33 -3.61 61.26
CA THR F 162 29.83 -3.28 62.59
C THR F 162 29.47 -1.86 63.06
N PRO F 163 29.45 -0.84 62.17
CA PRO F 163 28.88 0.44 62.61
C PRO F 163 27.44 0.31 63.07
N CYS F 164 26.68 -0.61 62.50
CA CYS F 164 25.36 -0.92 63.02
C CYS F 164 25.44 -1.78 64.29
N MET F 165 26.45 -2.65 64.39
CA MET F 165 26.71 -3.37 65.62
C MET F 165 26.81 -2.43 66.80
N SER F 166 27.49 -1.31 66.63
CA SER F 166 27.39 -0.24 67.61
C SER F 166 25.95 0.22 67.69
N SER F 167 25.34 0.08 68.87
CA SER F 167 23.89 0.19 69.03
C SER F 167 23.18 -0.80 68.12
N GLY F 168 23.56 -2.05 68.27
CA GLY F 168 23.20 -3.11 67.35
C GLY F 168 21.73 -3.38 67.14
N SER F 169 21.30 -3.40 65.88
CA SER F 169 20.03 -4.02 65.54
C SER F 169 20.11 -5.53 65.75
N LEU F 170 21.33 -6.08 65.69
CA LEU F 170 21.56 -7.48 66.03
C LEU F 170 21.28 -7.76 67.50
N TRP F 171 21.27 -6.72 68.33
CA TRP F 171 20.84 -6.90 69.72
C TRP F 171 19.33 -7.11 69.73
N ASP F 172 18.91 -8.36 69.69
CA ASP F 172 17.49 -8.69 69.69
C ASP F 172 17.05 -9.07 71.10
N PRO F 173 16.15 -8.31 71.76
CA PRO F 173 15.78 -8.61 73.15
C PRO F 173 14.59 -9.58 73.25
N ASN F 174 14.83 -10.78 73.78
CA ASN F 174 13.74 -11.72 73.97
C ASN F 174 12.76 -11.12 74.97
N ILE F 175 11.62 -10.64 74.49
CA ILE F 175 10.64 -9.96 75.33
C ILE F 175 9.66 -11.00 75.85
N THR F 176 9.57 -11.11 77.17
CA THR F 176 8.65 -12.04 77.83
C THR F 176 7.71 -11.24 78.71
N VAL F 177 6.51 -10.98 78.21
CA VAL F 177 5.48 -10.25 78.94
C VAL F 177 4.49 -11.28 79.48
N GLU F 178 4.52 -11.49 80.79
CA GLU F 178 3.65 -12.46 81.45
C GLU F 178 2.54 -11.73 82.18
N THR F 179 1.31 -12.20 82.00
CA THR F 179 0.17 -11.58 82.68
C THR F 179 0.31 -11.69 84.19
N LEU F 180 0.72 -12.86 84.67
CA LEU F 180 0.94 -13.04 86.12
C LEU F 180 -0.36 -12.69 86.86
N GLU F 181 -0.25 -12.03 88.01
CA GLU F 181 -1.43 -11.66 88.77
C GLU F 181 -2.18 -10.52 88.09
N ALA F 182 -3.41 -10.29 88.55
CA ALA F 182 -4.21 -9.18 88.07
C ALA F 182 -3.56 -7.85 88.47
N HIS F 183 -3.66 -6.86 87.58
CA HIS F 183 -3.13 -5.52 87.82
C HIS F 183 -1.62 -5.54 88.06
N GLN F 184 -0.92 -6.48 87.43
CA GLN F 184 0.53 -6.57 87.55
C GLN F 184 1.07 -7.22 86.28
N LEU F 185 2.19 -6.70 85.79
CA LEU F 185 2.84 -7.24 84.60
C LEU F 185 4.34 -7.38 84.86
N ARG F 186 4.89 -8.52 84.48
CA ARG F 186 6.31 -8.81 84.60
C ARG F 186 6.90 -8.97 83.21
N VAL F 187 7.98 -8.23 82.93
CA VAL F 187 8.64 -8.26 81.63
C VAL F 187 10.13 -8.51 81.84
N SER F 188 10.70 -9.42 81.06
CA SER F 188 12.11 -9.76 81.14
C SER F 188 12.70 -9.80 79.74
N PHE F 189 13.90 -9.23 79.60
CA PHE F 189 14.56 -9.19 78.30
C PHE F 189 16.06 -9.12 78.53
N THR F 190 16.81 -9.45 77.49
CA THR F 190 18.28 -9.37 77.52
C THR F 190 18.73 -7.99 77.05
N LEU F 191 19.94 -7.61 77.46
CA LEU F 191 20.54 -6.32 77.13
C LEU F 191 21.87 -6.53 76.42
N TRP F 192 22.45 -5.44 75.94
CA TRP F 192 23.64 -5.49 75.11
C TRP F 192 24.91 -5.25 75.94
N ASN F 193 26.02 -5.06 75.24
CA ASN F 193 27.36 -5.09 75.82
C ASN F 193 27.89 -3.71 76.21
N GLU F 194 27.00 -2.76 76.51
CA GLU F 194 27.44 -1.42 76.89
C GLU F 194 26.79 -1.00 78.20
N SER F 195 27.54 -0.23 79.00
CA SER F 195 27.05 0.31 80.26
C SER F 195 26.23 1.57 79.97
N THR F 196 25.05 1.33 79.39
CA THR F 196 24.12 2.40 79.03
C THR F 196 22.76 2.09 79.62
N HIS F 197 22.12 3.11 80.19
CA HIS F 197 20.85 2.90 80.89
C HIS F 197 19.71 2.66 79.90
N TYR F 198 18.69 1.96 80.37
CA TYR F 198 17.50 1.65 79.59
C TYR F 198 16.27 2.14 80.35
N GLN F 199 15.31 2.66 79.58
CA GLN F 199 14.08 3.22 80.17
C GLN F 199 12.87 2.46 79.63
N ILE F 200 12.06 1.92 80.54
CA ILE F 200 10.86 1.18 80.17
C ILE F 200 9.68 2.14 80.16
N LEU F 201 8.95 2.17 79.04
CA LEU F 201 7.77 3.00 78.89
C LEU F 201 6.55 2.09 78.75
N LEU F 202 5.79 1.94 79.83
CA LEU F 202 4.60 1.10 79.83
C LEU F 202 3.37 1.99 79.75
N THR F 203 2.62 1.87 78.65
CA THR F 203 1.42 2.66 78.42
C THR F 203 0.24 1.72 78.21
N SER F 204 -0.88 2.04 78.85
CA SER F 204 -2.08 1.22 78.79
C SER F 204 -3.19 1.98 78.07
N PHE F 205 -3.80 1.37 77.06
CA PHE F 205 -4.87 1.97 76.30
C PHE F 205 -6.13 1.13 76.41
N PRO F 206 -7.31 1.76 76.33
CA PRO F 206 -8.54 0.98 76.19
C PRO F 206 -8.59 0.31 74.83
N HIS F 207 -9.31 -0.81 74.78
CA HIS F 207 -9.45 -1.51 73.51
C HIS F 207 -10.22 -0.66 72.51
N MET F 208 -9.80 -0.73 71.25
CA MET F 208 -10.36 0.08 70.15
C MET F 208 -10.26 1.58 70.45
N GLU F 209 -9.15 2.01 71.06
CA GLU F 209 -8.93 3.43 71.33
C GLU F 209 -7.44 3.67 71.52
N ASN F 210 -7.00 4.87 71.13
CA ASN F 210 -5.59 5.25 71.22
C ASN F 210 -5.27 6.09 72.44
N HIS F 211 -6.27 6.50 73.23
CA HIS F 211 -6.00 7.24 74.45
C HIS F 211 -5.38 6.31 75.49
N SER F 212 -4.74 6.91 76.48
CA SER F 212 -4.00 6.17 77.50
C SER F 212 -4.63 6.39 78.87
N CYS F 213 -5.00 5.30 79.54
CA CYS F 213 -5.50 5.40 80.90
C CYS F 213 -4.35 5.63 81.89
N PHE F 214 -3.24 4.92 81.71
CA PHE F 214 -2.17 4.92 82.69
C PHE F 214 -0.84 4.70 81.97
N GLU F 215 0.11 5.60 82.23
CA GLU F 215 1.43 5.55 81.61
C GLU F 215 2.48 5.62 82.70
N HIS F 216 3.45 4.71 82.66
CA HIS F 216 4.49 4.61 83.68
C HIS F 216 5.85 4.48 83.02
N MET F 217 6.87 5.04 83.66
CA MET F 217 8.24 4.97 83.19
C MET F 217 9.12 4.37 84.28
N HIS F 218 9.99 3.43 83.89
CA HIS F 218 10.91 2.78 84.81
C HIS F 218 12.33 3.02 84.37
N HIS F 219 13.20 3.35 85.32
CA HIS F 219 14.61 3.60 85.04
C HIS F 219 15.43 2.37 85.39
N ILE F 220 16.21 1.89 84.44
CA ILE F 220 17.15 0.78 84.64
C ILE F 220 18.55 1.39 84.68
N PRO F 221 19.28 1.24 85.79
CA PRO F 221 20.58 1.94 85.93
C PRO F 221 21.60 1.42 84.93
N ALA F 222 22.76 2.05 84.96
CA ALA F 222 23.85 1.71 84.06
C ALA F 222 24.34 0.30 84.36
N PRO F 223 24.33 -0.61 83.39
CA PRO F 223 24.73 -2.00 83.66
C PRO F 223 26.23 -2.11 83.92
N ARG F 224 26.58 -3.06 84.78
CA ARG F 224 27.98 -3.40 85.00
C ARG F 224 28.46 -4.38 83.94
N PRO F 225 29.77 -4.42 83.68
CA PRO F 225 30.28 -5.36 82.66
C PRO F 225 29.94 -6.81 82.93
N GLU F 226 29.86 -7.22 84.21
CA GLU F 226 29.51 -8.60 84.53
C GLU F 226 28.07 -8.94 84.18
N GLU F 227 27.20 -7.94 84.07
CA GLU F 227 25.79 -8.15 83.78
C GLU F 227 25.48 -8.14 82.29
N PHE F 228 26.49 -8.04 81.44
CA PHE F 228 26.26 -7.96 79.99
C PHE F 228 25.68 -9.26 79.47
N HIS F 229 24.73 -9.13 78.53
CA HIS F 229 24.07 -10.27 77.90
C HIS F 229 23.37 -11.18 78.91
N GLN F 230 22.75 -10.59 79.94
CA GLN F 230 21.99 -11.32 80.94
C GLN F 230 20.60 -10.70 81.05
N ARG F 231 19.58 -11.55 81.08
CA ARG F 231 18.20 -11.05 81.10
C ARG F 231 17.94 -10.20 82.34
N SER F 232 17.35 -9.03 82.14
CA SER F 232 16.98 -8.13 83.21
C SER F 232 15.48 -8.22 83.46
N ASN F 233 15.09 -8.34 84.72
CA ASN F 233 13.71 -8.58 85.11
C ASN F 233 13.16 -7.36 85.84
N VAL F 234 12.04 -6.84 85.36
CA VAL F 234 11.35 -5.72 85.98
C VAL F 234 9.86 -6.05 86.04
N THR F 235 9.25 -5.88 87.22
CA THR F 235 7.83 -6.09 87.40
C THR F 235 7.15 -4.77 87.73
N LEU F 236 5.98 -4.55 87.14
CA LEU F 236 5.24 -3.30 87.30
C LEU F 236 3.79 -3.59 87.64
N THR F 237 3.22 -2.79 88.53
CA THR F 237 1.82 -2.92 88.92
C THR F 237 0.94 -2.14 87.93
N LEU F 238 -0.06 -2.81 87.38
CA LEU F 238 -0.93 -2.21 86.38
C LEU F 238 -2.12 -1.52 87.04
N ARG F 239 -2.76 -0.65 86.28
CA ARG F 239 -3.90 0.10 86.77
C ARG F 239 -5.10 -0.83 86.98
N ASN F 240 -5.82 -0.61 88.08
CA ASN F 240 -7.01 -1.40 88.40
C ASN F 240 -8.22 -0.75 87.74
N LEU F 241 -8.35 -1.01 86.44
CA LEU F 241 -9.45 -0.46 85.65
C LEU F 241 -9.98 -1.54 84.72
N LYS F 242 -11.27 -1.43 84.39
CA LYS F 242 -11.93 -2.37 83.50
C LYS F 242 -12.04 -1.78 82.10
N GLY F 243 -11.66 -2.58 81.10
CA GLY F 243 -11.69 -2.16 79.72
C GLY F 243 -10.37 -1.61 79.20
N CYS F 244 -9.46 -1.23 80.09
CA CYS F 244 -8.13 -0.76 79.69
C CYS F 244 -7.13 -1.91 79.71
N CYS F 245 -7.48 -2.96 78.95
CA CYS F 245 -6.68 -4.18 78.91
C CYS F 245 -5.49 -4.09 77.97
N ARG F 246 -5.54 -3.24 76.95
CA ARG F 246 -4.44 -3.14 75.99
C ARG F 246 -3.27 -2.38 76.63
N HIS F 247 -2.10 -3.03 76.66
CA HIS F 247 -0.90 -2.45 77.25
C HIS F 247 0.21 -2.42 76.22
N GLN F 248 0.88 -1.28 76.10
CA GLN F 248 2.05 -1.13 75.23
C GLN F 248 3.27 -0.86 76.09
N VAL F 249 4.30 -1.68 75.92
CA VAL F 249 5.57 -1.53 76.64
C VAL F 249 6.68 -1.44 75.61
N GLN F 250 7.53 -0.41 75.72
CA GLN F 250 8.61 -0.18 74.79
C GLN F 250 9.91 0.08 75.55
N ILE F 251 11.01 -0.35 74.94
CA ILE F 251 12.34 -0.22 75.52
C ILE F 251 13.25 0.48 74.52
N GLN F 252 14.02 1.44 75.00
CA GLN F 252 14.99 2.16 74.17
C GLN F 252 16.26 2.37 74.97
N PRO F 253 17.41 2.23 74.33
CA PRO F 253 18.69 2.47 75.01
C PRO F 253 19.13 3.92 74.88
N PHE F 254 20.25 4.22 75.54
CA PHE F 254 20.95 5.49 75.44
C PHE F 254 22.40 5.26 75.07
N PHE F 255 22.61 4.43 74.04
CA PHE F 255 23.93 3.98 73.66
C PHE F 255 24.83 5.14 73.27
N SER F 256 26.13 4.83 73.13
CA SER F 256 27.09 5.86 72.74
C SER F 256 26.74 6.45 71.38
N SER F 257 26.31 5.60 70.44
CA SER F 257 25.79 6.06 69.18
C SER F 257 24.27 6.23 69.28
N CYS F 258 23.72 7.06 68.39
CA CYS F 258 22.29 7.36 68.31
C CYS F 258 21.66 7.66 69.68
N LEU F 259 22.46 8.24 70.59
CA LEU F 259 21.96 8.51 71.93
C LEU F 259 20.70 9.38 71.88
N ASN F 260 19.68 8.96 72.64
CA ASN F 260 18.37 9.62 72.68
C ASN F 260 17.65 9.46 71.35
N ASP F 261 18.24 8.73 70.41
CA ASP F 261 17.66 8.57 69.07
C ASP F 261 17.65 7.14 68.57
N CYS F 262 18.21 6.18 69.31
CA CYS F 262 18.19 4.79 68.88
C CYS F 262 16.75 4.26 68.87
N LEU F 263 16.52 3.26 68.03
CA LEU F 263 15.19 2.73 67.84
C LEU F 263 14.69 2.02 69.10
N ARG F 264 13.37 1.84 69.17
CA ARG F 264 12.71 1.24 70.32
C ARG F 264 11.99 -0.02 69.90
N HIS F 265 11.88 -0.96 70.84
CA HIS F 265 11.15 -2.22 70.65
C HIS F 265 9.91 -2.19 71.50
N SER F 266 8.74 -2.13 70.86
CA SER F 266 7.46 -2.04 71.55
C SER F 266 6.69 -3.33 71.38
N ALA F 267 6.21 -3.88 72.50
CA ALA F 267 5.41 -5.10 72.50
C ALA F 267 4.00 -4.79 72.99
N THR F 268 3.02 -5.33 72.29
CA THR F 268 1.61 -5.08 72.58
C THR F 268 0.97 -6.33 73.18
N VAL F 269 0.27 -6.16 74.29
CA VAL F 269 -0.46 -7.24 74.95
C VAL F 269 -1.94 -6.85 74.95
N SER F 270 -2.78 -7.70 74.36
CA SER F 270 -4.20 -7.44 74.23
C SER F 270 -5.00 -8.56 74.86
N CYS F 271 -6.12 -8.20 75.49
CA CYS F 271 -6.99 -9.17 76.13
C CYS F 271 -8.42 -9.06 75.60
C1 NAG G . -25.97 -19.72 31.81
C2 NAG G . -27.16 -20.64 32.00
C3 NAG G . -27.87 -20.32 33.30
C4 NAG G . -26.89 -20.34 34.47
C5 NAG G . -25.66 -19.49 34.16
C6 NAG G . -24.57 -19.62 35.20
C7 NAG G . -28.69 -19.47 30.44
C8 NAG G . -29.59 -19.63 29.25
N2 NAG G . -28.08 -20.59 30.87
O3 NAG G . -28.92 -21.26 33.52
O4 NAG G . -27.51 -19.81 35.63
O5 NAG G . -25.07 -19.88 32.90
O6 NAG G . -23.28 -19.40 34.62
O7 NAG G . -28.53 -18.38 30.99
C1 NAG G . -27.88 -20.88 36.54
C2 NAG G . -28.32 -20.25 37.87
C3 NAG G . -28.77 -21.33 38.84
C4 NAG G . -29.82 -22.24 38.19
C5 NAG G . -29.29 -22.78 36.87
C6 NAG G . -30.31 -23.60 36.12
C7 NAG G . -26.09 -19.86 38.83
C8 NAG G . -25.17 -18.83 39.42
N2 NAG G . -27.29 -19.41 38.46
O3 NAG G . -29.31 -20.72 40.01
O4 NAG G . -30.14 -23.32 39.06
O5 NAG G . -28.92 -21.69 36.01
O6 NAG G . -31.37 -24.02 36.97
O7 NAG G . -25.75 -21.03 38.72
C1 NAG H . -24.17 -25.80 24.33
C2 NAG H . -24.64 -27.18 23.90
C3 NAG H . -25.96 -27.53 24.58
C4 NAG H . -25.82 -27.39 26.10
C5 NAG H . -25.27 -26.01 26.45
C6 NAG H . -24.95 -25.86 27.91
C7 NAG H . -23.72 -27.57 21.66
C8 NAG H . -24.03 -27.62 20.19
N2 NAG H . -24.76 -27.27 22.46
O3 NAG H . -26.32 -28.86 24.24
O4 NAG H . -27.09 -27.53 26.72
O5 NAG H . -24.05 -25.75 25.74
O6 NAG H . -23.80 -26.63 28.27
O7 NAG H . -22.60 -27.78 22.10
C1 NAG H . -27.27 -28.87 27.23
C2 NAG H . -27.59 -28.81 28.74
C3 NAG H . -27.90 -30.20 29.26
C4 NAG H . -28.96 -30.88 28.41
C5 NAG H . -28.56 -30.87 26.95
C6 NAG H . -29.61 -31.43 26.04
C7 NAG H . -26.66 -27.62 30.67
C8 NAG H . -25.43 -27.06 31.30
N2 NAG H . -26.50 -28.21 29.48
O3 NAG H . -28.34 -30.11 30.61
O4 NAG H . -29.15 -32.23 28.85
O5 NAG H . -28.32 -29.52 26.53
O6 NAG H . -29.03 -31.93 24.83
O7 NAG H . -27.75 -27.55 31.21
C1 NAG I . -34.15 28.59 -9.20
C2 NAG I . -34.83 29.89 -8.72
C3 NAG I . -36.24 30.02 -9.29
C4 NAG I . -36.22 29.86 -10.80
C5 NAG I . -35.48 28.58 -11.20
C6 NAG I . -35.30 28.45 -12.69
C7 NAG I . -35.34 29.33 -6.30
C8 NAG I . -36.15 28.12 -6.72
N2 NAG I . -34.79 30.07 -7.27
O3 NAG I . -36.77 31.29 -8.94
O4 NAG I . -37.55 29.79 -11.29
O5 NAG I . -34.17 28.55 -10.63
O6 NAG I . -34.02 27.94 -13.02
O7 NAG I . -35.22 29.63 -5.12
C1 NAG I . -37.87 31.00 -12.01
C2 NAG I . -38.75 30.65 -13.20
C3 NAG I . -39.17 31.92 -13.94
C4 NAG I . -39.81 32.91 -12.97
C5 NAG I . -38.88 33.17 -11.79
C6 NAG I . -39.49 34.05 -10.73
C7 NAG I . -38.71 28.87 -14.89
C8 NAG I . -37.85 28.00 -15.76
N2 NAG I . -38.07 29.74 -14.10
O3 NAG I . -40.08 31.60 -14.97
O4 NAG I . -40.07 34.14 -13.63
O5 NAG I . -38.56 31.92 -11.15
O6 NAG I . -38.70 34.09 -9.55
O7 NAG I . -39.94 28.78 -14.90
C1 NAG J . -26.06 33.99 -4.99
C2 NAG J . -25.66 35.38 -4.53
C3 NAG J . -26.91 36.19 -4.15
C4 NAG J . -27.91 36.19 -5.30
C5 NAG J . -28.21 34.75 -5.74
C6 NAG J . -29.07 34.68 -6.98
C7 NAG J . -24.97 34.79 -2.23
C8 NAG J . -23.85 34.85 -1.24
N2 NAG J . -24.72 35.34 -3.43
O3 NAG J . -26.51 37.52 -3.84
O4 NAG J . -29.15 36.76 -4.87
O5 NAG J . -26.98 34.08 -6.07
O6 NAG J . -28.28 34.42 -8.13
O7 NAG J . -26.06 34.27 -1.96
C1 NAG J . -29.20 38.17 -5.20
C2 NAG J . -30.44 38.44 -6.05
C3 NAG J . -30.58 39.94 -6.30
C4 NAG J . -30.57 40.71 -4.99
C5 NAG J . -29.33 40.34 -4.19
C6 NAG J . -29.30 40.97 -2.82
C7 NAG J . -31.37 37.03 -7.84
C8 NAG J . -32.63 37.01 -7.04
N2 NAG J . -30.35 37.73 -7.32
O3 NAG J . -31.79 40.19 -7.01
O4 NAG J . -30.58 42.11 -5.23
O5 NAG J . -29.29 38.92 -3.99
O6 NAG J . -28.70 40.11 -1.86
O7 NAG J . -31.27 36.43 -8.90
C1 NAG K . 9.94 7.38 -6.84
C2 NAG K . 11.27 8.14 -6.87
C3 NAG K . 11.03 9.62 -7.07
C4 NAG K . 10.18 9.87 -8.31
C5 NAG K . 8.89 9.04 -8.22
C6 NAG K . 8.04 9.15 -9.47
C7 NAG K . 11.65 8.20 -4.42
C8 NAG K . 12.61 7.86 -3.32
N2 NAG K . 12.04 7.88 -5.67
O3 NAG K . 12.28 10.29 -7.21
O4 NAG K . 9.85 11.24 -8.42
O5 NAG K . 9.21 7.66 -8.05
O6 NAG K . 7.16 10.26 -9.41
O7 NAG K . 10.57 8.74 -4.20
C1 NAG L . 9.41 -10.42 -0.26
C2 NAG L . 10.38 -11.47 -0.82
C3 NAG L . 9.96 -12.87 -0.40
C4 NAG L . 9.81 -12.93 1.12
C5 NAG L . 8.87 -11.84 1.60
C6 NAG L . 8.74 -11.79 3.10
C7 NAG L . 9.49 -11.61 -3.14
C8 NAG L . 9.83 -11.45 -4.58
N2 NAG L . 10.49 -11.37 -2.28
O3 NAG L . 10.95 -13.81 -0.82
O4 NAG L . 9.30 -14.21 1.51
O5 NAG L . 9.33 -10.55 1.17
O6 NAG L . 8.59 -13.08 3.66
O7 NAG L . 8.36 -11.92 -2.76
C1 NAG M . -9.13 -14.09 -14.92
C2 NAG M . -8.89 -13.32 -16.20
C3 NAG M . -10.22 -12.98 -16.85
C4 NAG M . -11.07 -14.21 -17.06
C5 NAG M . -11.30 -14.87 -15.71
C6 NAG M . -12.07 -16.17 -15.81
C7 NAG M . -7.02 -11.81 -16.57
C8 NAG M . -6.36 -10.52 -16.16
N2 NAG M . -8.14 -12.13 -15.91
O3 NAG M . -9.92 -12.38 -18.11
O4 NAG M . -12.32 -13.86 -17.64
O5 NAG M . -10.03 -15.21 -15.16
O6 NAG M . -13.14 -16.07 -16.74
O7 NAG M . -6.58 -12.52 -17.44
C1 NAG N . -2.36 -33.50 -13.52
C2 NAG N . -2.19 -34.94 -13.00
C3 NAG N . -2.37 -35.95 -14.12
C4 NAG N . -3.70 -35.73 -14.83
C5 NAG N . -3.80 -34.28 -15.31
C6 NAG N . -5.14 -33.96 -15.91
C7 NAG N . 0.28 -35.05 -12.97
C8 NAG N . 1.49 -35.30 -12.13
N2 NAG N . -0.90 -35.13 -12.34
O3 NAG N . -2.32 -37.26 -13.57
O4 NAG N . -3.79 -36.59 -15.96
O5 NAG N . -3.63 -33.40 -14.19
O6 NAG N . -5.94 -33.20 -15.02
O7 NAG N . 0.37 -34.79 -14.17
C1 NAG O . 18.49 -26.96 -18.34
C2 NAG O . 18.39 -27.09 -16.82
C3 NAG O . 19.24 -26.02 -16.15
C4 NAG O . 20.68 -26.12 -16.65
C5 NAG O . 20.71 -26.04 -18.17
C6 NAG O . 22.09 -26.26 -18.75
C7 NAG O . 16.49 -27.80 -15.44
C8 NAG O . 17.41 -28.85 -14.87
N2 NAG O . 17.01 -27.00 -16.36
O3 NAG O . 19.21 -26.18 -14.74
O4 NAG O . 21.45 -25.04 -16.11
O5 NAG O . 19.86 -27.05 -18.74
O6 NAG O . 22.79 -27.26 -18.02
O7 NAG O . 15.32 -27.71 -15.07
C1 NAG P . 31.87 18.74 -0.40
C2 NAG P . 31.55 19.27 -1.81
C3 NAG P . 31.67 18.15 -2.84
C4 NAG P . 33.05 17.51 -2.75
C5 NAG P . 33.27 17.00 -1.33
C6 NAG P . 34.65 16.40 -1.13
C7 NAG P . 29.93 21.00 -2.48
C8 NAG P . 31.08 21.70 -3.12
N2 NAG P . 30.21 19.85 -1.86
O3 NAG P . 31.48 18.69 -4.15
O4 NAG P . 33.14 16.42 -3.66
O5 NAG P . 33.15 18.09 -0.41
O6 NAG P . 35.61 17.04 -1.95
O7 NAG P . 28.79 21.46 -2.50
C1 NAG Q . 7.01 14.52 16.12
C2 NAG Q . 7.68 13.40 16.89
C3 NAG Q . 7.15 13.33 18.31
C4 NAG Q . 7.26 14.69 18.99
C5 NAG Q . 6.60 15.77 18.12
C6 NAG Q . 6.78 17.16 18.67
C7 NAG Q . 8.49 11.26 15.98
C8 NAG Q . 8.11 9.99 15.28
N2 NAG Q . 7.49 12.12 16.22
O3 NAG Q . 7.87 12.36 19.06
O4 NAG Q . 6.61 14.67 20.26
O5 NAG Q . 7.18 15.76 16.82
O6 NAG Q . 6.13 17.32 19.93
O7 NAG Q . 9.65 11.49 16.32
C1 NAG R . 16.20 31.22 8.41
C2 NAG R . 16.39 32.62 7.80
C3 NAG R . 17.31 33.46 8.68
C4 NAG R . 16.79 33.50 10.11
C5 NAG R . 16.60 32.08 10.63
C6 NAG R . 15.96 32.06 12.00
C7 NAG R . 18.11 32.11 6.10
C8 NAG R . 18.44 32.15 4.65
N2 NAG R . 16.90 32.56 6.44
O3 NAG R . 17.38 34.78 8.15
O4 NAG R . 17.72 34.18 10.94
O5 NAG R . 15.74 31.35 9.76
O6 NAG R . 15.18 33.23 12.21
O7 NAG R . 18.90 31.67 6.93
C1 NAG S . -24.02 5.74 -74.63
C2 NAG S . -22.89 6.20 -73.67
C3 NAG S . -21.72 5.22 -73.68
C4 NAG S . -21.84 4.21 -74.81
C5 NAG S . -22.17 4.95 -76.09
C6 NAG S . -22.20 4.04 -77.30
C7 NAG S . -22.10 8.42 -73.00
C8 NAG S . -21.67 9.77 -73.46
N2 NAG S . -22.45 7.54 -73.96
O3 NAG S . -21.65 4.54 -72.43
O4 NAG S . -20.61 3.50 -74.97
O5 NAG S . -23.48 5.54 -75.99
O6 NAG S . -23.11 2.96 -77.13
O7 NAG S . -22.13 8.12 -71.81
C1 NAG T . -41.20 17.23 -75.68
C2 NAG T . -40.54 17.33 -77.05
C3 NAG T . -39.42 18.37 -77.01
C4 NAG T . -39.93 19.69 -76.48
C5 NAG T . -40.63 19.50 -75.14
C6 NAG T . -41.29 20.74 -74.62
C7 NAG T . -40.62 15.31 -78.43
C8 NAG T . -39.96 14.00 -78.75
N2 NAG T . -40.03 16.04 -77.49
O3 NAG T . -38.90 18.54 -78.33
O4 NAG T . -38.85 20.61 -76.30
O5 NAG T . -41.68 18.51 -75.27
O6 NAG T . -42.65 20.82 -75.02
O7 NAG T . -41.63 15.68 -79.01
C1 NAG U . 7.94 -38.60 -42.41
C2 NAG U . 6.68 -39.46 -42.26
C3 NAG U . 7.06 -40.92 -42.08
C4 NAG U . 7.99 -41.38 -43.19
C5 NAG U . 9.20 -40.45 -43.29
C6 NAG U . 10.10 -40.78 -44.45
C7 NAG U . 4.82 -38.18 -41.30
C8 NAG U . 4.09 -37.81 -40.05
N2 NAG U . 5.87 -39.00 -41.15
O3 NAG U . 5.89 -41.72 -42.07
O4 NAG U . 8.44 -42.71 -42.95
O5 NAG U . 8.75 -39.10 -43.48
O6 NAG U . 11.45 -40.94 -44.02
O7 NAG U . 4.47 -37.76 -42.40
C1 NAG V . 43.92 30.60 23.11
C2 NAG V . 43.51 31.84 23.91
C3 NAG V . 43.87 33.11 23.15
C4 NAG V . 45.36 33.10 22.79
C5 NAG V . 45.70 31.82 22.03
C6 NAG V . 47.19 31.69 21.75
C7 NAG V . 41.59 32.08 25.43
C8 NAG V . 42.59 32.38 26.50
N2 NAG V . 42.09 31.83 24.21
O3 NAG V . 43.57 34.25 23.94
O4 NAG V . 45.66 34.22 21.96
O5 NAG V . 45.32 30.67 22.80
O6 NAG V . 47.75 32.93 21.35
O7 NAG V . 40.39 32.06 25.66
C1 NAG W . 29.67 -6.95 72.62
C2 NAG W . 29.70 -7.70 71.27
C3 NAG W . 30.99 -7.42 70.50
C4 NAG W . 31.71 -6.21 71.07
C5 NAG W . 32.13 -6.52 72.51
C6 NAG W . 32.67 -5.31 73.24
C7 NAG W . 28.95 -9.92 70.55
C8 NAG W . 28.84 -11.37 70.92
N2 NAG W . 29.52 -9.13 71.47
O3 NAG W . 30.69 -7.20 69.13
O4 NAG W . 32.88 -5.91 70.30
O5 NAG W . 31.01 -6.99 73.27
O6 NAG W . 31.77 -4.21 73.18
O7 NAG W . 28.53 -9.48 69.48
C1 NAG X . 14.85 -13.35 85.51
C2 NAG X . 16.21 -13.66 86.14
C3 NAG X . 16.79 -14.92 85.51
C4 NAG X . 15.79 -16.07 85.63
C5 NAG X . 14.44 -15.66 85.05
C6 NAG X . 13.37 -16.71 85.28
C7 NAG X . 17.79 -11.99 87.00
C8 NAG X . 18.70 -10.85 86.66
N2 NAG X . 17.13 -12.54 85.98
O3 NAG X . 18.00 -15.26 86.19
O4 NAG X . 16.27 -17.20 84.91
O5 NAG X . 13.98 -14.46 85.68
O6 NAG X . 12.58 -16.40 86.41
O7 NAG X . 17.67 -12.41 88.15
#